data_8QTZ
#
_entry.id   8QTZ
#
_entity_poly.entity_id   1
_entity_poly.type   'polypeptide(L)'
_entity_poly.pdbx_seq_one_letter_code
;MASLIYRQLLTNSYTVDLSDEIQEIGSTKSQNVTINPGPFAQTGYAPVNWGPGEINDSTTVEPLLDGPYQPTTFNPPVDY
WMLLAPTTPGVIVEGTNNTDRWLATILIEPNVQSENRTYTIFGIQEQLTVSNTSQDQWKFIDVVKTTANGSIGQYGSLLS
SPKLYAVMKHNEKLYTYEGQTPNARTGHYSTTNYDSVNMTAFCDFYIIPRSEESKCTEYINNGLPPIQNTRNVVPLSLTA
RDVIHYRAQANEDIVISKTSLWKEMQYNRDITIRFKFANTIIKSGGLGYKWSEISFKPANYQYTYTRDGEEVTAHTTCSV
NGVNDFSFNGGSLPTDFVVSKFEVIKENSYVYIDYWDDSQAFRNVVYVRSLAANLNSVMCTGGSYNFSLPVGQWPVLTGG
AVSLHSAGVTLSTQFTDFVSLNSLRFRFRLAVEEPHFKLTRTRLDRLYGLPAADPNNGKEYYEIAGRFSLISLVPSNDDY
QTPIANSVTVRQDLERQLGELREEFNALSQEIAMSQLIDLALLPLDMFSMFSGIKSTIDAAKSMATNVMKKFKKSGLANS
VSTLTDSLSDAASSISRGSSIRSIGSSASAWTDVSTQITDISSSVSSVSTQTSTISRRLRLKEMATQTEGMNFDDISAAV
LKTKIDKSTQISPNTIPDIVTEASEKFIPNRAYRVINNDDVFEAGIDGKFFAYKVDTFEEIPFDVQKFADLVTDSPVISA
IIDFKTLKNLNDNYGITKQQAFNLLRSDPRVLREFINQDNPIIRNRIEQLIMQCRL
;
_entity_poly.pdbx_strand_id   X,Y,Z
#
# COMPACT_ATOMS: atom_id res chain seq x y z
N MET A 1 -11.16 9.10 54.58
CA MET A 1 -10.02 8.85 55.46
C MET A 1 -8.82 8.48 54.57
N ALA A 2 -7.61 8.53 55.13
CA ALA A 2 -6.43 8.22 54.35
C ALA A 2 -6.49 6.83 53.71
N SER A 3 -6.91 5.82 54.47
CA SER A 3 -7.11 4.50 53.88
C SER A 3 -8.25 4.52 52.88
N LEU A 4 -9.31 5.27 53.19
CA LEU A 4 -10.42 5.44 52.27
C LEU A 4 -9.98 6.20 51.02
N ILE A 5 -9.08 7.17 51.17
CA ILE A 5 -8.53 7.86 50.00
C ILE A 5 -7.69 6.89 49.18
N TYR A 6 -6.99 5.98 49.84
CA TYR A 6 -6.24 4.95 49.11
C TYR A 6 -7.16 4.06 48.30
N ARG A 7 -8.27 3.62 48.88
CA ARG A 7 -9.19 2.81 48.10
C ARG A 7 -9.79 3.63 46.97
N GLN A 8 -10.00 4.93 47.20
CA GLN A 8 -10.47 5.81 46.14
C GLN A 8 -9.47 5.88 44.99
N LEU A 9 -8.19 6.00 45.30
CA LEU A 9 -7.13 5.90 44.30
C LEU A 9 -7.17 4.57 43.56
N LEU A 10 -7.54 3.49 44.24
CA LEU A 10 -7.66 2.21 43.57
C LEU A 10 -8.88 2.15 42.65
N THR A 11 -9.95 2.88 42.99
CA THR A 11 -11.22 2.70 42.30
C THR A 11 -11.20 3.27 40.89
N ASN A 12 -10.69 4.48 40.71
CA ASN A 12 -10.99 5.26 39.51
C ASN A 12 -10.17 4.84 38.31
N SER A 13 -10.16 3.54 38.00
CA SER A 13 -9.35 3.00 36.92
C SER A 13 -9.96 3.23 35.54
N TYR A 14 -11.19 3.71 35.47
CA TYR A 14 -11.89 3.91 34.21
C TYR A 14 -11.35 5.09 33.41
N THR A 15 -10.21 5.66 33.81
CA THR A 15 -9.60 6.77 33.10
C THR A 15 -8.29 6.42 32.44
N VAL A 16 -7.61 5.36 32.88
CA VAL A 16 -6.37 4.94 32.26
C VAL A 16 -6.59 4.54 30.81
N ASP A 17 -7.69 3.85 30.52
CA ASP A 17 -8.01 3.49 29.15
C ASP A 17 -8.22 4.72 28.29
N LEU A 18 -8.95 5.71 28.80
CA LEU A 18 -9.12 6.95 28.05
C LEU A 18 -7.77 7.62 27.80
N SER A 19 -6.92 7.65 28.83
CA SER A 19 -5.62 8.29 28.71
C SER A 19 -4.76 7.62 27.64
N ASP A 20 -4.66 6.30 27.69
CA ASP A 20 -3.75 5.67 26.73
C ASP A 20 -4.36 5.56 25.32
N GLU A 21 -5.69 5.58 25.18
CA GLU A 21 -6.20 5.67 23.81
C GLU A 21 -6.01 7.08 23.27
N ILE A 22 -6.06 8.10 24.13
CA ILE A 22 -5.64 9.45 23.73
C ILE A 22 -4.19 9.44 23.28
N GLN A 23 -3.33 8.75 24.03
CA GLN A 23 -1.93 8.63 23.63
C GLN A 23 -1.81 7.95 22.27
N GLU A 24 -2.54 6.85 22.07
CA GLU A 24 -2.44 6.09 20.82
C GLU A 24 -2.96 6.89 19.63
N ILE A 25 -4.08 7.57 19.76
CA ILE A 25 -4.67 8.26 18.61
C ILE A 25 -3.78 9.41 18.16
N GLY A 26 -3.11 10.10 19.07
CA GLY A 26 -2.14 11.11 18.72
C GLY A 26 -0.74 10.58 18.53
N SER A 27 -0.55 9.27 18.61
CA SER A 27 0.78 8.67 18.51
C SER A 27 1.20 8.56 17.04
N THR A 28 2.25 7.79 16.80
CA THR A 28 2.82 7.64 15.47
C THR A 28 2.00 6.66 14.64
N LYS A 29 2.56 6.28 13.50
CA LYS A 29 1.88 5.43 12.53
C LYS A 29 1.64 4.02 13.08
N SER A 30 0.68 3.34 12.47
CA SER A 30 0.49 1.91 12.64
C SER A 30 1.11 1.18 11.45
N GLN A 31 1.10 -0.15 11.51
CA GLN A 31 1.82 -0.93 10.50
C GLN A 31 1.24 -2.34 10.49
N ASN A 32 1.51 -3.05 9.38
CA ASN A 32 1.08 -4.44 9.24
C ASN A 32 2.19 -5.22 8.55
N VAL A 33 2.81 -6.14 9.29
CA VAL A 33 3.89 -6.97 8.76
C VAL A 33 3.25 -8.03 7.88
N THR A 34 4.03 -8.68 7.02
CA THR A 34 3.47 -9.67 6.10
C THR A 34 4.02 -11.07 6.34
N ILE A 35 3.68 -12.01 5.45
CA ILE A 35 3.93 -13.43 5.66
C ILE A 35 5.09 -13.86 4.77
N ASN A 36 5.83 -14.89 5.20
CA ASN A 36 7.00 -15.38 4.51
C ASN A 36 6.98 -16.90 4.44
N PRO A 37 7.65 -17.48 3.43
CA PRO A 37 7.67 -18.95 3.29
C PRO A 37 8.65 -19.64 4.22
N GLY A 38 8.84 -20.95 4.01
CA GLY A 38 9.82 -21.72 4.74
C GLY A 38 10.99 -22.16 3.86
N PRO A 39 11.22 -23.47 3.78
CA PRO A 39 12.32 -23.99 2.97
C PRO A 39 12.05 -23.79 1.48
N PHE A 40 12.97 -24.26 0.65
CA PHE A 40 12.95 -23.95 -0.78
C PHE A 40 13.35 -25.20 -1.56
N ALA A 41 13.62 -25.02 -2.86
CA ALA A 41 13.78 -26.14 -3.77
C ALA A 41 15.19 -26.34 -4.30
N GLN A 42 16.01 -25.29 -4.37
CA GLN A 42 17.40 -25.39 -4.83
C GLN A 42 17.46 -25.93 -6.27
N THR A 43 16.93 -25.13 -7.18
CA THR A 43 16.89 -25.48 -8.60
C THR A 43 17.98 -24.74 -9.37
N GLY A 44 18.01 -24.96 -10.67
CA GLY A 44 18.99 -24.32 -11.51
C GLY A 44 18.68 -24.51 -12.98
N TYR A 45 19.74 -24.52 -13.78
CA TYR A 45 19.66 -24.71 -15.23
C TYR A 45 20.79 -25.64 -15.68
N ALA A 46 20.47 -26.92 -15.81
CA ALA A 46 21.46 -27.93 -16.12
C ALA A 46 21.86 -27.94 -17.60
N PRO A 47 20.92 -28.14 -18.55
CA PRO A 47 21.35 -28.39 -19.94
C PRO A 47 21.64 -27.12 -20.71
N VAL A 48 22.81 -26.55 -20.44
CA VAL A 48 23.29 -25.37 -21.14
C VAL A 48 24.62 -25.70 -21.81
N ASN A 49 24.71 -25.43 -23.11
CA ASN A 49 25.97 -25.64 -23.81
C ASN A 49 25.93 -24.81 -25.08
N TRP A 50 26.80 -23.81 -25.14
CA TRP A 50 26.98 -22.98 -26.32
C TRP A 50 27.65 -23.77 -27.47
N GLY A 51 27.53 -23.21 -28.68
CA GLY A 51 27.98 -23.85 -29.90
C GLY A 51 27.70 -22.98 -31.10
N PRO A 52 28.39 -23.23 -32.24
CA PRO A 52 28.24 -22.34 -33.41
C PRO A 52 26.87 -22.38 -34.08
N GLY A 53 26.08 -21.32 -33.92
CA GLY A 53 24.83 -21.21 -34.63
C GLY A 53 24.57 -19.87 -35.29
N GLU A 54 24.58 -19.88 -36.63
CA GLU A 54 24.13 -18.79 -37.49
C GLU A 54 24.33 -19.18 -38.95
N ILE A 55 23.53 -18.60 -39.85
CA ILE A 55 23.78 -18.74 -41.27
C ILE A 55 23.59 -17.39 -41.93
N ASN A 56 24.70 -16.75 -42.29
CA ASN A 56 24.62 -15.47 -42.99
C ASN A 56 24.02 -15.64 -44.37
N ASP A 57 24.69 -16.41 -45.22
CA ASP A 57 24.23 -16.66 -46.57
C ASP A 57 25.05 -17.81 -47.14
N SER A 58 24.39 -18.67 -47.91
CA SER A 58 25.04 -19.75 -48.64
C SER A 58 24.79 -19.45 -50.12
N THR A 59 25.67 -18.65 -50.72
CA THR A 59 25.51 -18.23 -52.09
C THR A 59 25.79 -19.42 -52.99
N THR A 60 24.73 -20.13 -53.36
CA THR A 60 24.82 -21.31 -54.21
C THR A 60 24.30 -20.91 -55.59
N VAL A 61 25.22 -20.48 -56.45
CA VAL A 61 24.91 -20.09 -57.81
C VAL A 61 25.75 -20.95 -58.74
N GLU A 62 25.11 -21.92 -59.39
CA GLU A 62 25.78 -22.82 -60.32
C GLU A 62 25.01 -22.86 -61.63
N PRO A 63 25.02 -21.76 -62.40
CA PRO A 63 24.25 -21.71 -63.64
C PRO A 63 25.04 -22.08 -64.88
N LEU A 64 26.35 -22.28 -64.76
CA LEU A 64 27.23 -22.41 -65.93
C LEU A 64 27.54 -23.88 -66.20
N LEU A 65 27.15 -24.34 -67.39
CA LEU A 65 27.63 -25.59 -67.95
C LEU A 65 27.90 -25.40 -69.44
N ASP A 66 27.78 -24.17 -69.94
CA ASP A 66 27.90 -23.81 -71.34
C ASP A 66 28.12 -22.30 -71.43
N GLY A 67 27.97 -21.73 -72.62
CA GLY A 67 27.93 -20.30 -72.75
C GLY A 67 27.99 -19.83 -74.19
N PRO A 68 27.12 -18.88 -74.54
CA PRO A 68 27.10 -18.32 -75.88
C PRO A 68 28.09 -17.15 -76.00
N TYR A 69 28.67 -17.04 -77.19
CA TYR A 69 29.75 -16.08 -77.42
C TYR A 69 29.38 -15.27 -78.67
N GLN A 70 30.34 -14.49 -79.16
CA GLN A 70 30.09 -13.54 -80.24
C GLN A 70 30.63 -14.08 -81.55
N PRO A 71 29.80 -14.18 -82.59
CA PRO A 71 30.28 -14.69 -83.89
C PRO A 71 31.29 -13.76 -84.56
N THR A 72 32.54 -13.79 -84.10
CA THR A 72 33.61 -12.96 -84.64
C THR A 72 34.86 -13.84 -84.79
N THR A 73 35.99 -13.19 -85.04
CA THR A 73 37.27 -13.87 -85.14
C THR A 73 37.68 -14.41 -83.77
N PHE A 74 38.63 -15.34 -83.78
CA PHE A 74 39.07 -15.99 -82.56
C PHE A 74 40.42 -16.65 -82.79
N ASN A 75 41.25 -16.63 -81.76
CA ASN A 75 42.52 -17.35 -81.76
C ASN A 75 42.43 -18.54 -80.79
N PRO A 76 42.59 -19.77 -81.26
CA PRO A 76 42.30 -20.93 -80.43
C PRO A 76 43.51 -21.32 -79.59
N PRO A 77 43.34 -21.43 -78.27
CA PRO A 77 44.40 -21.98 -77.44
C PRO A 77 44.44 -23.50 -77.51
N VAL A 78 45.28 -24.11 -76.71
CA VAL A 78 45.48 -25.56 -76.75
C VAL A 78 44.49 -26.24 -75.83
N ASP A 79 44.07 -27.45 -76.22
CA ASP A 79 43.35 -28.38 -75.35
C ASP A 79 41.99 -27.84 -74.93
N TYR A 80 41.18 -27.46 -75.91
CA TYR A 80 39.81 -27.01 -75.67
C TYR A 80 38.95 -27.38 -76.88
N TRP A 81 37.68 -27.04 -76.81
CA TRP A 81 36.72 -27.38 -77.86
C TRP A 81 35.86 -26.16 -78.16
N MET A 82 35.35 -26.09 -79.39
CA MET A 82 34.56 -24.96 -79.87
C MET A 82 33.34 -25.53 -80.60
N LEU A 83 32.15 -25.31 -80.02
CA LEU A 83 30.91 -25.81 -80.61
C LEU A 83 30.35 -24.81 -81.59
N LEU A 84 29.87 -25.31 -82.73
CA LEU A 84 29.30 -24.47 -83.76
C LEU A 84 28.13 -25.20 -84.42
N ALA A 85 27.02 -24.50 -84.59
CA ALA A 85 25.83 -25.10 -85.18
C ALA A 85 24.94 -24.02 -85.79
N PRO A 86 25.11 -23.70 -87.07
CA PRO A 86 24.26 -22.69 -87.69
C PRO A 86 22.93 -23.24 -88.15
N THR A 87 22.11 -22.41 -88.79
CA THR A 87 20.84 -22.85 -89.35
C THR A 87 20.60 -22.36 -90.76
N THR A 88 21.47 -21.52 -91.31
CA THR A 88 21.41 -20.93 -92.64
C THR A 88 22.34 -21.67 -93.60
N PRO A 89 21.84 -22.09 -94.76
CA PRO A 89 22.72 -22.77 -95.72
C PRO A 89 23.87 -21.87 -96.15
N GLY A 90 25.05 -22.44 -96.27
CA GLY A 90 26.24 -21.69 -96.59
C GLY A 90 27.39 -22.00 -95.67
N VAL A 91 28.59 -21.50 -96.00
CA VAL A 91 29.75 -21.74 -95.16
C VAL A 91 29.60 -20.97 -93.86
N ILE A 92 29.99 -21.63 -92.75
CA ILE A 92 29.87 -21.03 -91.42
C ILE A 92 31.25 -20.96 -90.76
N VAL A 93 32.04 -22.01 -90.92
CA VAL A 93 33.37 -22.10 -90.33
C VAL A 93 34.39 -21.56 -91.31
N GLU A 94 35.33 -20.77 -90.82
CA GLU A 94 36.41 -20.23 -91.63
C GLU A 94 37.69 -20.28 -90.82
N GLY A 95 38.57 -21.22 -91.17
CA GLY A 95 39.87 -21.36 -90.53
C GLY A 95 40.97 -21.01 -91.50
N THR A 96 41.97 -20.28 -91.02
CA THR A 96 43.05 -19.82 -91.88
C THR A 96 44.36 -19.81 -91.08
N ASN A 97 45.39 -20.40 -91.67
CA ASN A 97 46.72 -20.45 -91.08
C ASN A 97 47.72 -19.60 -91.87
N ASN A 98 47.37 -19.23 -93.10
CA ASN A 98 47.99 -18.27 -94.04
C ASN A 98 49.45 -18.63 -94.31
N THR A 99 49.92 -19.73 -93.73
CA THR A 99 51.24 -20.28 -93.99
C THR A 99 51.18 -21.71 -94.50
N ASP A 100 50.43 -22.58 -93.82
CA ASP A 100 50.29 -23.97 -94.23
C ASP A 100 48.98 -24.20 -94.97
N ARG A 101 47.85 -23.95 -94.32
CA ARG A 101 46.56 -24.26 -94.92
C ARG A 101 45.51 -23.25 -94.50
N TRP A 102 44.34 -23.38 -95.12
CA TRP A 102 43.14 -22.64 -94.76
C TRP A 102 41.95 -23.41 -95.29
N LEU A 103 41.09 -23.88 -94.39
CA LEU A 103 40.01 -24.78 -94.73
C LEU A 103 38.68 -24.28 -94.19
N ALA A 104 37.61 -24.81 -94.75
CA ALA A 104 36.24 -24.50 -94.35
C ALA A 104 35.38 -25.70 -94.72
N THR A 105 34.07 -25.54 -94.65
CA THR A 105 33.12 -26.57 -95.06
C THR A 105 31.72 -25.99 -95.00
N ILE A 106 30.76 -26.78 -95.46
CA ILE A 106 29.36 -26.37 -95.53
C ILE A 106 28.46 -27.51 -95.08
N LEU A 107 27.33 -27.14 -94.51
CA LEU A 107 26.25 -28.10 -94.30
C LEU A 107 25.59 -28.42 -95.64
N ILE A 108 25.24 -29.69 -95.83
CA ILE A 108 24.72 -30.17 -97.10
C ILE A 108 23.35 -30.80 -96.87
N GLU A 109 22.36 -30.34 -97.63
CA GLU A 109 20.98 -30.76 -97.49
C GLU A 109 20.73 -32.06 -98.26
N PRO A 110 19.97 -32.99 -97.68
CA PRO A 110 19.72 -34.26 -98.36
C PRO A 110 18.92 -34.09 -99.65
N ASN A 111 19.00 -35.13 -100.49
CA ASN A 111 18.25 -35.19 -101.75
C ASN A 111 18.64 -34.07 -102.70
N VAL A 112 19.92 -33.73 -102.74
CA VAL A 112 20.44 -32.74 -103.67
C VAL A 112 21.52 -33.43 -104.51
N GLN A 113 21.25 -33.57 -105.81
CA GLN A 113 22.15 -34.29 -106.68
C GLN A 113 23.34 -33.41 -107.07
N SER A 114 24.11 -33.84 -108.06
CA SER A 114 25.30 -33.09 -108.48
C SER A 114 24.93 -31.71 -108.97
N GLU A 115 25.29 -30.69 -108.19
CA GLU A 115 25.07 -29.29 -108.54
C GLU A 115 26.42 -28.58 -108.66
N ASN A 116 26.37 -27.26 -108.80
CA ASN A 116 27.58 -26.46 -108.94
C ASN A 116 27.25 -25.05 -108.44
N ARG A 117 27.62 -24.76 -107.20
CA ARG A 117 27.34 -23.48 -106.56
C ARG A 117 28.65 -22.80 -106.17
N THR A 118 28.79 -21.54 -106.54
CA THR A 118 30.01 -20.79 -106.28
C THR A 118 29.95 -20.11 -104.93
N TYR A 119 31.02 -20.23 -104.15
CA TYR A 119 31.06 -19.70 -102.80
C TYR A 119 32.26 -18.78 -102.64
N THR A 120 32.08 -17.70 -101.89
CA THR A 120 33.07 -16.65 -101.74
C THR A 120 33.88 -16.91 -100.47
N ILE A 121 35.21 -16.97 -100.63
CA ILE A 121 36.13 -17.15 -99.51
C ILE A 121 37.21 -16.08 -99.61
N PHE A 122 37.46 -15.38 -98.50
CA PHE A 122 38.37 -14.22 -98.47
C PHE A 122 37.98 -13.16 -99.50
N GLY A 123 36.68 -13.02 -99.75
CA GLY A 123 36.25 -12.13 -100.80
C GLY A 123 36.49 -12.65 -102.19
N ILE A 124 36.86 -13.93 -102.33
CA ILE A 124 37.14 -14.55 -103.62
C ILE A 124 36.21 -15.75 -103.77
N GLN A 125 35.48 -15.80 -104.88
CA GLN A 125 34.50 -16.84 -105.13
C GLN A 125 35.04 -17.87 -106.11
N GLU A 126 34.82 -19.15 -105.78
CA GLU A 126 35.29 -20.23 -106.63
C GLU A 126 34.26 -21.36 -106.59
N GLN A 127 34.40 -22.31 -107.52
CA GLN A 127 33.35 -23.26 -107.84
C GLN A 127 33.83 -24.70 -107.75
N LEU A 128 32.99 -25.57 -107.19
CA LEU A 128 33.15 -27.00 -107.32
C LEU A 128 31.82 -27.67 -106.98
N THR A 129 31.68 -28.92 -107.40
CA THR A 129 30.41 -29.63 -107.39
C THR A 129 30.09 -30.19 -106.00
N VAL A 130 28.83 -30.64 -105.86
CA VAL A 130 28.34 -31.25 -104.63
C VAL A 130 27.63 -32.54 -104.98
N SER A 131 27.24 -33.29 -103.95
CA SER A 131 26.51 -34.55 -104.14
C SER A 131 25.86 -34.94 -102.82
N ASN A 132 24.54 -35.12 -102.83
CA ASN A 132 23.78 -35.54 -101.66
C ASN A 132 22.73 -36.55 -102.10
N THR A 133 22.83 -37.77 -101.60
CA THR A 133 21.88 -38.83 -101.91
C THR A 133 21.02 -39.24 -100.72
N SER A 134 21.31 -38.74 -99.52
CA SER A 134 20.53 -39.09 -98.35
C SER A 134 19.16 -38.41 -98.40
N GLN A 135 18.30 -38.80 -97.47
CA GLN A 135 16.93 -38.31 -97.43
C GLN A 135 16.58 -37.57 -96.15
N ASP A 136 17.00 -38.08 -95.00
CA ASP A 136 16.66 -37.49 -93.70
C ASP A 136 17.87 -36.88 -93.03
N GLN A 137 18.94 -37.64 -92.85
CA GLN A 137 20.11 -37.14 -92.14
C GLN A 137 21.00 -36.32 -93.07
N TRP A 138 21.47 -35.19 -92.57
CA TRP A 138 22.39 -34.35 -93.32
C TRP A 138 23.81 -34.90 -93.17
N LYS A 139 24.49 -35.14 -94.29
CA LYS A 139 25.90 -35.51 -94.19
C LYS A 139 26.74 -34.27 -93.90
N PHE A 140 28.06 -34.47 -93.92
CA PHE A 140 28.99 -33.41 -93.57
C PHE A 140 30.36 -33.78 -94.13
N ILE A 141 31.12 -32.77 -94.55
CA ILE A 141 32.41 -32.98 -95.18
C ILE A 141 33.44 -32.06 -94.53
N ASP A 142 34.71 -32.42 -94.68
CA ASP A 142 35.83 -31.68 -94.10
C ASP A 142 36.74 -31.21 -95.24
N VAL A 143 36.40 -30.07 -95.83
CA VAL A 143 37.17 -29.54 -96.95
C VAL A 143 38.52 -29.07 -96.44
N VAL A 144 39.59 -29.40 -97.18
CA VAL A 144 40.94 -28.99 -96.85
C VAL A 144 41.61 -28.46 -98.11
N LYS A 145 42.18 -27.26 -98.04
CA LYS A 145 42.92 -26.66 -99.14
C LYS A 145 44.26 -26.16 -98.64
N THR A 146 45.31 -26.33 -99.46
CA THR A 146 46.66 -25.95 -99.09
C THR A 146 47.31 -24.97 -100.06
N THR A 147 47.15 -25.18 -101.37
CA THR A 147 47.84 -24.37 -102.35
C THR A 147 47.38 -22.92 -102.28
N ALA A 148 48.26 -22.01 -102.70
CA ALA A 148 47.99 -20.57 -102.57
C ALA A 148 46.74 -20.17 -103.34
N ASN A 149 46.60 -20.64 -104.57
CA ASN A 149 45.40 -20.40 -105.37
C ASN A 149 44.89 -21.69 -106.01
N GLY A 150 44.96 -22.79 -105.26
CA GLY A 150 44.58 -24.09 -105.77
C GLY A 150 43.09 -24.32 -105.84
N SER A 151 42.69 -25.58 -105.74
CA SER A 151 41.31 -25.99 -105.90
C SER A 151 40.75 -26.46 -104.56
N ILE A 152 39.52 -26.97 -104.59
CA ILE A 152 38.81 -27.40 -103.40
C ILE A 152 39.04 -28.89 -103.19
N GLY A 153 39.60 -29.25 -102.04
CA GLY A 153 39.82 -30.65 -101.71
C GLY A 153 38.75 -31.20 -100.80
N GLN A 154 37.91 -32.10 -101.32
CA GLN A 154 36.84 -32.69 -100.52
C GLN A 154 37.37 -33.81 -99.65
N TYR A 155 37.27 -33.63 -98.33
CA TYR A 155 37.57 -34.67 -97.37
C TYR A 155 36.44 -34.70 -96.35
N GLY A 156 36.47 -35.68 -95.47
CA GLY A 156 35.47 -35.79 -94.43
C GLY A 156 34.16 -36.39 -94.91
N SER A 157 33.59 -37.30 -94.13
CA SER A 157 32.35 -37.98 -94.50
C SER A 157 31.41 -38.07 -93.32
N LEU A 158 31.31 -36.99 -92.54
CA LEU A 158 30.45 -37.00 -91.38
C LEU A 158 28.97 -36.92 -91.80
N LEU A 159 28.09 -37.22 -90.85
CA LEU A 159 26.65 -37.25 -91.09
C LEU A 159 25.94 -36.95 -89.79
N SER A 160 25.33 -35.78 -89.70
CA SER A 160 24.73 -35.33 -88.45
C SER A 160 23.33 -34.80 -88.67
N SER A 161 22.39 -35.28 -87.87
CA SER A 161 21.05 -34.70 -87.76
C SER A 161 21.05 -33.50 -86.83
N PRO A 162 21.64 -33.58 -85.63
CA PRO A 162 21.70 -32.40 -84.76
C PRO A 162 22.60 -31.29 -85.26
N LYS A 163 23.20 -31.45 -86.45
CA LYS A 163 23.88 -30.37 -87.19
C LYS A 163 24.79 -29.53 -86.30
N LEU A 164 25.81 -30.17 -85.75
CA LEU A 164 26.80 -29.48 -84.93
C LEU A 164 28.14 -30.17 -85.14
N TYR A 165 29.22 -29.43 -84.86
CA TYR A 165 30.55 -29.97 -85.08
C TYR A 165 31.55 -29.20 -84.22
N ALA A 166 32.51 -29.93 -83.66
CA ALA A 166 33.53 -29.33 -82.80
C ALA A 166 34.76 -30.25 -82.83
N VAL A 167 35.75 -29.88 -83.65
CA VAL A 167 37.03 -30.58 -83.73
C VAL A 167 38.13 -29.57 -84.01
N MET A 168 39.16 -29.55 -83.17
CA MET A 168 40.31 -28.68 -83.34
C MET A 168 41.47 -29.21 -82.51
N LYS A 169 42.51 -28.37 -82.37
CA LYS A 169 43.75 -28.72 -81.68
C LYS A 169 43.51 -29.50 -80.40
N HIS A 170 44.14 -30.67 -80.29
CA HIS A 170 43.90 -31.58 -79.18
C HIS A 170 45.15 -32.40 -78.91
N ASN A 171 45.46 -32.60 -77.63
CA ASN A 171 46.54 -33.49 -77.20
C ASN A 171 47.87 -33.13 -77.87
N GLU A 172 48.14 -31.82 -77.95
CA GLU A 172 49.34 -31.29 -78.60
C GLU A 172 49.45 -31.77 -80.06
N LYS A 173 48.30 -31.96 -80.69
CA LYS A 173 48.25 -32.48 -82.06
C LYS A 173 47.05 -31.89 -82.77
N LEU A 174 47.06 -31.99 -84.10
CA LEU A 174 45.97 -31.52 -84.94
C LEU A 174 45.44 -32.68 -85.76
N TYR A 175 44.13 -32.93 -85.66
CA TYR A 175 43.47 -33.97 -86.43
C TYR A 175 42.00 -33.58 -86.62
N THR A 176 41.23 -34.50 -87.21
CA THR A 176 39.79 -34.40 -87.29
C THR A 176 39.17 -35.51 -86.46
N TYR A 177 37.84 -35.51 -86.40
CA TYR A 177 37.11 -36.62 -85.81
C TYR A 177 35.78 -36.78 -86.53
N GLU A 178 35.49 -38.02 -86.92
CA GLU A 178 34.31 -38.36 -87.70
C GLU A 178 33.15 -38.66 -86.76
N GLY A 179 31.93 -38.42 -87.26
CA GLY A 179 30.75 -38.66 -86.47
C GLY A 179 29.55 -39.12 -87.26
N GLN A 180 29.01 -40.27 -86.89
CA GLN A 180 27.74 -40.78 -87.41
C GLN A 180 26.78 -40.89 -86.23
N THR A 181 25.89 -39.90 -86.11
CA THR A 181 25.11 -39.65 -84.90
C THR A 181 24.55 -40.87 -84.17
N PRO A 182 24.10 -41.93 -84.85
CA PRO A 182 23.80 -43.16 -84.10
C PRO A 182 25.01 -43.72 -83.36
N ASN A 183 26.20 -43.63 -83.94
CA ASN A 183 27.43 -44.11 -83.32
C ASN A 183 28.60 -43.25 -83.82
N ALA A 184 28.96 -42.24 -83.04
CA ALA A 184 30.08 -41.38 -83.42
C ALA A 184 31.40 -42.15 -83.32
N ARG A 185 32.41 -41.64 -84.00
CA ARG A 185 33.70 -42.32 -84.10
C ARG A 185 34.80 -41.28 -83.92
N THR A 186 36.04 -41.66 -84.26
CA THR A 186 37.19 -40.77 -84.18
C THR A 186 37.96 -40.82 -85.49
N GLY A 187 38.51 -39.67 -85.87
CA GLY A 187 39.29 -39.57 -87.10
C GLY A 187 40.67 -39.00 -86.87
N HIS A 188 41.40 -38.73 -87.95
CA HIS A 188 42.76 -38.20 -87.84
C HIS A 188 43.11 -37.48 -89.14
N TYR A 189 43.43 -36.18 -89.03
CA TYR A 189 43.94 -35.39 -90.15
C TYR A 189 45.34 -34.90 -89.77
N SER A 190 46.36 -35.52 -90.37
CA SER A 190 47.74 -35.21 -90.03
C SER A 190 48.12 -33.86 -90.63
N THR A 191 47.84 -32.80 -89.87
CA THR A 191 48.16 -31.43 -90.25
C THR A 191 49.15 -30.83 -89.26
N THR A 192 50.03 -29.99 -89.78
CA THR A 192 51.12 -29.42 -89.01
C THR A 192 50.78 -27.98 -88.58
N ASN A 193 51.78 -27.27 -88.05
CA ASN A 193 51.68 -25.85 -87.72
C ASN A 193 50.58 -25.60 -86.68
N TYR A 194 50.80 -26.16 -85.49
CA TYR A 194 49.83 -26.05 -84.41
C TYR A 194 49.63 -24.60 -83.99
N ASP A 195 50.72 -23.86 -83.81
CA ASP A 195 50.66 -22.58 -83.10
C ASP A 195 49.90 -21.49 -83.85
N SER A 196 50.05 -21.40 -85.17
CA SER A 196 49.54 -20.26 -85.92
C SER A 196 48.13 -20.48 -86.45
N VAL A 197 47.33 -21.27 -85.73
CA VAL A 197 45.94 -21.47 -86.14
C VAL A 197 45.12 -20.24 -85.81
N ASN A 198 44.10 -19.98 -86.63
CA ASN A 198 43.21 -18.85 -86.43
C ASN A 198 41.78 -19.26 -86.77
N MET A 199 40.82 -18.67 -86.06
CA MET A 199 39.42 -19.05 -86.17
C MET A 199 38.55 -17.83 -86.47
N THR A 200 37.68 -17.97 -87.46
CA THR A 200 36.64 -17.00 -87.77
C THR A 200 35.36 -17.74 -88.15
N ALA A 201 34.23 -17.24 -87.65
CA ALA A 201 32.95 -17.89 -87.91
C ALA A 201 31.84 -16.85 -87.81
N PHE A 202 30.63 -17.29 -88.17
CA PHE A 202 29.47 -16.40 -88.23
C PHE A 202 28.33 -16.85 -87.34
N CYS A 203 28.56 -17.78 -86.42
CA CYS A 203 27.53 -18.15 -85.45
C CYS A 203 28.11 -18.30 -84.05
N ASP A 204 27.29 -18.83 -83.13
CA ASP A 204 27.59 -18.81 -81.71
C ASP A 204 28.75 -19.73 -81.38
N PHE A 205 29.42 -19.44 -80.26
CA PHE A 205 30.59 -20.17 -79.81
C PHE A 205 30.37 -20.73 -78.41
N TYR A 206 30.79 -21.97 -78.20
CA TYR A 206 30.79 -22.61 -76.90
C TYR A 206 32.16 -23.25 -76.67
N ILE A 207 32.51 -23.47 -75.41
CA ILE A 207 33.84 -23.94 -75.06
C ILE A 207 33.73 -25.08 -74.05
N ILE A 208 34.68 -26.00 -74.12
CA ILE A 208 34.84 -27.10 -73.16
C ILE A 208 36.22 -27.71 -73.34
N PRO A 209 36.95 -28.02 -72.28
CA PRO A 209 38.26 -28.64 -72.44
C PRO A 209 38.12 -30.13 -72.76
N ARG A 210 39.27 -30.75 -73.04
CA ARG A 210 39.27 -32.16 -73.43
C ARG A 210 39.34 -33.11 -72.23
N SER A 211 38.93 -32.68 -71.06
CA SER A 211 38.74 -33.60 -69.94
C SER A 211 37.31 -34.13 -69.86
N GLU A 212 36.44 -33.69 -70.76
CA GLU A 212 35.02 -34.03 -70.75
C GLU A 212 34.55 -34.47 -72.13
N GLU A 213 35.28 -35.39 -72.76
CA GLU A 213 34.92 -35.85 -74.09
C GLU A 213 33.56 -36.55 -74.14
N SER A 214 33.15 -37.20 -73.05
CA SER A 214 31.90 -37.95 -73.07
C SER A 214 30.72 -37.05 -73.36
N LYS A 215 30.67 -35.88 -72.70
CA LYS A 215 29.54 -34.99 -72.87
C LYS A 215 29.46 -34.44 -74.30
N CYS A 216 30.59 -33.95 -74.83
CA CYS A 216 30.59 -33.41 -76.18
C CYS A 216 30.28 -34.48 -77.22
N THR A 217 30.79 -35.70 -77.02
CA THR A 217 30.44 -36.78 -77.92
C THR A 217 28.95 -37.07 -77.87
N GLU A 218 28.35 -37.07 -76.68
CA GLU A 218 26.92 -37.30 -76.59
C GLU A 218 26.12 -36.18 -77.25
N TYR A 219 26.54 -34.92 -77.11
CA TYR A 219 25.82 -33.86 -77.79
C TYR A 219 26.07 -33.85 -79.29
N ILE A 220 27.12 -34.50 -79.78
CA ILE A 220 27.22 -34.62 -81.22
C ILE A 220 26.52 -35.89 -81.72
N ASN A 221 26.16 -36.81 -80.83
CA ASN A 221 25.27 -37.90 -81.23
C ASN A 221 23.83 -37.41 -81.32
N ASN A 222 23.25 -36.97 -80.20
CA ASN A 222 21.85 -36.61 -80.14
C ASN A 222 21.60 -35.12 -79.98
N GLY A 223 22.57 -34.36 -79.47
CA GLY A 223 22.41 -32.93 -79.33
C GLY A 223 21.96 -32.48 -77.96
N LEU A 224 22.61 -31.45 -77.43
CA LEU A 224 22.08 -30.78 -76.25
C LEU A 224 20.70 -30.25 -76.57
N PRO A 225 19.67 -30.62 -75.80
CA PRO A 225 18.30 -30.33 -76.21
C PRO A 225 17.91 -28.90 -75.89
N PRO A 226 17.74 -28.06 -76.91
CA PRO A 226 17.15 -26.74 -76.68
C PRO A 226 15.64 -26.81 -76.86
N ILE A 227 14.97 -27.54 -75.97
CA ILE A 227 13.57 -27.88 -76.19
C ILE A 227 12.74 -26.64 -76.41
N GLN A 228 12.65 -25.77 -75.40
CA GLN A 228 11.98 -24.48 -75.51
C GLN A 228 10.55 -24.65 -76.02
N ASN A 229 9.92 -25.75 -75.63
CA ASN A 229 8.62 -26.12 -76.18
C ASN A 229 7.53 -25.18 -75.65
N THR A 230 6.33 -25.35 -76.20
CA THR A 230 5.17 -24.60 -75.76
C THR A 230 4.50 -25.31 -74.59
N ARG A 231 3.41 -24.72 -74.11
CA ARG A 231 2.69 -25.29 -72.98
C ARG A 231 1.85 -26.48 -73.40
N ALA A 248 -6.65 -29.59 -31.42
CA ALA A 248 -8.05 -29.32 -31.10
C ALA A 248 -8.28 -29.47 -29.60
N GLN A 249 -7.21 -29.68 -28.84
CA GLN A 249 -7.30 -29.86 -27.41
C GLN A 249 -7.45 -28.51 -26.71
N ALA A 250 -7.77 -28.58 -25.42
CA ALA A 250 -8.08 -27.38 -24.66
C ALA A 250 -6.83 -26.80 -24.00
N ASN A 251 -7.03 -25.68 -23.32
CA ASN A 251 -5.94 -25.00 -22.62
C ASN A 251 -5.77 -25.58 -21.22
N GLU A 252 -4.52 -25.68 -20.79
CA GLU A 252 -4.22 -26.07 -19.42
C GLU A 252 -2.84 -25.55 -19.03
N ASP A 253 -2.66 -25.32 -17.73
CA ASP A 253 -1.41 -24.85 -17.15
C ASP A 253 -0.96 -25.86 -16.11
N ILE A 254 0.28 -26.34 -16.21
CA ILE A 254 0.82 -27.35 -15.31
C ILE A 254 2.15 -26.85 -14.75
N VAL A 255 2.31 -26.99 -13.45
CA VAL A 255 3.57 -26.69 -12.76
C VAL A 255 4.43 -27.95 -12.76
N ILE A 256 5.74 -27.76 -12.76
CA ILE A 256 6.67 -28.87 -12.74
C ILE A 256 7.39 -29.03 -11.40
N SER A 257 7.66 -27.96 -10.67
CA SER A 257 8.31 -28.05 -9.36
C SER A 257 8.05 -26.77 -8.59
N LYS A 258 8.42 -26.79 -7.31
CA LYS A 258 8.05 -25.73 -6.36
C LYS A 258 8.98 -24.52 -6.46
N THR A 259 8.78 -23.56 -5.57
CA THR A 259 9.48 -22.27 -5.59
C THR A 259 10.94 -22.40 -5.18
N SER A 260 11.74 -21.44 -5.63
CA SER A 260 13.17 -21.39 -5.35
C SER A 260 13.60 -19.94 -5.12
N LEU A 261 14.81 -19.78 -4.61
CA LEU A 261 15.38 -18.48 -4.32
C LEU A 261 16.32 -18.07 -5.45
N TRP A 262 16.37 -16.76 -5.74
CA TRP A 262 17.17 -16.24 -6.82
C TRP A 262 17.72 -14.87 -6.47
N LYS A 263 18.95 -14.59 -6.90
CA LYS A 263 19.65 -13.36 -6.60
C LYS A 263 20.14 -12.70 -7.90
N GLU A 264 20.25 -11.38 -7.88
CA GLU A 264 20.77 -10.63 -9.02
C GLU A 264 22.09 -10.00 -8.65
N MET A 265 23.01 -9.96 -9.61
CA MET A 265 24.40 -9.60 -9.34
C MET A 265 24.98 -8.88 -10.55
N GLN A 266 25.67 -7.77 -10.30
CA GLN A 266 26.39 -7.08 -11.35
C GLN A 266 27.75 -7.73 -11.60
N TYR A 267 28.12 -7.82 -12.87
CA TYR A 267 29.40 -8.39 -13.28
C TYR A 267 30.17 -7.33 -14.05
N ASN A 268 31.44 -7.15 -13.69
CA ASN A 268 32.31 -6.17 -14.34
C ASN A 268 33.66 -6.81 -14.56
N ARG A 269 34.03 -7.01 -15.83
CA ARG A 269 35.29 -7.65 -16.19
C ARG A 269 35.98 -6.84 -17.28
N ASP A 270 37.31 -6.71 -17.18
CA ASP A 270 38.09 -6.13 -18.25
C ASP A 270 38.26 -7.17 -19.35
N ILE A 271 38.01 -6.78 -20.60
CA ILE A 271 38.00 -7.75 -21.69
C ILE A 271 38.72 -7.20 -22.92
N THR A 272 39.20 -8.12 -23.75
CA THR A 272 39.73 -7.85 -25.07
C THR A 272 39.14 -8.89 -26.02
N ILE A 273 39.13 -8.57 -27.31
CA ILE A 273 38.67 -9.52 -28.32
C ILE A 273 39.67 -9.55 -29.47
N ARG A 274 39.83 -10.73 -30.06
CA ARG A 274 40.70 -10.92 -31.22
C ARG A 274 39.84 -11.21 -32.44
N PHE A 275 40.24 -10.64 -33.58
CA PHE A 275 39.35 -10.46 -34.72
C PHE A 275 40.08 -10.76 -36.02
N LYS A 276 39.36 -11.35 -36.99
CA LYS A 276 39.96 -11.72 -38.27
C LYS A 276 38.84 -12.12 -39.23
N PHE A 277 39.10 -11.94 -40.53
CA PHE A 277 38.17 -12.33 -41.59
C PHE A 277 38.55 -13.69 -42.18
N ALA A 278 37.86 -14.06 -43.26
CA ALA A 278 38.20 -15.22 -44.06
C ALA A 278 37.56 -15.05 -45.44
N ASN A 279 38.11 -15.76 -46.42
CA ASN A 279 37.70 -15.60 -47.82
C ASN A 279 37.88 -16.90 -48.59
N THR A 280 37.10 -17.02 -49.65
CA THR A 280 37.29 -18.04 -50.67
C THR A 280 37.10 -17.38 -52.03
N ILE A 281 37.86 -17.83 -53.02
CA ILE A 281 37.81 -17.27 -54.37
C ILE A 281 37.35 -18.40 -55.30
N ILE A 282 36.08 -18.38 -55.66
CA ILE A 282 35.53 -19.36 -56.58
C ILE A 282 35.36 -18.67 -57.94
N LYS A 283 36.18 -19.05 -58.90
CA LYS A 283 36.11 -18.49 -60.24
C LYS A 283 35.21 -19.34 -61.12
N SER A 284 34.65 -18.71 -62.15
CA SER A 284 33.81 -19.42 -63.11
C SER A 284 34.69 -20.20 -64.08
N GLY A 285 34.10 -21.24 -64.67
CA GLY A 285 34.82 -22.05 -65.63
C GLY A 285 34.94 -21.32 -66.96
N GLY A 286 36.06 -21.54 -67.64
CA GLY A 286 36.27 -20.91 -68.93
C GLY A 286 37.69 -21.09 -69.39
N LEU A 287 38.08 -20.29 -70.39
CA LEU A 287 39.40 -20.46 -71.01
C LEU A 287 40.50 -19.79 -70.18
N GLY A 288 40.47 -18.47 -70.07
CA GLY A 288 41.46 -17.79 -69.27
C GLY A 288 41.00 -16.62 -68.44
N TYR A 289 39.79 -16.10 -68.71
CA TYR A 289 39.35 -14.85 -68.11
C TYR A 289 37.94 -15.05 -67.55
N LYS A 290 37.86 -15.63 -66.34
CA LYS A 290 36.56 -15.98 -65.77
C LYS A 290 36.66 -15.91 -64.25
N TRP A 291 35.78 -15.13 -63.63
CA TRP A 291 35.70 -15.04 -62.18
C TRP A 291 34.23 -14.98 -61.77
N SER A 292 33.89 -15.74 -60.73
CA SER A 292 32.49 -15.84 -60.32
C SER A 292 32.22 -15.27 -58.94
N GLU A 293 32.92 -15.75 -57.91
CA GLU A 293 32.65 -15.31 -56.53
C GLU A 293 33.96 -14.95 -55.85
N ILE A 294 33.96 -13.82 -55.14
CA ILE A 294 35.01 -13.44 -54.21
C ILE A 294 34.31 -12.96 -52.95
N SER A 295 34.11 -13.87 -51.99
CA SER A 295 33.22 -13.60 -50.86
C SER A 295 33.91 -14.02 -49.57
N PHE A 296 33.19 -13.86 -48.45
CA PHE A 296 33.69 -14.12 -47.11
C PHE A 296 33.01 -15.35 -46.51
N LYS A 297 33.75 -16.04 -45.65
CA LYS A 297 33.26 -17.15 -44.87
C LYS A 297 33.65 -16.96 -43.41
N PRO A 298 32.93 -17.58 -42.49
CA PRO A 298 33.33 -17.57 -41.08
C PRO A 298 34.32 -18.68 -40.76
N ALA A 299 35.03 -18.49 -39.65
CA ALA A 299 35.95 -19.50 -39.15
C ALA A 299 36.06 -19.35 -37.64
N ASN A 300 36.50 -20.43 -36.99
CA ASN A 300 36.62 -20.47 -35.54
C ASN A 300 38.10 -20.47 -35.15
N TYR A 301 38.41 -19.85 -34.01
CA TYR A 301 39.79 -19.61 -33.59
C TYR A 301 39.90 -19.78 -32.08
N GLN A 302 41.13 -19.97 -31.62
CA GLN A 302 41.44 -20.04 -30.19
C GLN A 302 42.55 -19.05 -29.86
N TYR A 303 42.52 -18.52 -28.64
CA TYR A 303 43.44 -17.47 -28.26
C TYR A 303 43.71 -17.57 -26.75
N THR A 304 44.42 -16.58 -26.21
CA THR A 304 44.86 -16.62 -24.82
C THR A 304 45.06 -15.19 -24.31
N TYR A 305 44.50 -14.90 -23.13
CA TYR A 305 44.52 -13.58 -22.51
C TYR A 305 45.17 -13.65 -21.14
N THR A 306 45.11 -12.53 -20.42
CA THR A 306 45.50 -12.47 -19.01
C THR A 306 44.65 -11.43 -18.30
N ARG A 307 44.21 -11.77 -17.09
CA ARG A 307 43.34 -10.88 -16.32
C ARG A 307 43.45 -11.28 -14.85
N ASP A 308 44.05 -10.42 -14.04
CA ASP A 308 44.26 -10.69 -12.62
C ASP A 308 45.02 -11.99 -12.40
N GLY A 309 45.86 -12.35 -13.36
CA GLY A 309 46.59 -13.60 -13.28
C GLY A 309 45.78 -14.83 -13.60
N GLU A 310 44.73 -14.71 -14.40
CA GLU A 310 43.91 -15.84 -14.80
C GLU A 310 43.90 -15.98 -16.31
N GLU A 311 43.98 -17.22 -16.78
CA GLU A 311 44.05 -17.50 -18.20
C GLU A 311 42.66 -17.71 -18.78
N VAL A 312 42.47 -17.26 -20.01
CA VAL A 312 41.19 -17.36 -20.71
C VAL A 312 41.45 -17.93 -22.10
N THR A 313 40.84 -19.08 -22.40
CA THR A 313 40.82 -19.58 -23.75
C THR A 313 39.56 -19.11 -24.45
N ALA A 314 39.71 -18.59 -25.67
CA ALA A 314 38.63 -17.91 -26.35
C ALA A 314 38.18 -18.69 -27.57
N HIS A 315 36.96 -18.39 -28.02
CA HIS A 315 36.41 -18.93 -29.25
C HIS A 315 35.64 -17.82 -29.93
N THR A 316 36.03 -17.49 -31.16
CA THR A 316 35.41 -16.38 -31.87
C THR A 316 35.21 -16.76 -33.33
N THR A 317 34.24 -16.09 -33.95
CA THR A 317 33.86 -16.37 -35.33
C THR A 317 33.37 -15.05 -35.93
N CYS A 318 33.65 -14.83 -37.21
CA CYS A 318 33.38 -13.55 -37.84
C CYS A 318 32.45 -13.70 -39.04
N SER A 319 31.61 -12.69 -39.24
CA SER A 319 30.69 -12.64 -40.37
C SER A 319 30.34 -11.18 -40.65
N VAL A 320 29.75 -10.94 -41.81
CA VAL A 320 29.41 -9.60 -42.25
C VAL A 320 27.94 -9.56 -42.66
N ASN A 321 27.27 -8.47 -42.31
CA ASN A 321 25.87 -8.26 -42.63
C ASN A 321 25.72 -7.10 -43.60
N GLY A 322 24.76 -7.22 -44.51
CA GLY A 322 24.47 -6.16 -45.47
C GLY A 322 25.64 -5.80 -46.36
N VAL A 323 26.37 -6.79 -46.85
CA VAL A 323 27.52 -6.52 -47.70
C VAL A 323 27.04 -6.08 -49.07
N ASN A 324 27.54 -4.94 -49.55
CA ASN A 324 27.21 -4.46 -50.87
C ASN A 324 27.90 -5.32 -51.93
N ASP A 325 27.37 -5.27 -53.14
CA ASP A 325 27.85 -6.16 -54.21
C ASP A 325 28.05 -5.36 -55.49
N PHE A 326 29.17 -5.61 -56.15
CA PHE A 326 29.51 -5.00 -57.43
C PHE A 326 29.83 -6.07 -58.45
N SER A 327 29.80 -5.69 -59.72
CA SER A 327 30.24 -6.56 -60.81
C SER A 327 30.79 -5.64 -61.91
N PHE A 328 32.11 -5.42 -61.89
CA PHE A 328 32.75 -4.54 -62.85
C PHE A 328 32.95 -5.32 -64.15
N ASN A 329 32.08 -5.05 -65.12
CA ASN A 329 32.18 -5.72 -66.41
C ASN A 329 33.47 -5.33 -67.11
N GLY A 330 34.14 -6.32 -67.70
CA GLY A 330 35.38 -6.07 -68.40
C GLY A 330 35.26 -6.21 -69.90
N GLY A 331 34.04 -6.28 -70.40
CA GLY A 331 33.78 -6.41 -71.83
C GLY A 331 32.99 -7.66 -72.14
N SER A 332 32.91 -7.96 -73.44
CA SER A 332 32.14 -9.09 -73.92
C SER A 332 32.93 -10.07 -74.76
N LEU A 333 34.12 -9.69 -75.24
CA LEU A 333 34.93 -10.56 -76.08
C LEU A 333 35.48 -11.72 -75.25
N PRO A 334 35.67 -12.90 -75.88
CA PRO A 334 36.12 -14.08 -75.12
C PRO A 334 37.39 -13.91 -74.29
N THR A 335 38.09 -12.77 -74.44
CA THR A 335 39.24 -12.47 -73.60
C THR A 335 39.01 -11.23 -72.75
N ASP A 336 37.77 -10.96 -72.36
CA ASP A 336 37.44 -9.83 -71.51
C ASP A 336 37.24 -10.28 -70.06
N PHE A 337 37.19 -9.30 -69.17
CA PHE A 337 37.03 -9.56 -67.74
C PHE A 337 35.55 -9.72 -67.40
N VAL A 338 34.97 -10.82 -67.90
CA VAL A 338 33.61 -11.17 -67.50
C VAL A 338 33.64 -11.74 -66.08
N VAL A 339 32.81 -11.16 -65.21
CA VAL A 339 32.81 -11.52 -63.81
C VAL A 339 31.42 -11.36 -63.24
N SER A 340 31.09 -12.18 -62.24
CA SER A 340 29.74 -12.24 -61.72
C SER A 340 29.56 -11.43 -60.43
N LYS A 341 30.41 -11.64 -59.43
CA LYS A 341 30.09 -11.19 -58.09
C LYS A 341 31.33 -10.66 -57.38
N PHE A 342 31.29 -9.37 -57.00
CA PHE A 342 32.25 -8.76 -56.10
C PHE A 342 31.58 -8.34 -54.81
N GLU A 343 32.34 -8.43 -53.72
CA GLU A 343 31.89 -8.08 -52.38
C GLU A 343 32.57 -6.80 -51.94
N VAL A 344 31.77 -5.80 -51.57
CA VAL A 344 32.27 -4.51 -51.10
C VAL A 344 31.39 -4.07 -49.94
N ILE A 345 31.96 -3.28 -49.03
CA ILE A 345 31.26 -2.85 -47.84
C ILE A 345 31.08 -1.33 -47.86
N LYS A 346 29.91 -0.89 -47.39
CA LYS A 346 29.61 0.52 -47.16
C LYS A 346 29.01 0.62 -45.77
N GLU A 347 28.98 1.84 -45.22
CA GLU A 347 28.55 2.06 -43.85
C GLU A 347 27.10 1.64 -43.61
N ASN A 348 26.42 1.16 -44.65
CA ASN A 348 25.12 0.51 -44.49
C ASN A 348 25.24 -0.98 -44.22
N SER A 349 26.47 -1.47 -43.95
CA SER A 349 26.73 -2.87 -43.66
C SER A 349 27.08 -3.04 -42.19
N TYR A 350 26.92 -4.26 -41.70
CA TYR A 350 27.10 -4.57 -40.29
C TYR A 350 28.00 -5.78 -40.11
N VAL A 351 28.32 -6.07 -38.84
CA VAL A 351 29.21 -7.15 -38.46
C VAL A 351 28.51 -8.02 -37.43
N TYR A 352 28.70 -9.33 -37.53
CA TYR A 352 27.93 -10.31 -36.76
C TYR A 352 28.87 -11.36 -36.15
N ILE A 353 29.89 -10.89 -35.44
CA ILE A 353 30.90 -11.76 -34.85
C ILE A 353 30.39 -12.34 -33.54
N ASP A 354 30.93 -13.49 -33.17
CA ASP A 354 30.58 -14.16 -31.92
C ASP A 354 31.74 -14.04 -30.93
N TYR A 355 31.49 -14.46 -29.70
CA TYR A 355 32.49 -14.37 -28.65
C TYR A 355 32.19 -15.33 -27.51
N TRP A 356 33.17 -16.15 -27.16
CA TRP A 356 33.02 -17.28 -26.25
C TRP A 356 34.26 -17.37 -25.35
N ASP A 357 34.08 -17.90 -24.14
CA ASP A 357 35.18 -18.11 -23.21
C ASP A 357 35.08 -19.47 -22.51
N ASP A 358 35.86 -19.66 -21.42
CA ASP A 358 35.63 -20.78 -20.52
C ASP A 358 35.59 -20.32 -19.07
N SER A 359 35.60 -19.01 -18.85
CA SER A 359 35.66 -18.47 -17.50
C SER A 359 34.32 -18.66 -16.78
N GLN A 360 34.37 -18.50 -15.46
CA GLN A 360 33.14 -18.60 -14.66
C GLN A 360 32.14 -17.52 -15.03
N ALA A 361 32.62 -16.36 -15.51
CA ALA A 361 31.71 -15.26 -15.82
C ALA A 361 30.74 -15.64 -16.94
N PHE A 362 31.27 -16.12 -18.07
CA PHE A 362 30.39 -16.54 -19.16
C PHE A 362 29.53 -17.73 -18.76
N ARG A 363 30.09 -18.69 -18.04
CA ARG A 363 29.32 -19.83 -17.58
C ARG A 363 28.16 -19.40 -16.68
N ASN A 364 28.32 -18.29 -15.97
CA ASN A 364 27.29 -17.85 -15.04
C ASN A 364 26.10 -17.24 -15.78
N VAL A 365 26.36 -16.48 -16.84
CA VAL A 365 25.34 -15.64 -17.46
C VAL A 365 24.67 -16.40 -18.60
N VAL A 366 23.45 -16.87 -18.36
CA VAL A 366 22.55 -17.34 -19.40
C VAL A 366 21.25 -16.57 -19.30
N TYR A 367 20.78 -16.36 -18.07
CA TYR A 367 19.49 -15.72 -17.83
C TYR A 367 19.72 -14.23 -17.59
N VAL A 368 20.23 -13.57 -18.64
CA VAL A 368 20.75 -12.21 -18.52
C VAL A 368 19.67 -11.20 -18.84
N ARG A 369 19.65 -10.10 -18.09
CA ARG A 369 18.72 -9.00 -18.33
C ARG A 369 19.33 -7.91 -19.20
N SER A 370 20.41 -7.29 -18.73
CA SER A 370 21.02 -6.15 -19.41
C SER A 370 22.49 -6.43 -19.62
N LEU A 371 22.98 -6.14 -20.83
CA LEU A 371 24.38 -6.40 -21.19
C LEU A 371 24.87 -5.26 -22.08
N ALA A 372 25.51 -4.28 -21.45
CA ALA A 372 26.09 -3.15 -22.14
C ALA A 372 27.61 -3.21 -22.07
N ALA A 373 28.26 -2.51 -22.99
CA ALA A 373 29.72 -2.56 -23.09
C ALA A 373 30.22 -1.28 -23.75
N ASN A 374 31.52 -1.04 -23.60
CA ASN A 374 32.19 0.13 -24.17
C ASN A 374 33.43 -0.36 -24.91
N LEU A 375 33.26 -0.70 -26.19
CA LEU A 375 34.38 -1.14 -27.00
C LEU A 375 35.03 0.04 -27.68
N ASN A 376 36.35 0.13 -27.57
CA ASN A 376 37.09 1.22 -28.18
C ASN A 376 37.16 1.02 -29.69
N SER A 377 36.87 2.08 -30.44
CA SER A 377 36.88 2.01 -31.89
C SER A 377 38.30 1.73 -32.39
N VAL A 378 38.40 0.94 -33.46
CA VAL A 378 39.67 0.54 -34.04
C VAL A 378 39.62 0.79 -35.55
N MET A 379 40.72 0.45 -36.22
CA MET A 379 40.92 0.71 -37.63
C MET A 379 41.06 -0.61 -38.39
N CYS A 380 40.60 -0.62 -39.64
CA CYS A 380 40.84 -1.72 -40.55
C CYS A 380 41.29 -1.18 -41.89
N THR A 381 42.21 -1.89 -42.52
CA THR A 381 42.84 -1.45 -43.77
C THR A 381 42.71 -2.55 -44.82
N GLY A 382 43.37 -2.32 -45.97
CA GLY A 382 43.38 -3.28 -47.05
C GLY A 382 44.76 -3.39 -47.67
N GLY A 383 44.98 -4.52 -48.35
CA GLY A 383 46.27 -4.81 -48.95
C GLY A 383 46.24 -4.93 -50.45
N SER A 384 46.54 -6.11 -50.99
CA SER A 384 46.62 -6.29 -52.43
C SER A 384 46.40 -7.75 -52.79
N TYR A 385 45.89 -7.99 -54.00
CA TYR A 385 45.73 -9.33 -54.53
C TYR A 385 45.75 -9.27 -56.05
N ASN A 386 46.66 -10.02 -56.66
CA ASN A 386 46.87 -9.98 -58.10
C ASN A 386 46.10 -11.11 -58.76
N PHE A 387 46.12 -11.15 -60.10
CA PHE A 387 45.52 -12.23 -60.87
C PHE A 387 46.55 -12.76 -61.86
N SER A 388 46.37 -14.02 -62.26
CA SER A 388 47.15 -14.61 -63.32
C SER A 388 46.31 -14.71 -64.59
N LEU A 389 46.90 -14.34 -65.72
CA LEU A 389 46.17 -14.28 -66.98
C LEU A 389 46.99 -15.00 -68.03
N PRO A 390 46.35 -15.51 -69.09
CA PRO A 390 47.10 -16.15 -70.19
C PRO A 390 48.13 -15.21 -70.82
N VAL A 391 47.74 -13.97 -71.07
CA VAL A 391 48.59 -12.98 -71.71
C VAL A 391 48.33 -11.61 -71.08
N GLY A 392 49.08 -10.61 -71.56
CA GLY A 392 48.88 -9.24 -71.11
C GLY A 392 49.43 -8.99 -69.72
N GLN A 393 49.04 -7.84 -69.17
CA GLN A 393 49.44 -7.47 -67.82
C GLN A 393 48.61 -8.22 -66.79
N TRP A 394 48.74 -7.84 -65.53
CA TRP A 394 48.07 -8.54 -64.44
C TRP A 394 47.30 -7.55 -63.58
N PRO A 395 45.98 -7.72 -63.43
CA PRO A 395 45.20 -6.81 -62.58
C PRO A 395 45.30 -7.18 -61.11
N VAL A 396 45.33 -6.15 -60.27
CA VAL A 396 45.49 -6.31 -58.83
C VAL A 396 44.40 -5.50 -58.12
N LEU A 397 43.64 -6.17 -57.26
CA LEU A 397 42.82 -5.49 -56.27
C LEU A 397 43.72 -5.02 -55.14
N THR A 398 43.52 -3.77 -54.71
CA THR A 398 44.41 -3.16 -53.73
C THR A 398 43.68 -2.03 -53.02
N GLY A 399 43.94 -1.86 -51.73
CA GLY A 399 43.43 -0.74 -50.98
C GLY A 399 42.07 -1.00 -50.37
N GLY A 400 41.67 -0.08 -49.48
CA GLY A 400 40.44 -0.20 -48.73
C GLY A 400 40.65 0.03 -47.25
N ALA A 401 39.85 0.91 -46.64
CA ALA A 401 39.97 1.22 -45.22
C ALA A 401 38.61 1.62 -44.65
N VAL A 402 38.46 1.48 -43.33
CA VAL A 402 37.21 1.80 -42.66
C VAL A 402 37.50 1.99 -41.19
N SER A 403 36.58 2.65 -40.49
CA SER A 403 36.56 2.69 -39.04
C SER A 403 35.48 1.74 -38.53
N LEU A 404 35.52 1.48 -37.22
CA LEU A 404 34.52 0.63 -36.59
C LEU A 404 33.86 1.39 -35.44
N HIS A 405 32.62 1.02 -35.16
CA HIS A 405 31.87 1.65 -34.08
C HIS A 405 30.87 0.64 -33.53
N SER A 406 30.72 0.65 -32.21
CA SER A 406 29.82 -0.29 -31.55
C SER A 406 28.36 0.06 -31.85
N ALA A 407 27.54 -0.97 -32.03
CA ALA A 407 26.13 -0.82 -32.33
C ALA A 407 25.29 -1.81 -31.53
N GLY A 408 25.61 -1.97 -30.26
CA GLY A 408 24.82 -2.82 -29.39
C GLY A 408 25.24 -4.28 -29.46
N VAL A 409 24.61 -5.08 -28.61
CA VAL A 409 24.92 -6.49 -28.47
C VAL A 409 23.62 -7.29 -28.61
N THR A 410 23.74 -8.49 -29.18
CA THR A 410 22.59 -9.36 -29.37
C THR A 410 22.95 -10.76 -28.91
N LEU A 411 22.08 -11.37 -28.11
CA LEU A 411 22.26 -12.74 -27.67
C LEU A 411 21.16 -13.61 -28.26
N SER A 412 21.54 -14.83 -28.65
CA SER A 412 20.59 -15.76 -29.26
C SER A 412 20.80 -17.14 -28.66
N THR A 413 19.71 -17.91 -28.60
CA THR A 413 19.74 -19.27 -28.09
C THR A 413 19.05 -20.19 -29.09
N GLN A 414 19.70 -21.31 -29.40
CA GLN A 414 19.16 -22.31 -30.30
C GLN A 414 18.60 -23.46 -29.48
N PHE A 415 17.36 -23.85 -29.75
CA PHE A 415 16.69 -24.94 -29.04
C PHE A 415 16.42 -26.07 -30.02
N THR A 416 16.95 -27.25 -29.70
CA THR A 416 16.69 -28.44 -30.47
C THR A 416 15.64 -29.29 -29.77
N ASP A 417 15.36 -30.47 -30.30
CA ASP A 417 14.46 -31.39 -29.62
C ASP A 417 15.10 -31.99 -28.37
N PHE A 418 16.42 -31.93 -28.26
CA PHE A 418 17.13 -32.60 -27.17
C PHE A 418 17.87 -31.65 -26.25
N VAL A 419 18.71 -30.77 -26.79
CA VAL A 419 19.57 -29.93 -25.97
C VAL A 419 19.37 -28.46 -26.31
N SER A 420 20.00 -27.58 -25.54
CA SER A 420 19.92 -26.14 -25.74
C SER A 420 21.28 -25.62 -26.18
N LEU A 421 21.27 -24.65 -27.09
CA LEU A 421 22.49 -24.11 -27.69
C LEU A 421 22.56 -22.62 -27.43
N ASN A 422 23.56 -22.19 -26.66
CA ASN A 422 23.76 -20.78 -26.39
C ASN A 422 24.60 -20.13 -27.49
N SER A 423 24.36 -18.84 -27.71
CA SER A 423 25.13 -18.08 -28.69
C SER A 423 25.08 -16.60 -28.34
N LEU A 424 25.98 -15.84 -28.94
CA LEU A 424 26.07 -14.41 -28.70
C LEU A 424 26.72 -13.75 -29.92
N ARG A 425 26.32 -12.52 -30.21
CA ARG A 425 26.83 -11.79 -31.36
C ARG A 425 27.33 -10.41 -30.91
N PHE A 426 27.77 -9.62 -31.89
CA PHE A 426 28.30 -8.28 -31.62
C PHE A 426 28.10 -7.42 -32.86
N ARG A 427 27.11 -6.54 -32.81
CA ARG A 427 26.84 -5.63 -33.91
C ARG A 427 27.85 -4.49 -33.94
N PHE A 428 28.24 -4.07 -35.15
CA PHE A 428 29.26 -3.05 -35.31
C PHE A 428 28.87 -2.11 -36.43
N ARG A 429 29.14 -0.82 -36.24
CA ARG A 429 28.93 0.20 -37.26
C ARG A 429 30.27 0.55 -37.91
N LEU A 430 30.25 0.75 -39.22
CA LEU A 430 31.47 0.95 -39.99
C LEU A 430 31.51 2.38 -40.52
N ALA A 431 32.71 2.97 -40.53
CA ALA A 431 32.89 4.35 -40.98
C ALA A 431 34.03 4.39 -42.00
N VAL A 432 33.72 4.80 -43.22
CA VAL A 432 34.66 4.71 -44.34
C VAL A 432 35.81 5.68 -44.11
N GLU A 433 36.99 5.33 -44.62
CA GLU A 433 38.18 6.14 -44.48
C GLU A 433 38.75 6.52 -45.84
N GLU A 434 39.94 7.13 -45.83
CA GLU A 434 40.48 7.75 -47.03
C GLU A 434 41.07 6.79 -48.06
N PRO A 435 41.85 5.76 -47.70
CA PRO A 435 42.38 4.86 -48.72
C PRO A 435 41.27 4.22 -49.54
N HIS A 436 41.55 4.02 -50.84
CA HIS A 436 40.52 3.61 -51.78
C HIS A 436 40.89 2.25 -52.37
N PHE A 437 40.04 1.71 -53.24
CA PHE A 437 40.36 0.51 -53.99
C PHE A 437 41.26 0.87 -55.17
N LYS A 438 42.46 0.30 -55.19
CA LYS A 438 43.37 0.41 -56.33
C LYS A 438 43.23 -0.86 -57.15
N LEU A 439 42.05 -1.04 -57.72
CA LEU A 439 41.81 -2.17 -58.61
C LEU A 439 42.31 -1.84 -60.01
N THR A 440 42.93 -2.83 -60.66
CA THR A 440 43.74 -2.59 -61.83
C THR A 440 43.08 -3.12 -63.11
N ARG A 441 43.41 -2.47 -64.23
CA ARG A 441 43.07 -2.93 -65.58
C ARG A 441 41.57 -2.79 -65.89
N THR A 442 40.94 -1.76 -65.33
CA THR A 442 39.63 -1.33 -65.81
C THR A 442 39.41 0.11 -65.38
N ARG A 443 38.45 0.76 -66.04
CA ARG A 443 38.31 2.20 -65.93
C ARG A 443 37.78 2.66 -64.57
N LEU A 444 36.74 2.00 -64.05
CA LEU A 444 36.06 2.50 -62.86
C LEU A 444 36.88 2.14 -61.62
N ASP A 445 37.29 3.17 -60.88
CA ASP A 445 38.16 3.01 -59.73
C ASP A 445 37.87 4.13 -58.74
N ARG A 446 38.61 4.13 -57.64
CA ARG A 446 38.54 5.19 -56.63
C ARG A 446 37.14 5.26 -55.99
N LEU A 447 36.71 4.15 -55.42
CA LEU A 447 35.48 4.08 -54.65
C LEU A 447 35.82 3.97 -53.16
N TYR A 448 34.80 3.78 -52.34
CA TYR A 448 34.94 3.83 -50.90
C TYR A 448 34.47 2.51 -50.30
N GLY A 449 35.21 2.03 -49.30
CA GLY A 449 34.88 0.79 -48.61
C GLY A 449 36.05 -0.15 -48.49
N LEU A 450 35.76 -1.46 -48.51
CA LEU A 450 36.77 -2.52 -48.48
C LEU A 450 36.54 -3.53 -49.58
N PRO A 451 37.60 -4.19 -50.04
CA PRO A 451 37.43 -5.30 -50.99
C PRO A 451 37.15 -6.61 -50.27
N ALA A 452 37.10 -7.69 -51.03
CA ALA A 452 37.00 -9.03 -50.46
C ALA A 452 38.25 -9.87 -50.70
N ALA A 453 39.35 -9.26 -51.14
CA ALA A 453 40.54 -10.00 -51.55
C ALA A 453 41.53 -10.17 -50.39
N ASP A 454 42.02 -9.05 -49.85
CA ASP A 454 43.05 -9.10 -48.82
C ASP A 454 42.50 -8.57 -47.50
N PRO A 455 42.00 -9.43 -46.62
CA PRO A 455 41.49 -8.96 -45.33
C PRO A 455 42.54 -9.01 -44.22
N ASN A 456 43.62 -9.76 -44.44
CA ASN A 456 44.67 -9.89 -43.42
C ASN A 456 45.77 -8.87 -43.65
N ASN A 457 46.14 -8.63 -44.90
CA ASN A 457 47.04 -7.55 -45.29
C ASN A 457 48.44 -7.77 -44.74
N GLY A 458 48.74 -9.00 -44.31
CA GLY A 458 49.99 -9.32 -43.67
C GLY A 458 50.06 -9.00 -42.20
N LYS A 459 48.98 -8.48 -41.61
CA LYS A 459 48.99 -8.11 -40.21
C LYS A 459 48.89 -9.35 -39.31
N GLU A 460 49.23 -9.16 -38.05
CA GLU A 460 49.17 -10.23 -37.06
C GLU A 460 47.75 -10.75 -36.87
N TYR A 461 46.88 -9.90 -36.34
CA TYR A 461 45.44 -10.10 -36.14
C TYR A 461 44.82 -8.73 -35.85
N TYR A 462 43.59 -8.73 -35.36
CA TYR A 462 42.90 -7.50 -35.00
C TYR A 462 42.45 -7.59 -33.56
N GLU A 463 42.83 -6.61 -32.75
CA GLU A 463 42.56 -6.61 -31.32
C GLU A 463 41.67 -5.44 -30.95
N ILE A 464 40.68 -5.69 -30.11
CA ILE A 464 39.79 -4.66 -29.58
C ILE A 464 39.59 -4.92 -28.10
N ALA A 465 39.68 -3.86 -27.29
CA ALA A 465 39.50 -3.95 -25.86
C ALA A 465 38.19 -3.28 -25.44
N GLY A 466 37.67 -3.69 -24.29
CA GLY A 466 36.40 -3.16 -23.83
C GLY A 466 36.12 -3.55 -22.40
N ARG A 467 34.84 -3.42 -22.03
CA ARG A 467 34.38 -3.67 -20.68
C ARG A 467 33.07 -4.45 -20.71
N PHE A 468 32.68 -4.94 -19.54
CA PHE A 468 31.43 -5.66 -19.36
C PHE A 468 30.58 -5.05 -18.27
N SER A 469 29.27 -4.99 -18.52
CA SER A 469 28.27 -4.65 -17.53
C SER A 469 27.11 -5.62 -17.69
N LEU A 470 26.94 -6.49 -16.70
CA LEU A 470 26.02 -7.61 -16.82
C LEU A 470 25.14 -7.71 -15.57
N ILE A 471 23.98 -8.33 -15.76
CA ILE A 471 23.06 -8.62 -14.66
C ILE A 471 22.30 -9.89 -15.01
N SER A 472 22.13 -10.78 -14.03
CA SER A 472 21.46 -12.05 -14.28
C SER A 472 20.87 -12.55 -12.96
N LEU A 473 20.33 -13.75 -12.98
CA LEU A 473 19.72 -14.37 -11.81
C LEU A 473 20.55 -15.59 -11.41
N VAL A 474 20.97 -15.64 -10.16
CA VAL A 474 21.79 -16.74 -9.65
C VAL A 474 21.25 -17.19 -8.30
N PRO A 475 21.39 -18.46 -7.94
CA PRO A 475 21.03 -18.89 -6.58
C PRO A 475 21.98 -18.31 -5.56
N SER A 476 21.48 -18.13 -4.35
CA SER A 476 22.29 -17.56 -3.27
C SER A 476 21.79 -18.12 -1.94
N ASN A 477 22.21 -17.48 -0.85
CA ASN A 477 21.90 -17.92 0.50
C ASN A 477 20.56 -17.36 0.97
N ASP A 478 20.00 -17.99 1.98
CA ASP A 478 18.72 -17.59 2.54
C ASP A 478 18.84 -16.32 3.38
N ASP A 479 17.69 -15.75 3.72
CA ASP A 479 17.62 -14.56 4.54
C ASP A 479 16.83 -14.74 5.83
N TYR A 480 16.40 -15.97 6.13
CA TYR A 480 15.64 -16.24 7.35
C TYR A 480 16.52 -16.22 8.59
N GLN A 481 17.84 -16.16 8.43
CA GLN A 481 18.73 -16.16 9.58
C GLN A 481 18.52 -14.92 10.45
N THR A 482 18.01 -13.84 9.88
CA THR A 482 17.71 -12.62 10.62
C THR A 482 16.26 -12.22 10.41
N PRO A 483 15.31 -13.04 10.88
CA PRO A 483 13.89 -12.77 10.58
C PRO A 483 13.42 -11.43 11.13
N ILE A 484 13.89 -11.02 12.29
CA ILE A 484 13.53 -9.73 12.89
C ILE A 484 14.84 -9.04 13.26
N ALA A 485 15.34 -8.19 12.37
CA ALA A 485 16.62 -7.51 12.58
C ALA A 485 16.35 -6.19 13.29
N ASN A 486 16.56 -6.18 14.60
CA ASN A 486 16.40 -4.98 15.41
C ASN A 486 17.31 -5.11 16.63
N SER A 487 17.17 -4.20 17.58
CA SER A 487 17.96 -4.26 18.79
C SER A 487 17.48 -5.39 19.69
N VAL A 488 18.44 -6.08 20.32
CA VAL A 488 18.11 -7.11 21.30
C VAL A 488 17.70 -6.37 22.57
N THR A 489 16.39 -6.22 22.76
CA THR A 489 15.86 -5.32 23.78
C THR A 489 16.31 -5.74 25.18
N VAL A 490 16.75 -4.76 25.97
CA VAL A 490 17.19 -5.00 27.34
C VAL A 490 16.01 -5.47 28.18
N ARG A 491 16.31 -6.34 29.15
CA ARG A 491 15.28 -6.92 30.00
C ARG A 491 15.07 -6.14 31.29
N GLN A 492 15.77 -5.04 31.49
CA GLN A 492 15.63 -4.20 32.67
C GLN A 492 15.53 -2.74 32.24
N ASP A 493 14.72 -1.97 32.97
CA ASP A 493 14.49 -0.57 32.63
C ASP A 493 14.17 0.22 33.90
N LEU A 494 14.89 1.32 34.09
CA LEU A 494 14.64 2.33 35.13
C LEU A 494 14.89 1.84 36.54
N GLU A 495 15.39 0.62 36.73
CA GLU A 495 15.64 0.12 38.07
C GLU A 495 16.85 0.77 38.73
N ARG A 496 17.79 1.30 37.94
CA ARG A 496 19.03 1.87 38.45
C ARG A 496 18.79 3.20 39.18
N GLN A 497 17.58 3.74 39.11
CA GLN A 497 17.20 4.92 39.89
C GLN A 497 16.62 4.54 41.25
N LEU A 498 15.65 3.64 41.27
CA LEU A 498 15.07 3.21 42.54
C LEU A 498 16.10 2.48 43.39
N GLY A 499 17.01 1.72 42.76
CA GLY A 499 18.02 1.00 43.50
C GLY A 499 18.88 1.86 44.39
N GLU A 500 19.08 3.12 44.01
CA GLU A 500 19.76 4.09 44.86
C GLU A 500 18.82 5.01 45.61
N LEU A 501 17.60 5.19 45.13
CA LEU A 501 16.64 6.08 45.77
C LEU A 501 16.05 5.48 47.04
N ARG A 502 15.97 4.15 47.12
CA ARG A 502 15.36 3.50 48.28
C ARG A 502 16.16 3.76 49.55
N GLU A 503 17.49 3.71 49.46
CA GLU A 503 18.30 3.91 50.66
C GLU A 503 18.16 5.33 51.20
N GLU A 504 18.08 6.33 50.31
CA GLU A 504 17.90 7.68 50.82
C GLU A 504 16.48 7.90 51.32
N PHE A 505 15.49 7.21 50.73
CA PHE A 505 14.19 7.11 51.39
C PHE A 505 14.33 6.64 52.84
N ASN A 506 15.07 5.56 53.05
CA ASN A 506 15.23 5.05 54.42
C ASN A 506 15.90 6.08 55.31
N ALA A 507 16.96 6.71 54.79
CA ALA A 507 17.70 7.69 55.58
C ALA A 507 16.83 8.87 55.98
N LEU A 508 16.01 9.38 55.06
CA LEU A 508 15.15 10.51 55.40
C LEU A 508 14.00 10.09 56.32
N SER A 509 13.44 8.89 56.12
CA SER A 509 12.36 8.41 56.96
C SER A 509 12.82 8.06 58.36
N GLN A 510 14.13 7.90 58.57
CA GLN A 510 14.63 7.67 59.92
C GLN A 510 14.20 8.78 60.88
N GLU A 511 14.14 10.02 60.41
CA GLU A 511 13.99 11.18 61.28
C GLU A 511 12.63 11.87 61.12
N ILE A 512 11.57 11.09 60.88
CA ILE A 512 10.22 11.63 60.82
C ILE A 512 9.87 12.18 62.20
N ALA A 513 8.92 13.13 62.26
CA ALA A 513 8.49 13.68 63.54
C ALA A 513 7.71 12.62 64.31
N MET A 514 7.17 12.99 65.47
CA MET A 514 6.58 12.01 66.35
C MET A 514 5.12 12.28 66.67
N SER A 515 4.71 13.55 66.74
CA SER A 515 3.32 13.88 67.01
C SER A 515 2.59 14.48 65.81
N GLN A 516 3.29 15.20 64.93
CA GLN A 516 2.63 15.88 63.84
C GLN A 516 2.17 14.94 62.74
N LEU A 517 2.89 13.83 62.51
CA LEU A 517 2.41 12.88 61.53
C LEU A 517 1.14 12.17 62.00
N ILE A 518 0.90 12.15 63.31
CA ILE A 518 -0.31 11.51 63.83
C ILE A 518 -1.55 12.25 63.35
N ASP A 519 -1.59 13.56 63.55
CA ASP A 519 -2.74 14.33 63.07
C ASP A 519 -2.62 14.67 61.59
N LEU A 520 -1.46 14.45 60.99
CA LEU A 520 -1.37 14.49 59.53
C LEU A 520 -2.19 13.38 58.90
N ALA A 521 -2.38 12.27 59.61
CA ALA A 521 -3.21 11.18 59.11
C ALA A 521 -4.69 11.46 59.22
N LEU A 522 -5.13 12.25 60.21
CA LEU A 522 -6.55 12.48 60.42
C LEU A 522 -7.21 13.22 59.27
N LEU A 523 -6.55 14.22 58.71
CA LEU A 523 -7.36 14.80 57.64
C LEU A 523 -7.35 13.88 56.42
N PRO A 524 -8.50 13.67 55.81
CA PRO A 524 -8.58 12.78 54.63
C PRO A 524 -7.99 13.44 53.39
N LEU A 525 -6.66 13.51 53.38
CA LEU A 525 -5.93 14.04 52.23
C LEU A 525 -6.27 13.23 50.99
N ASP A 526 -6.93 13.87 50.03
CA ASP A 526 -7.55 13.16 48.91
C ASP A 526 -6.56 13.00 47.77
N MET A 527 -7.06 12.57 46.61
CA MET A 527 -6.21 12.38 45.44
C MET A 527 -5.59 13.68 44.98
N PHE A 528 -6.35 14.78 45.01
CA PHE A 528 -5.83 16.07 44.59
C PHE A 528 -4.81 16.63 45.58
N SER A 529 -5.09 16.53 46.88
CA SER A 529 -4.22 17.14 47.88
C SER A 529 -2.83 16.54 47.91
N MET A 530 -2.71 15.22 47.82
CA MET A 530 -1.40 14.59 47.85
C MET A 530 -0.53 15.05 46.69
N PHE A 531 -1.12 15.20 45.51
CA PHE A 531 -0.38 15.41 44.27
C PHE A 531 -0.32 16.88 43.88
N SER A 532 -0.82 17.77 44.75
CA SER A 532 -0.85 19.20 44.43
C SER A 532 0.43 19.89 44.87
N GLY A 533 0.76 19.83 46.15
CA GLY A 533 1.93 20.51 46.66
C GLY A 533 3.22 19.80 46.35
N ILE A 534 3.50 19.59 45.07
CA ILE A 534 4.70 18.92 44.63
C ILE A 534 5.29 19.70 43.46
N LYS A 535 6.60 19.90 43.47
CA LYS A 535 7.25 20.61 42.38
C LYS A 535 7.33 19.72 41.15
N SER A 536 6.93 20.25 40.00
CA SER A 536 6.87 19.51 38.77
C SER A 536 7.63 20.14 37.61
N THR A 537 7.98 21.42 37.72
CA THR A 537 8.61 22.17 36.62
C THR A 537 7.80 22.01 35.34
N ILE A 538 6.50 22.36 35.42
CA ILE A 538 5.49 22.11 34.40
C ILE A 538 5.80 20.89 33.54
N ASP A 539 6.43 21.07 32.39
CA ASP A 539 6.56 20.07 31.33
C ASP A 539 5.34 19.15 31.27
N ALA A 540 5.35 18.05 32.01
CA ALA A 540 4.15 17.22 32.13
C ALA A 540 3.25 17.74 33.25
N ALA A 541 3.72 17.67 34.50
CA ALA A 541 2.98 18.22 35.67
C ALA A 541 1.57 17.63 35.78
N LYS A 542 1.02 17.12 34.68
CA LYS A 542 -0.38 16.64 34.66
C LYS A 542 -0.38 15.27 33.97
N SER A 543 -1.50 14.55 34.02
CA SER A 543 -1.57 13.16 33.48
C SER A 543 -0.68 12.30 34.36
N MET A 544 0.04 12.93 35.29
CA MET A 544 0.83 12.16 36.24
C MET A 544 -0.03 11.33 37.17
N ALA A 545 -1.23 11.80 37.51
CA ALA A 545 -2.18 10.96 38.22
C ALA A 545 -2.60 9.76 37.40
N THR A 546 -2.83 9.97 36.09
CA THR A 546 -3.15 8.85 35.22
C THR A 546 -2.00 7.85 35.16
N ASN A 547 -0.76 8.33 35.15
CA ASN A 547 0.38 7.43 35.14
C ASN A 547 0.44 6.60 36.42
N VAL A 548 0.26 7.24 37.58
CA VAL A 548 0.34 6.50 38.83
C VAL A 548 -0.78 5.47 38.90
N MET A 549 -1.99 5.80 38.46
CA MET A 549 -3.06 4.82 38.50
C MET A 549 -2.82 3.68 37.50
N LYS A 550 -2.29 4.02 36.32
CA LYS A 550 -2.01 3.00 35.32
C LYS A 550 -1.03 1.97 35.84
N LYS A 551 0.04 2.42 36.49
CA LYS A 551 0.96 1.43 37.02
C LYS A 551 0.48 0.82 38.34
N PHE A 552 -0.45 1.49 39.03
CA PHE A 552 -1.02 0.90 40.24
C PHE A 552 -1.96 -0.25 39.94
N LYS A 553 -2.62 -0.24 38.77
CA LYS A 553 -3.58 -1.30 38.48
C LYS A 553 -2.88 -2.66 38.24
N LYS A 554 -1.55 -2.69 38.33
CA LYS A 554 -0.79 -3.92 38.15
C LYS A 554 -0.08 -4.33 39.44
N SER A 555 -0.47 -3.78 40.57
CA SER A 555 0.19 -4.05 41.85
C SER A 555 -0.39 -5.32 42.48
N GLY A 556 0.18 -5.68 43.63
CA GLY A 556 -0.31 -6.85 44.36
C GLY A 556 -1.71 -6.67 44.91
N LEU A 557 -2.03 -5.47 45.39
CA LEU A 557 -3.35 -5.25 45.98
C LEU A 557 -4.46 -5.44 44.96
N ALA A 558 -4.24 -4.99 43.73
CA ALA A 558 -5.27 -5.13 42.71
C ALA A 558 -5.63 -6.59 42.47
N ASN A 559 -4.62 -7.43 42.21
CA ASN A 559 -4.90 -8.84 41.98
C ASN A 559 -5.44 -9.52 43.23
N SER A 560 -4.93 -9.15 44.41
CA SER A 560 -5.43 -9.75 45.64
C SER A 560 -6.91 -9.47 45.84
N VAL A 561 -7.32 -8.20 45.71
CA VAL A 561 -8.72 -7.85 45.88
C VAL A 561 -9.58 -8.45 44.78
N SER A 562 -9.06 -8.53 43.54
CA SER A 562 -9.83 -9.17 42.48
C SER A 562 -10.08 -10.64 42.79
N THR A 563 -9.05 -11.37 43.23
CA THR A 563 -9.23 -12.76 43.59
C THR A 563 -10.19 -12.93 44.76
N LEU A 564 -10.10 -12.06 45.76
CA LEU A 564 -11.00 -12.18 46.92
C LEU A 564 -12.44 -11.90 46.51
N THR A 565 -12.66 -10.90 45.65
CA THR A 565 -14.00 -10.64 45.15
C THR A 565 -14.52 -11.83 44.36
N ASP A 566 -13.67 -12.44 43.54
CA ASP A 566 -14.08 -13.63 42.79
C ASP A 566 -14.44 -14.77 43.73
N SER A 567 -13.65 -14.96 44.79
CA SER A 567 -13.95 -16.01 45.76
C SER A 567 -15.29 -15.78 46.42
N LEU A 568 -15.55 -14.55 46.86
CA LEU A 568 -16.85 -14.24 47.46
C LEU A 568 -17.98 -14.47 46.47
N SER A 569 -17.79 -14.06 45.21
CA SER A 569 -18.85 -14.18 44.22
C SER A 569 -19.19 -15.64 43.94
N ASP A 570 -18.19 -16.45 43.62
CA ASP A 570 -18.50 -17.83 43.26
C ASP A 570 -18.83 -18.70 44.47
N ALA A 571 -18.45 -18.28 45.68
CA ALA A 571 -18.95 -18.93 46.87
C ALA A 571 -20.34 -18.47 47.25
N ALA A 572 -20.79 -17.34 46.70
CA ALA A 572 -22.11 -16.80 47.07
C ALA A 572 -23.26 -17.63 46.53
N SER A 573 -23.01 -18.57 45.61
CA SER A 573 -24.05 -19.44 45.07
C SER A 573 -23.46 -20.83 44.86
N SER A 574 -23.63 -21.71 45.86
CA SER A 574 -23.23 -23.11 45.71
C SER A 574 -24.10 -23.94 46.65
N ILE A 575 -25.21 -24.47 46.13
CA ILE A 575 -25.96 -25.49 46.85
C ILE A 575 -25.36 -26.86 46.60
N SER A 576 -25.34 -27.29 45.34
CA SER A 576 -24.47 -28.37 44.89
C SER A 576 -23.76 -27.88 43.63
N ARG A 577 -22.74 -27.06 43.84
CA ARG A 577 -21.74 -26.75 42.82
C ARG A 577 -20.34 -27.11 43.31
N GLY A 578 -19.96 -26.62 44.48
CA GLY A 578 -18.76 -27.06 45.15
C GLY A 578 -19.13 -27.84 46.40
N SER A 579 -20.33 -27.57 46.91
CA SER A 579 -20.88 -28.28 48.07
C SER A 579 -19.97 -28.14 49.29
N SER A 580 -19.86 -26.89 49.74
CA SER A 580 -19.11 -26.52 50.94
C SER A 580 -17.64 -26.95 50.83
N ILE A 581 -16.96 -26.33 49.87
CA ILE A 581 -15.56 -26.64 49.63
C ILE A 581 -14.73 -26.14 50.81
N ARG A 582 -13.93 -27.04 51.37
CA ARG A 582 -12.91 -26.70 52.36
C ARG A 582 -13.48 -25.91 53.55
N SER A 583 -14.66 -26.32 54.02
CA SER A 583 -15.31 -25.63 55.14
C SER A 583 -14.89 -26.33 56.44
N ILE A 584 -13.84 -25.82 57.09
CA ILE A 584 -13.28 -26.49 58.26
C ILE A 584 -13.35 -25.60 59.50
N GLY A 585 -13.27 -24.28 59.31
CA GLY A 585 -13.12 -23.40 60.46
C GLY A 585 -14.36 -23.34 61.33
N SER A 586 -15.48 -22.90 60.76
CA SER A 586 -16.73 -22.77 61.50
C SER A 586 -17.90 -23.00 60.54
N SER A 587 -19.09 -22.53 60.93
CA SER A 587 -20.21 -22.48 60.01
C SER A 587 -19.74 -21.90 58.68
N ALA A 588 -20.15 -22.56 57.59
CA ALA A 588 -19.58 -22.30 56.26
C ALA A 588 -19.54 -20.82 55.95
N SER A 589 -18.33 -20.29 55.83
CA SER A 589 -18.10 -18.89 55.51
C SER A 589 -16.96 -18.79 54.51
N ALA A 590 -17.03 -17.77 53.66
CA ALA A 590 -16.06 -17.57 52.60
C ALA A 590 -14.84 -16.77 53.07
N TRP A 591 -14.78 -16.40 54.34
CA TRP A 591 -13.66 -15.61 54.83
C TRP A 591 -12.64 -16.42 55.61
N THR A 592 -13.02 -17.52 56.22
CA THR A 592 -12.09 -18.26 57.06
C THR A 592 -11.79 -19.65 56.55
N ASP A 593 -12.81 -20.44 56.22
CA ASP A 593 -12.63 -21.85 55.92
C ASP A 593 -11.87 -22.08 54.61
N VAL A 594 -12.21 -21.34 53.56
CA VAL A 594 -11.43 -21.44 52.33
C VAL A 594 -10.12 -20.66 52.43
N SER A 595 -10.02 -19.71 53.35
CA SER A 595 -8.78 -18.98 53.55
C SER A 595 -7.72 -19.84 54.23
N THR A 596 -8.11 -20.95 54.84
CA THR A 596 -7.16 -21.78 55.57
C THR A 596 -6.13 -22.44 54.65
N GLN A 597 -6.46 -22.61 53.36
CA GLN A 597 -5.63 -23.42 52.48
C GLN A 597 -4.86 -22.61 51.44
N ILE A 598 -4.47 -21.36 51.74
CA ILE A 598 -3.73 -20.58 50.76
C ILE A 598 -2.23 -20.80 50.91
N THR A 599 -1.74 -21.90 50.32
CA THR A 599 -0.33 -22.24 50.13
C THR A 599 0.41 -22.54 51.43
N ASP A 600 -0.21 -22.25 52.57
CA ASP A 600 0.11 -22.81 53.88
C ASP A 600 1.60 -23.14 54.11
N ILE A 601 2.49 -22.20 53.82
CA ILE A 601 3.92 -22.43 54.02
C ILE A 601 4.22 -22.29 55.51
N SER A 602 4.36 -23.42 56.20
CA SER A 602 4.61 -23.43 57.64
C SER A 602 5.71 -24.43 57.96
N SER A 603 6.52 -24.11 58.97
CA SER A 603 7.60 -25.00 59.39
C SER A 603 8.02 -24.64 60.80
N SER A 604 8.19 -25.66 61.64
CA SER A 604 8.72 -25.51 63.01
C SER A 604 7.87 -24.54 63.84
N VAL A 605 6.56 -24.83 63.90
CA VAL A 605 5.63 -23.97 64.61
C VAL A 605 4.38 -24.79 64.90
N SER A 606 3.60 -24.37 65.89
CA SER A 606 2.38 -25.07 66.25
C SER A 606 1.36 -25.01 65.11
N SER A 607 0.26 -25.74 65.28
CA SER A 607 -0.74 -25.86 64.23
C SER A 607 -1.68 -24.66 64.16
N VAL A 608 -2.32 -24.32 65.28
CA VAL A 608 -3.31 -23.24 65.30
C VAL A 608 -2.70 -21.91 64.88
N SER A 609 -1.39 -21.76 65.08
CA SER A 609 -0.71 -20.57 64.60
C SER A 609 -0.82 -20.43 63.08
N THR A 610 -0.76 -21.56 62.37
CA THR A 610 -0.86 -21.51 60.92
C THR A 610 -2.22 -20.99 60.47
N GLN A 611 -3.31 -21.53 61.01
CA GLN A 611 -4.63 -21.05 60.63
C GLN A 611 -4.83 -19.59 61.04
N THR A 612 -4.40 -19.22 62.26
CA THR A 612 -4.62 -17.83 62.66
C THR A 612 -3.82 -16.87 61.79
N SER A 613 -2.59 -17.23 61.42
CA SER A 613 -1.81 -16.37 60.52
C SER A 613 -2.44 -16.27 59.15
N THR A 614 -2.90 -17.40 58.59
CA THR A 614 -3.43 -17.36 57.23
C THR A 614 -4.76 -16.60 57.18
N ILE A 615 -5.60 -16.71 58.22
CA ILE A 615 -6.83 -15.93 58.20
C ILE A 615 -6.53 -14.45 58.46
N SER A 616 -5.57 -14.15 59.35
CA SER A 616 -5.24 -12.76 59.62
C SER A 616 -4.68 -12.07 58.38
N ARG A 617 -3.85 -12.78 57.61
CA ARG A 617 -3.27 -12.20 56.41
C ARG A 617 -4.34 -11.70 55.45
N ARG A 618 -5.41 -12.49 55.27
CA ARG A 618 -6.42 -12.16 54.28
C ARG A 618 -7.43 -11.15 54.82
N LEU A 619 -7.83 -11.29 56.10
CA LEU A 619 -8.73 -10.28 56.66
C LEU A 619 -8.03 -8.93 56.73
N ARG A 620 -6.71 -8.94 56.89
CA ARG A 620 -5.91 -7.74 56.70
C ARG A 620 -6.19 -7.11 55.34
N LEU A 621 -5.85 -7.82 54.26
CA LEU A 621 -5.94 -7.22 52.93
C LEU A 621 -7.37 -6.85 52.55
N LYS A 622 -8.38 -7.47 53.16
CA LYS A 622 -9.72 -7.09 52.73
C LYS A 622 -10.32 -5.97 53.58
N GLU A 623 -10.05 -5.93 54.89
CA GLU A 623 -10.49 -4.77 55.66
C GLU A 623 -9.57 -3.57 55.53
N MET A 624 -8.49 -3.67 54.75
CA MET A 624 -7.70 -2.48 54.46
C MET A 624 -8.53 -1.39 53.77
N ALA A 625 -9.29 -1.75 52.75
CA ALA A 625 -9.91 -0.77 51.88
C ALA A 625 -11.42 -0.88 51.74
N THR A 626 -12.11 -1.53 52.67
CA THR A 626 -13.56 -1.60 52.60
C THR A 626 -14.23 -0.85 53.74
N GLN A 627 -13.94 -1.19 54.99
CA GLN A 627 -14.64 -0.59 56.12
C GLN A 627 -14.00 -1.05 57.43
N THR A 628 -14.00 -0.15 58.40
CA THR A 628 -13.62 -0.40 59.79
C THR A 628 -14.00 0.84 60.57
N GLU A 629 -13.92 0.77 61.90
CA GLU A 629 -14.24 1.92 62.74
C GLU A 629 -12.96 2.72 62.99
N GLY A 630 -12.78 3.79 62.22
CA GLY A 630 -11.71 4.73 62.45
C GLY A 630 -10.31 4.33 62.01
N MET A 631 -9.39 4.30 62.97
CA MET A 631 -7.96 4.21 62.70
C MET A 631 -7.57 2.86 62.12
N ASN A 632 -6.53 2.87 61.28
CA ASN A 632 -5.95 1.65 60.74
C ASN A 632 -4.54 1.92 60.26
N PHE A 633 -3.82 0.84 59.97
CA PHE A 633 -2.40 0.94 59.60
C PHE A 633 -2.21 1.74 58.31
N ASP A 634 -3.09 1.54 57.33
CA ASP A 634 -2.96 2.25 56.06
C ASP A 634 -2.99 3.76 56.23
N ASP A 635 -3.64 4.26 57.28
CA ASP A 635 -3.63 5.70 57.53
C ASP A 635 -2.21 6.19 57.83
N ILE A 636 -1.52 5.52 58.76
CA ILE A 636 -0.14 5.88 59.07
C ILE A 636 0.74 5.69 57.84
N SER A 637 0.51 4.61 57.09
CA SER A 637 1.33 4.36 55.91
C SER A 637 1.17 5.49 54.89
N ALA A 638 -0.07 5.91 54.62
CA ALA A 638 -0.30 7.00 53.68
C ALA A 638 0.28 8.31 54.18
N ALA A 639 0.15 8.59 55.48
CA ALA A 639 0.69 9.83 56.03
C ALA A 639 2.21 9.87 55.88
N VAL A 640 2.88 8.79 56.25
CA VAL A 640 4.33 8.76 56.13
C VAL A 640 4.75 8.79 54.67
N LEU A 641 3.99 8.15 53.78
CA LEU A 641 4.30 8.20 52.36
C LEU A 641 4.23 9.62 51.82
N LYS A 642 3.18 10.36 52.21
CA LYS A 642 3.06 11.74 51.75
C LYS A 642 4.17 12.62 52.29
N THR A 643 4.38 12.60 53.61
CA THR A 643 5.42 13.44 54.21
C THR A 643 6.80 12.96 53.82
N LYS A 644 6.88 11.78 53.20
CA LYS A 644 8.14 11.25 52.72
C LYS A 644 8.42 11.71 51.29
N ILE A 645 7.41 11.64 50.43
CA ILE A 645 7.58 12.03 49.03
C ILE A 645 7.70 13.54 48.86
N ASP A 646 7.00 14.36 49.64
CA ASP A 646 7.09 15.79 49.42
C ASP A 646 8.45 16.36 49.77
N LYS A 647 9.13 15.78 50.75
CA LYS A 647 10.43 16.26 51.23
C LYS A 647 11.51 15.34 50.70
N SER A 648 12.02 15.65 49.51
CA SER A 648 13.09 14.89 48.90
C SER A 648 13.89 15.85 48.03
N THR A 649 14.90 15.31 47.34
CA THR A 649 15.72 16.14 46.46
C THR A 649 15.86 15.49 45.09
N GLN A 650 15.74 14.16 45.02
CA GLN A 650 15.93 13.42 43.79
C GLN A 650 14.61 13.00 43.16
N ILE A 651 13.48 13.49 43.67
CA ILE A 651 12.20 13.01 43.16
C ILE A 651 11.86 13.70 41.84
N SER A 652 11.20 12.96 40.97
CA SER A 652 10.80 13.47 39.66
C SER A 652 9.39 12.98 39.35
N PRO A 653 8.67 13.69 38.46
CA PRO A 653 7.31 13.26 38.12
C PRO A 653 7.23 11.90 37.45
N ASN A 654 8.32 11.39 36.89
CA ASN A 654 8.31 10.11 36.18
C ASN A 654 8.87 8.99 37.04
N THR A 655 8.94 9.16 38.36
CA THR A 655 9.42 8.11 39.24
C THR A 655 8.59 7.93 40.49
N ILE A 656 7.55 8.72 40.70
CA ILE A 656 6.64 8.53 41.83
C ILE A 656 5.64 7.38 41.63
N PRO A 657 5.13 7.09 40.42
CA PRO A 657 4.08 6.06 40.33
C PRO A 657 4.50 4.72 40.91
N ASP A 658 5.60 4.16 40.42
CA ASP A 658 6.06 2.90 40.99
C ASP A 658 6.28 3.02 42.49
N ILE A 659 7.09 3.99 42.93
CA ILE A 659 7.48 4.02 44.34
C ILE A 659 6.24 4.07 45.24
N VAL A 660 5.22 4.84 44.87
CA VAL A 660 4.01 4.83 45.68
C VAL A 660 3.34 3.46 45.60
N THR A 661 3.40 2.80 44.43
CA THR A 661 2.77 1.47 44.35
C THR A 661 3.42 0.48 45.31
N GLU A 662 4.74 0.31 45.28
CA GLU A 662 5.30 -0.71 46.18
C GLU A 662 5.33 -0.22 47.63
N ALA A 663 5.36 1.09 47.84
CA ALA A 663 5.29 1.60 49.21
C ALA A 663 3.93 1.30 49.81
N SER A 664 2.89 1.33 48.99
CA SER A 664 1.55 0.99 49.48
C SER A 664 1.43 -0.46 49.88
N GLU A 665 2.28 -1.34 49.36
CA GLU A 665 2.13 -2.77 49.62
C GLU A 665 3.13 -3.34 50.61
N LYS A 666 4.37 -2.88 50.63
CA LYS A 666 5.29 -3.45 51.63
C LYS A 666 5.55 -2.53 52.81
N PHE A 667 4.84 -1.42 52.95
CA PHE A 667 4.84 -0.71 54.23
C PHE A 667 4.05 -1.50 55.27
N ILE A 668 4.62 -1.61 56.47
CA ILE A 668 3.99 -2.24 57.63
C ILE A 668 3.51 -3.63 57.26
N PRO A 669 4.41 -4.61 57.08
CA PRO A 669 3.96 -5.99 56.89
C PRO A 669 3.52 -6.64 58.19
N ASN A 670 4.20 -6.31 59.28
CA ASN A 670 3.89 -6.91 60.59
C ASN A 670 2.79 -6.09 61.25
N ARG A 671 1.59 -6.65 61.32
CA ARG A 671 0.43 -5.97 61.88
C ARG A 671 -0.30 -6.90 62.85
N ALA A 672 -1.44 -6.41 63.34
CA ALA A 672 -2.30 -7.18 64.24
C ALA A 672 -3.69 -6.57 64.19
N TYR A 673 -4.67 -7.34 64.69
CA TYR A 673 -6.07 -6.92 64.63
C TYR A 673 -6.81 -7.46 65.84
N ARG A 674 -7.85 -6.73 66.26
CA ARG A 674 -8.62 -7.03 67.45
C ARG A 674 -10.11 -6.91 67.15
N VAL A 675 -10.94 -7.58 67.93
CA VAL A 675 -12.39 -7.35 67.94
C VAL A 675 -12.92 -7.53 69.36
N ILE A 676 -13.76 -6.59 69.82
CA ILE A 676 -14.42 -6.66 71.11
C ILE A 676 -15.76 -7.37 70.93
N ASN A 677 -16.18 -8.12 71.95
CA ASN A 677 -17.45 -8.83 71.90
C ASN A 677 -17.85 -9.21 73.31
N ASN A 678 -18.89 -8.57 73.84
CA ASN A 678 -19.45 -8.89 75.16
C ASN A 678 -18.35 -8.83 76.23
N ASP A 679 -17.86 -7.62 76.44
CA ASP A 679 -16.76 -7.28 77.36
C ASP A 679 -15.62 -8.29 77.30
N ASP A 680 -15.34 -8.77 76.08
CA ASP A 680 -14.27 -9.73 75.83
C ASP A 680 -13.72 -9.45 74.45
N VAL A 681 -12.38 -9.46 74.34
CA VAL A 681 -11.71 -9.10 73.09
C VAL A 681 -10.78 -10.23 72.69
N PHE A 682 -10.63 -10.43 71.38
CA PHE A 682 -9.77 -11.45 70.81
C PHE A 682 -8.61 -10.77 70.08
N GLU A 683 -7.81 -11.59 69.40
CA GLU A 683 -6.63 -11.10 68.72
C GLU A 683 -6.43 -11.86 67.42
N ALA A 684 -5.69 -11.25 66.51
CA ALA A 684 -5.36 -11.86 65.22
C ALA A 684 -3.88 -12.23 65.15
N GLY A 685 -2.99 -11.25 65.34
CA GLY A 685 -1.57 -11.55 65.47
C GLY A 685 -0.93 -12.17 64.26
N ILE A 686 -0.78 -11.40 63.17
CA ILE A 686 -0.02 -11.87 62.03
C ILE A 686 1.34 -12.37 62.49
N ASP A 687 1.83 -13.43 61.84
CA ASP A 687 3.00 -14.20 62.27
C ASP A 687 2.68 -15.03 63.52
N GLY A 688 1.41 -15.44 63.64
CA GLY A 688 0.99 -16.40 64.64
C GLY A 688 1.11 -15.97 66.08
N LYS A 689 1.10 -14.67 66.36
CA LYS A 689 1.24 -14.19 67.74
C LYS A 689 -0.15 -13.97 68.31
N PHE A 690 -0.76 -15.04 68.80
CA PHE A 690 -2.12 -15.02 69.34
C PHE A 690 -2.09 -15.19 70.85
N PHE A 691 -2.87 -14.36 71.55
CA PHE A 691 -3.02 -14.45 73.00
C PHE A 691 -4.17 -13.55 73.45
N ALA A 692 -5.04 -14.09 74.29
CA ALA A 692 -6.36 -13.50 74.52
C ALA A 692 -6.31 -12.39 75.59
N TYR A 693 -7.50 -11.92 75.92
CA TYR A 693 -7.67 -10.83 76.88
C TYR A 693 -9.10 -10.80 77.41
N LYS A 694 -9.23 -10.37 78.66
CA LYS A 694 -10.51 -10.10 79.29
C LYS A 694 -10.55 -8.63 79.67
N VAL A 695 -11.67 -7.97 79.34
CA VAL A 695 -11.71 -6.51 79.17
C VAL A 695 -11.15 -5.73 80.35
N ASP A 696 -11.10 -6.30 81.54
CA ASP A 696 -10.95 -5.46 82.73
C ASP A 696 -9.52 -4.94 82.88
N THR A 697 -8.56 -5.80 83.23
CA THR A 697 -7.18 -5.35 83.38
C THR A 697 -6.19 -6.08 82.49
N PHE A 698 -5.96 -7.38 82.73
CA PHE A 698 -4.99 -8.10 81.91
C PHE A 698 -5.31 -9.58 81.71
N GLU A 699 -6.43 -10.08 82.23
CA GLU A 699 -6.62 -11.52 82.39
C GLU A 699 -6.66 -12.25 81.05
N GLU A 700 -6.21 -13.50 81.06
CA GLU A 700 -6.26 -14.38 79.90
C GLU A 700 -7.15 -15.57 80.17
N ILE A 701 -7.91 -15.97 79.15
CA ILE A 701 -8.61 -17.25 79.14
C ILE A 701 -8.35 -17.86 77.77
N PRO A 702 -8.11 -19.17 77.67
CA PRO A 702 -7.81 -19.77 76.37
C PRO A 702 -8.90 -19.49 75.36
N PHE A 703 -8.47 -19.21 74.14
CA PHE A 703 -9.35 -18.77 73.06
C PHE A 703 -10.03 -19.96 72.41
N ASP A 704 -10.84 -19.67 71.39
CA ASP A 704 -11.47 -20.69 70.57
C ASP A 704 -11.44 -20.25 69.11
N VAL A 705 -10.93 -21.12 68.24
CA VAL A 705 -10.89 -20.83 66.82
C VAL A 705 -12.28 -20.67 66.22
N GLN A 706 -13.22 -21.55 66.59
CA GLN A 706 -14.59 -21.40 66.12
C GLN A 706 -15.18 -20.07 66.58
N LYS A 707 -14.91 -19.69 67.83
CA LYS A 707 -15.42 -18.43 68.36
C LYS A 707 -14.80 -17.22 67.67
N PHE A 708 -13.58 -17.35 67.17
CA PHE A 708 -12.99 -16.28 66.37
C PHE A 708 -13.61 -16.23 64.98
N ALA A 709 -13.81 -17.41 64.37
CA ALA A 709 -14.30 -17.46 63.00
C ALA A 709 -15.72 -16.95 62.89
N ASP A 710 -16.64 -17.45 63.73
CA ASP A 710 -18.02 -16.97 63.66
C ASP A 710 -18.14 -15.53 64.10
N LEU A 711 -17.09 -14.98 64.73
CA LEU A 711 -17.11 -13.59 65.16
C LEU A 711 -16.67 -12.65 64.05
N VAL A 712 -15.45 -12.86 63.53
CA VAL A 712 -14.89 -11.96 62.52
C VAL A 712 -15.69 -11.96 61.22
N THR A 713 -16.39 -13.05 60.90
CA THR A 713 -17.05 -13.18 59.62
C THR A 713 -18.11 -12.11 59.38
N ASP A 714 -18.59 -11.44 60.42
CA ASP A 714 -19.55 -10.35 60.21
C ASP A 714 -19.29 -9.11 61.05
N SER A 715 -18.34 -9.13 61.98
CA SER A 715 -18.14 -7.99 62.87
C SER A 715 -17.12 -7.02 62.28
N PRO A 716 -17.26 -5.72 62.60
CA PRO A 716 -16.25 -4.74 62.18
C PRO A 716 -14.96 -4.88 62.96
N VAL A 717 -13.91 -5.38 62.31
CA VAL A 717 -12.62 -5.55 62.97
C VAL A 717 -12.00 -4.18 63.21
N ILE A 718 -11.10 -4.12 64.19
CA ILE A 718 -10.34 -2.91 64.49
C ILE A 718 -8.86 -3.19 64.31
N SER A 719 -8.16 -2.24 63.70
CA SER A 719 -6.72 -2.30 63.64
C SER A 719 -6.12 -2.24 65.04
N ALA A 720 -5.13 -3.08 65.28
CA ALA A 720 -4.45 -3.16 66.56
C ALA A 720 -3.19 -2.31 66.48
N ILE A 721 -3.36 -1.00 66.72
CA ILE A 721 -2.19 -0.13 66.79
C ILE A 721 -1.33 -0.50 67.98
N ILE A 722 -1.96 -0.87 69.10
CA ILE A 722 -1.26 -1.20 70.33
C ILE A 722 -1.64 -2.63 70.72
N ASP A 723 -0.63 -3.46 70.99
CA ASP A 723 -0.83 -4.86 71.30
C ASP A 723 -0.71 -5.09 72.80
N PHE A 724 -1.34 -6.18 73.26
CA PHE A 724 -1.38 -6.48 74.69
C PHE A 724 -0.01 -6.49 75.34
N LYS A 725 1.03 -6.92 74.66
CA LYS A 725 2.31 -6.96 75.36
C LYS A 725 2.67 -5.57 75.84
N THR A 726 2.48 -4.58 74.96
CA THR A 726 2.59 -3.18 75.36
C THR A 726 1.45 -2.73 76.29
N LEU A 727 0.25 -3.31 76.19
CA LEU A 727 -0.81 -2.95 77.14
C LEU A 727 -0.41 -3.27 78.57
N LYS A 728 -0.01 -4.51 78.84
CA LYS A 728 0.40 -4.87 80.19
C LYS A 728 1.72 -4.22 80.55
N ASN A 729 2.55 -3.87 79.57
CA ASN A 729 3.73 -3.08 79.88
C ASN A 729 3.35 -1.69 80.39
N LEU A 730 2.39 -1.04 79.73
CA LEU A 730 1.93 0.28 80.13
C LEU A 730 1.08 0.24 81.40
N ASN A 731 0.49 -0.90 81.73
CA ASN A 731 -0.44 -1.00 82.85
C ASN A 731 0.24 -0.61 84.18
N ASP A 732 1.57 -0.55 84.21
CA ASP A 732 2.25 -0.01 85.38
C ASP A 732 1.88 1.45 85.62
N ASN A 733 1.78 2.25 84.55
CA ASN A 733 1.06 3.51 84.64
C ASN A 733 -0.44 3.24 84.63
N TYR A 734 -1.20 4.11 85.29
CA TYR A 734 -2.59 3.76 85.58
C TYR A 734 -3.48 3.84 84.35
N GLY A 735 -3.72 5.05 83.85
CA GLY A 735 -4.52 5.27 82.65
C GLY A 735 -5.75 4.40 82.52
N ILE A 736 -6.73 4.56 83.42
CA ILE A 736 -7.82 3.59 83.55
C ILE A 736 -9.16 4.32 83.57
N THR A 737 -10.21 3.54 83.34
CA THR A 737 -11.63 3.83 83.59
C THR A 737 -12.23 4.82 82.61
N LYS A 738 -11.41 5.47 81.79
CA LYS A 738 -11.95 6.17 80.63
C LYS A 738 -11.03 5.93 79.43
N GLN A 739 -9.76 5.65 79.72
CA GLN A 739 -8.79 5.43 78.66
C GLN A 739 -8.79 3.99 78.20
N GLN A 740 -9.22 3.06 79.06
CA GLN A 740 -9.26 1.66 78.66
C GLN A 740 -10.35 1.43 77.60
N ALA A 741 -11.54 1.98 77.82
CA ALA A 741 -12.65 1.72 76.90
C ALA A 741 -12.44 2.46 75.57
N PHE A 742 -11.50 3.40 75.53
CA PHE A 742 -11.22 4.12 74.29
C PHE A 742 -10.01 3.56 73.58
N ASN A 743 -8.87 3.52 74.27
CA ASN A 743 -7.65 2.97 73.69
C ASN A 743 -7.78 1.49 73.37
N LEU A 744 -8.65 0.75 74.06
CA LEU A 744 -8.95 -0.63 73.70
C LEU A 744 -9.75 -0.72 72.42
N LEU A 745 -10.61 0.26 72.14
CA LEU A 745 -11.22 0.39 70.82
C LEU A 745 -10.19 0.75 69.76
N ARG A 746 -9.01 1.23 70.17
CA ARG A 746 -7.82 1.28 69.32
C ARG A 746 -8.04 2.13 68.07
N SER A 747 -8.95 3.10 68.16
CA SER A 747 -9.33 3.85 66.97
C SER A 747 -9.35 5.35 67.20
N ASP A 748 -9.33 5.78 68.44
CA ASP A 748 -9.41 7.21 68.70
C ASP A 748 -8.03 7.82 68.77
N PRO A 749 -7.69 8.78 67.91
CA PRO A 749 -6.38 9.42 68.01
C PRO A 749 -6.24 10.34 69.20
N ARG A 750 -7.36 10.72 69.84
CA ARG A 750 -7.31 11.71 70.91
C ARG A 750 -6.48 11.24 72.09
N VAL A 751 -6.79 10.04 72.63
CA VAL A 751 -6.12 9.58 73.83
C VAL A 751 -4.66 9.27 73.55
N LEU A 752 -4.37 8.66 72.40
CA LEU A 752 -2.99 8.37 72.05
C LEU A 752 -2.18 9.64 71.83
N ARG A 753 -2.79 10.66 71.23
CA ARG A 753 -2.11 11.95 71.10
C ARG A 753 -1.84 12.56 72.47
N GLU A 754 -2.82 12.53 73.36
CA GLU A 754 -2.63 13.09 74.69
C GLU A 754 -1.55 12.36 75.47
N PHE A 755 -1.47 11.03 75.34
CA PHE A 755 -0.37 10.29 75.96
C PHE A 755 0.96 10.66 75.34
N ILE A 756 1.06 10.67 74.00
CA ILE A 756 2.35 10.86 73.35
C ILE A 756 2.89 12.26 73.60
N ASN A 757 2.02 13.25 73.68
CA ASN A 757 2.44 14.64 73.78
C ASN A 757 3.25 14.92 75.04
N GLN A 758 2.86 14.36 76.18
CA GLN A 758 3.52 14.70 77.44
C GLN A 758 4.11 13.50 78.17
N ASP A 759 3.42 12.35 78.12
CA ASP A 759 3.83 11.22 78.95
C ASP A 759 5.12 10.56 78.49
N ASN A 760 5.38 10.55 77.19
CA ASN A 760 6.51 9.82 76.61
C ASN A 760 6.56 8.37 77.09
N PRO A 761 5.45 7.62 76.98
CA PRO A 761 5.42 6.26 77.53
C PRO A 761 5.98 5.22 76.58
N ILE A 762 5.82 3.95 76.95
CA ILE A 762 6.25 2.84 76.12
C ILE A 762 5.62 2.91 74.73
N ILE A 763 4.41 3.47 74.62
CA ILE A 763 3.74 3.53 73.32
C ILE A 763 4.53 4.39 72.34
N ARG A 764 5.28 5.36 72.86
CA ARG A 764 6.17 6.12 71.99
C ARG A 764 7.19 5.20 71.32
N ASN A 765 7.81 4.32 72.10
CA ASN A 765 8.72 3.34 71.51
C ASN A 765 7.98 2.41 70.56
N ARG A 766 6.77 1.98 70.93
CA ARG A 766 6.02 1.06 70.08
C ARG A 766 5.79 1.66 68.70
N ILE A 767 5.26 2.88 68.64
CA ILE A 767 5.00 3.47 67.33
C ILE A 767 6.28 3.96 66.66
N GLU A 768 7.36 4.21 67.41
CA GLU A 768 8.61 4.54 66.76
C GLU A 768 9.18 3.34 66.02
N GLN A 769 9.22 2.16 66.66
CA GLN A 769 9.54 0.96 65.91
C GLN A 769 8.55 0.69 64.79
N LEU A 770 7.27 0.99 64.98
CA LEU A 770 6.31 0.81 63.91
C LEU A 770 6.66 1.68 62.70
N ILE A 771 7.03 2.93 62.94
CA ILE A 771 7.43 3.82 61.85
C ILE A 771 8.68 3.29 61.18
N MET A 772 9.68 2.89 61.98
CA MET A 772 10.85 2.23 61.42
C MET A 772 10.52 0.89 60.79
N GLN A 773 9.45 0.22 61.25
CA GLN A 773 9.17 -1.13 60.79
C GLN A 773 8.75 -1.13 59.32
N CYS A 774 8.31 0.00 58.79
CA CYS A 774 8.08 0.15 57.35
C CYS A 774 9.29 0.85 56.74
N ARG A 775 10.39 0.08 56.62
CA ARG A 775 11.59 0.60 55.99
C ARG A 775 11.32 0.97 54.54
N LEU A 776 10.76 0.04 53.78
CA LEU A 776 10.39 0.30 52.39
C LEU A 776 9.05 -0.35 52.08
N MET B 1 -24.08 -1.50 51.24
CA MET B 1 -23.20 -2.21 50.29
C MET B 1 -23.31 -1.56 48.91
N ALA B 2 -24.42 -1.77 48.19
CA ALA B 2 -24.54 -1.25 46.80
C ALA B 2 -24.54 0.28 46.73
N SER B 3 -25.13 0.96 47.71
CA SER B 3 -25.23 2.45 47.71
C SER B 3 -24.19 3.10 46.78
N LEU B 4 -22.89 2.95 47.07
CA LEU B 4 -21.85 3.61 46.30
C LEU B 4 -21.67 3.00 44.92
N ILE B 5 -22.00 1.73 44.71
CA ILE B 5 -21.90 1.16 43.36
C ILE B 5 -22.87 1.88 42.42
N TYR B 6 -24.13 2.00 42.82
CA TYR B 6 -25.10 2.74 42.02
C TYR B 6 -24.86 4.25 42.07
N ARG B 7 -24.19 4.76 43.11
CA ARG B 7 -23.80 6.16 43.11
C ARG B 7 -22.76 6.44 42.02
N GLN B 8 -21.75 5.57 41.92
CA GLN B 8 -20.68 5.74 40.96
C GLN B 8 -21.12 5.44 39.54
N LEU B 9 -21.98 4.44 39.33
CA LEU B 9 -22.55 4.23 38.00
C LEU B 9 -23.35 5.43 37.53
N LEU B 10 -23.80 6.29 38.44
CA LEU B 10 -24.62 7.44 38.10
C LEU B 10 -23.82 8.73 37.98
N THR B 11 -22.75 8.90 38.75
CA THR B 11 -21.97 10.13 38.69
C THR B 11 -21.15 10.25 37.40
N ASN B 12 -20.60 9.15 36.89
CA ASN B 12 -19.64 9.17 35.80
C ASN B 12 -20.27 9.56 34.45
N SER B 13 -21.53 9.97 34.49
CA SER B 13 -22.15 10.58 33.32
C SER B 13 -21.38 11.81 32.87
N TYR B 14 -20.65 12.45 33.79
CA TYR B 14 -19.85 13.62 33.43
C TYR B 14 -18.60 13.20 32.66
N THR B 15 -18.27 11.92 32.67
CA THR B 15 -17.08 11.40 32.00
C THR B 15 -17.41 10.69 30.71
N VAL B 16 -18.58 10.06 30.62
CA VAL B 16 -18.93 9.33 29.40
C VAL B 16 -19.00 10.28 28.20
N ASP B 17 -19.50 11.50 28.41
CA ASP B 17 -19.55 12.47 27.32
C ASP B 17 -18.15 12.87 26.88
N LEU B 18 -17.24 13.07 27.83
CA LEU B 18 -15.85 13.30 27.48
C LEU B 18 -15.32 12.15 26.64
N SER B 19 -15.66 10.92 27.01
CA SER B 19 -15.16 9.75 26.30
C SER B 19 -15.63 9.76 24.85
N ASP B 20 -16.93 9.98 24.62
CA ASP B 20 -17.41 9.92 23.25
C ASP B 20 -16.87 11.08 22.42
N GLU B 21 -16.76 12.27 23.03
CA GLU B 21 -16.20 13.41 22.33
C GLU B 21 -14.76 13.15 21.92
N ILE B 22 -13.94 12.63 22.85
CA ILE B 22 -12.53 12.44 22.54
C ILE B 22 -12.35 11.34 21.51
N GLN B 23 -13.15 10.26 21.59
CA GLN B 23 -13.03 9.21 20.59
C GLN B 23 -13.39 9.75 19.21
N GLU B 24 -14.43 10.57 19.11
CA GLU B 24 -14.83 11.09 17.81
C GLU B 24 -13.76 12.03 17.25
N ILE B 25 -13.31 12.98 18.06
CA ILE B 25 -12.34 13.97 17.56
C ILE B 25 -11.01 13.30 17.26
N GLY B 26 -10.68 12.21 17.97
CA GLY B 26 -9.51 11.43 17.59
C GLY B 26 -9.70 10.72 16.27
N SER B 27 -10.91 10.21 16.02
CA SER B 27 -11.21 9.62 14.72
C SER B 27 -11.04 10.65 13.60
N THR B 28 -11.32 11.92 13.90
CA THR B 28 -11.16 12.97 12.90
C THR B 28 -9.70 13.22 12.53
N LYS B 29 -8.81 13.29 13.53
CA LYS B 29 -7.43 13.72 13.31
C LYS B 29 -6.43 12.57 13.25
N SER B 30 -6.89 11.35 12.97
CA SER B 30 -5.98 10.22 12.89
C SER B 30 -4.96 10.42 11.78
N GLN B 31 -3.73 9.98 12.04
CA GLN B 31 -2.63 10.16 11.09
C GLN B 31 -2.65 9.02 10.06
N ASN B 32 -1.61 8.96 9.25
CA ASN B 32 -1.48 7.94 8.21
C ASN B 32 -0.97 6.63 8.79
N VAL B 33 -1.21 5.56 8.05
CA VAL B 33 -0.73 4.22 8.41
C VAL B 33 0.00 3.65 7.20
N THR B 34 1.26 3.27 7.39
CA THR B 34 2.11 2.79 6.31
C THR B 34 2.49 1.34 6.58
N ILE B 35 2.33 0.49 5.58
CA ILE B 35 2.73 -0.91 5.69
C ILE B 35 4.21 -1.01 5.43
N ASN B 36 4.79 -2.17 5.71
CA ASN B 36 6.20 -2.34 5.39
C ASN B 36 6.38 -3.20 4.15
N PRO B 37 7.33 -2.86 3.28
CA PRO B 37 7.53 -3.68 2.08
C PRO B 37 7.90 -5.13 2.39
N GLY B 38 8.63 -5.38 3.47
CA GLY B 38 9.01 -6.72 3.84
C GLY B 38 10.45 -7.03 3.49
N PRO B 39 10.97 -8.13 4.04
CA PRO B 39 12.38 -8.50 3.83
C PRO B 39 12.61 -9.25 2.50
N PHE B 40 12.14 -8.67 1.41
CA PHE B 40 12.33 -9.27 0.09
C PHE B 40 12.34 -8.17 -0.96
N ALA B 41 12.91 -8.49 -2.11
CA ALA B 41 12.93 -7.58 -3.25
C ALA B 41 12.12 -8.20 -4.39
N GLN B 42 11.07 -7.50 -4.82
CA GLN B 42 10.22 -7.97 -5.90
C GLN B 42 10.69 -7.30 -7.19
N THR B 43 11.10 -8.13 -8.15
CA THR B 43 11.63 -7.68 -9.43
C THR B 43 10.96 -8.42 -10.57
N GLY B 44 11.24 -7.97 -11.79
CA GLY B 44 10.71 -8.61 -12.97
C GLY B 44 11.32 -8.05 -14.23
N TYR B 45 11.14 -8.78 -15.32
CA TYR B 45 11.62 -8.37 -16.63
C TYR B 45 10.74 -7.24 -17.15
N ALA B 46 11.18 -6.00 -16.94
CA ALA B 46 10.36 -4.83 -17.24
C ALA B 46 10.30 -4.50 -18.74
N PRO B 47 11.42 -4.24 -19.42
CA PRO B 47 11.32 -3.63 -20.76
C PRO B 47 11.18 -4.64 -21.89
N VAL B 48 10.00 -5.23 -22.00
CA VAL B 48 9.72 -6.19 -23.05
C VAL B 48 9.30 -5.44 -24.31
N ASN B 49 9.74 -5.93 -25.46
CA ASN B 49 9.34 -5.40 -26.76
C ASN B 49 9.43 -6.54 -27.77
N TRP B 50 9.05 -6.23 -29.01
CA TRP B 50 9.03 -7.27 -30.03
C TRP B 50 9.40 -6.66 -31.38
N GLY B 51 10.24 -7.38 -32.12
CA GLY B 51 10.73 -6.93 -33.40
C GLY B 51 11.37 -8.06 -34.17
N PRO B 52 11.56 -7.88 -35.47
CA PRO B 52 12.12 -8.95 -36.29
C PRO B 52 13.63 -8.86 -36.43
N GLY B 53 14.22 -9.88 -37.04
CA GLY B 53 15.64 -9.86 -37.37
C GLY B 53 15.85 -10.40 -38.77
N GLU B 54 16.55 -9.64 -39.61
CA GLU B 54 16.58 -9.94 -41.03
C GLU B 54 18.02 -9.93 -41.53
N ILE B 55 18.28 -10.80 -42.51
CA ILE B 55 19.59 -10.91 -43.17
C ILE B 55 19.37 -10.80 -44.67
N ASN B 56 19.95 -9.76 -45.29
CA ASN B 56 19.79 -9.55 -46.72
C ASN B 56 20.66 -8.40 -47.18
N ASP B 57 21.06 -8.44 -48.45
CA ASP B 57 21.55 -7.30 -49.19
C ASP B 57 21.47 -7.63 -50.66
N SER B 58 20.98 -6.67 -51.45
CA SER B 58 20.83 -6.86 -52.90
C SER B 58 20.89 -5.49 -53.56
N THR B 59 21.97 -5.24 -54.29
CA THR B 59 22.12 -4.02 -55.08
C THR B 59 23.00 -4.32 -56.30
N THR B 60 22.35 -4.55 -57.45
CA THR B 60 23.03 -4.93 -58.67
C THR B 60 22.74 -3.94 -59.81
N VAL B 61 22.27 -2.74 -59.49
CA VAL B 61 21.71 -1.86 -60.50
C VAL B 61 22.65 -0.68 -60.75
N GLU B 62 23.95 -0.89 -60.55
CA GLU B 62 24.87 0.22 -60.72
C GLU B 62 25.97 -0.02 -61.77
N PRO B 63 25.65 -0.52 -62.97
CA PRO B 63 26.70 -0.61 -64.00
C PRO B 63 27.02 0.73 -64.62
N LEU B 64 25.97 1.51 -64.91
CA LEU B 64 26.01 2.85 -65.49
C LEU B 64 26.70 2.85 -66.85
N LEU B 65 27.10 1.68 -67.33
CA LEU B 65 27.72 1.51 -68.64
C LEU B 65 27.30 0.16 -69.19
N ASP B 66 26.59 0.17 -70.32
CA ASP B 66 25.96 -1.06 -70.80
C ASP B 66 26.98 -2.02 -71.41
N GLY B 67 28.16 -1.53 -71.74
CA GLY B 67 29.24 -2.40 -72.17
C GLY B 67 29.45 -2.42 -73.67
N PRO B 68 30.61 -2.93 -74.10
CA PRO B 68 30.89 -3.07 -75.54
C PRO B 68 30.07 -4.20 -76.14
N TYR B 69 29.68 -4.03 -77.41
CA TYR B 69 28.82 -4.99 -78.09
C TYR B 69 29.45 -5.41 -79.41
N GLN B 70 29.10 -6.60 -79.88
CA GLN B 70 29.63 -7.13 -81.13
C GLN B 70 29.26 -6.23 -82.31
N PRO B 71 30.18 -6.05 -83.26
CA PRO B 71 29.80 -5.39 -84.52
C PRO B 71 28.87 -6.26 -85.34
N THR B 72 27.61 -5.87 -85.47
CA THR B 72 26.60 -6.71 -86.13
C THR B 72 25.58 -5.79 -86.80
N THR B 73 24.92 -6.32 -87.83
CA THR B 73 23.83 -5.62 -88.50
C THR B 73 22.65 -5.54 -87.54
N PHE B 74 22.10 -4.34 -87.38
CA PHE B 74 21.04 -4.13 -86.41
C PHE B 74 19.70 -3.83 -87.08
N ASN B 75 18.64 -3.87 -86.26
CA ASN B 75 17.34 -3.29 -86.57
C ASN B 75 16.98 -2.46 -85.36
N PRO B 76 17.70 -1.35 -85.12
CA PRO B 76 17.57 -0.62 -83.86
C PRO B 76 16.16 -0.08 -83.68
N PRO B 77 15.68 -0.02 -82.44
CA PRO B 77 14.31 0.41 -82.19
C PRO B 77 14.19 1.93 -82.28
N VAL B 78 12.96 2.40 -82.12
CA VAL B 78 12.65 3.81 -82.21
C VAL B 78 13.28 4.53 -81.02
N ASP B 79 13.55 5.84 -81.20
CA ASP B 79 13.96 6.81 -80.18
C ASP B 79 14.87 6.18 -79.12
N TYR B 80 16.11 5.93 -79.52
CA TYR B 80 17.09 5.41 -78.59
C TYR B 80 18.45 6.01 -78.95
N TRP B 81 19.37 6.03 -77.98
CA TRP B 81 20.67 6.67 -78.15
C TRP B 81 21.75 5.59 -78.25
N MET B 82 22.67 5.73 -79.20
CA MET B 82 23.64 4.70 -79.53
C MET B 82 25.03 5.31 -79.62
N LEU B 83 25.91 4.95 -78.69
CA LEU B 83 27.26 5.50 -78.66
C LEU B 83 28.12 4.87 -79.76
N LEU B 84 28.97 5.68 -80.37
CA LEU B 84 29.86 5.24 -81.44
C LEU B 84 31.30 5.31 -80.92
N ALA B 85 31.87 4.15 -80.59
CA ALA B 85 33.24 4.08 -80.09
C ALA B 85 34.14 3.60 -81.22
N PRO B 86 35.02 4.45 -81.74
CA PRO B 86 35.88 4.03 -82.87
C PRO B 86 37.20 3.45 -82.42
N THR B 87 37.86 2.78 -83.36
CA THR B 87 39.22 2.28 -83.16
C THR B 87 40.21 2.99 -84.07
N THR B 88 39.97 3.02 -85.38
CA THR B 88 40.75 3.77 -86.34
C THR B 88 39.81 4.51 -87.27
N PRO B 89 40.20 5.71 -87.72
CA PRO B 89 39.33 6.48 -88.61
C PRO B 89 39.03 5.73 -89.90
N GLY B 90 37.79 5.87 -90.37
CA GLY B 90 37.32 5.16 -91.55
C GLY B 90 35.81 5.05 -91.55
N VAL B 91 35.28 3.88 -91.89
CA VAL B 91 33.85 3.64 -91.87
C VAL B 91 33.45 3.22 -90.46
N ILE B 92 32.31 3.73 -90.00
CA ILE B 92 31.86 3.47 -88.63
C ILE B 92 30.67 2.52 -88.66
N VAL B 93 29.56 2.95 -89.25
CA VAL B 93 28.34 2.16 -89.36
C VAL B 93 27.66 2.49 -90.66
N GLU B 94 27.15 1.47 -91.34
CA GLU B 94 26.28 1.63 -92.49
C GLU B 94 24.83 1.41 -92.05
N GLY B 95 23.98 2.38 -92.33
CA GLY B 95 22.56 2.25 -92.04
C GLY B 95 21.72 2.68 -93.22
N THR B 96 20.82 1.82 -93.67
CA THR B 96 20.07 2.09 -94.89
C THR B 96 18.58 1.85 -94.69
N ASN B 97 17.80 2.61 -95.45
CA ASN B 97 16.36 2.37 -95.57
C ASN B 97 16.09 1.20 -96.52
N ASN B 98 17.15 0.67 -97.15
CA ASN B 98 17.30 -0.46 -98.06
C ASN B 98 16.31 -0.40 -99.22
N THR B 99 15.59 0.71 -99.37
CA THR B 99 14.80 1.00 -100.57
C THR B 99 15.26 2.26 -101.27
N ASP B 100 15.41 3.36 -100.52
CA ASP B 100 15.81 4.65 -101.07
C ASP B 100 17.08 5.19 -100.45
N ARG B 101 17.20 5.16 -99.12
CA ARG B 101 18.29 5.79 -98.41
C ARG B 101 19.35 4.77 -98.03
N TRP B 102 20.62 5.18 -98.14
CA TRP B 102 21.78 4.34 -97.81
C TRP B 102 22.79 5.27 -97.14
N LEU B 103 22.81 5.25 -95.81
CA LEU B 103 23.52 6.25 -95.01
C LEU B 103 24.71 5.62 -94.29
N ALA B 104 25.76 6.41 -94.11
CA ALA B 104 26.92 6.03 -93.31
C ALA B 104 27.64 7.30 -92.88
N THR B 105 28.84 7.14 -92.34
CA THR B 105 29.68 8.27 -91.98
C THR B 105 31.13 7.83 -91.99
N ILE B 106 32.03 8.83 -92.04
CA ILE B 106 33.46 8.58 -92.17
C ILE B 106 34.21 9.39 -91.11
N LEU B 107 35.08 8.71 -90.36
CA LEU B 107 36.04 9.37 -89.48
C LEU B 107 37.38 9.45 -90.20
N ILE B 108 38.06 10.57 -90.04
CA ILE B 108 39.23 10.89 -90.86
C ILE B 108 40.41 11.21 -89.96
N GLU B 109 41.57 10.64 -90.28
CA GLU B 109 42.80 10.96 -89.57
C GLU B 109 43.20 12.41 -89.84
N PRO B 110 43.91 13.04 -88.91
CA PRO B 110 44.33 14.44 -89.12
C PRO B 110 45.47 14.53 -90.12
N ASN B 111 45.66 15.75 -90.64
CA ASN B 111 46.78 16.10 -91.51
C ASN B 111 46.78 15.25 -92.78
N VAL B 112 45.66 15.29 -93.51
CA VAL B 112 45.51 14.62 -94.80
C VAL B 112 45.00 15.63 -95.81
N GLN B 113 45.66 15.70 -96.96
CA GLN B 113 45.26 16.62 -98.01
C GLN B 113 44.06 16.06 -98.78
N SER B 114 43.47 16.90 -99.62
CA SER B 114 42.31 16.53 -100.43
C SER B 114 42.63 15.33 -101.31
N GLU B 115 42.02 14.19 -101.04
CA GLU B 115 42.37 12.95 -101.72
C GLU B 115 41.16 12.03 -101.79
N ASN B 116 40.78 11.63 -103.00
CA ASN B 116 39.72 10.65 -103.18
C ASN B 116 40.25 9.26 -102.84
N ARG B 117 39.45 8.49 -102.11
CA ARG B 117 39.87 7.17 -101.66
C ARG B 117 38.74 6.17 -101.85
N THR B 118 39.09 5.01 -102.42
CA THR B 118 38.12 3.94 -102.61
C THR B 118 37.80 3.28 -101.28
N TYR B 119 36.51 3.00 -101.06
CA TYR B 119 36.08 2.26 -99.88
C TYR B 119 34.94 1.33 -100.29
N THR B 120 35.08 0.05 -99.94
CA THR B 120 34.21 -0.99 -100.46
C THR B 120 32.94 -1.16 -99.62
N ILE B 121 32.16 -0.09 -99.56
CA ILE B 121 30.83 -0.16 -98.97
C ILE B 121 29.92 -0.95 -99.91
N PHE B 122 29.18 -1.90 -99.35
CA PHE B 122 28.28 -2.76 -100.12
C PHE B 122 29.01 -3.59 -101.15
N GLY B 123 30.31 -3.82 -100.94
CA GLY B 123 31.12 -4.57 -101.87
C GLY B 123 31.61 -3.79 -103.07
N ILE B 124 31.29 -2.50 -103.16
CA ILE B 124 31.70 -1.67 -104.29
C ILE B 124 32.44 -0.45 -103.75
N GLN B 125 33.49 -0.06 -104.45
CA GLN B 125 34.29 1.08 -104.03
C GLN B 125 33.53 2.39 -104.23
N GLU B 126 34.01 3.43 -103.55
CA GLU B 126 33.46 4.78 -103.70
C GLU B 126 34.49 5.77 -103.20
N GLN B 127 34.74 6.81 -103.99
CA GLN B 127 35.75 7.80 -103.69
C GLN B 127 35.11 9.13 -103.31
N LEU B 128 35.79 9.87 -102.43
CA LEU B 128 35.34 11.19 -102.01
C LEU B 128 36.55 12.04 -101.66
N THR B 129 36.54 13.29 -102.09
CA THR B 129 37.61 14.23 -101.78
C THR B 129 37.50 14.65 -100.31
N VAL B 130 38.49 14.27 -99.51
CA VAL B 130 38.52 14.58 -98.09
C VAL B 130 39.87 15.21 -97.75
N SER B 131 39.83 16.29 -96.97
CA SER B 131 41.02 17.02 -96.59
C SER B 131 40.98 17.35 -95.10
N ASN B 132 42.16 17.59 -94.53
CA ASN B 132 42.31 17.92 -93.12
C ASN B 132 43.10 19.20 -92.98
N THR B 133 42.70 20.02 -92.02
CA THR B 133 43.32 21.33 -91.81
C THR B 133 44.20 21.37 -90.57
N SER B 134 43.66 20.98 -89.41
CA SER B 134 44.36 21.11 -88.15
C SER B 134 45.42 20.01 -88.02
N GLN B 135 46.12 20.02 -86.89
CA GLN B 135 47.17 19.06 -86.60
C GLN B 135 46.91 18.21 -85.37
N ASP B 136 45.76 18.37 -84.72
CA ASP B 136 45.48 17.65 -83.49
C ASP B 136 44.08 17.03 -83.42
N GLN B 137 43.20 17.29 -84.37
CA GLN B 137 41.82 16.82 -84.31
C GLN B 137 41.47 15.97 -85.53
N TRP B 138 40.51 15.08 -85.34
CA TRP B 138 39.97 14.24 -86.39
C TRP B 138 38.73 14.89 -87.00
N LYS B 139 38.26 14.32 -88.10
CA LYS B 139 37.17 14.92 -88.87
C LYS B 139 36.01 13.93 -89.00
N PHE B 140 34.81 14.49 -89.10
CA PHE B 140 33.58 13.71 -89.16
C PHE B 140 32.73 14.22 -90.32
N ILE B 141 32.29 13.30 -91.18
CA ILE B 141 31.47 13.65 -92.34
C ILE B 141 30.35 12.63 -92.48
N ASP B 142 29.39 12.95 -93.35
CA ASP B 142 28.24 12.10 -93.62
C ASP B 142 28.05 11.96 -95.13
N VAL B 143 27.55 10.80 -95.55
CA VAL B 143 27.36 10.48 -96.96
C VAL B 143 25.93 10.01 -97.16
N VAL B 144 25.28 10.51 -98.21
CA VAL B 144 23.91 10.12 -98.57
C VAL B 144 23.96 9.48 -99.95
N LYS B 145 23.44 8.28 -100.07
CA LYS B 145 23.38 7.56 -101.34
C LYS B 145 21.93 7.51 -101.85
N THR B 146 21.80 7.21 -103.14
CA THR B 146 20.51 7.22 -103.83
C THR B 146 19.99 5.83 -104.13
N THR B 147 20.80 4.98 -104.75
CA THR B 147 20.39 3.64 -105.13
C THR B 147 21.59 2.72 -105.06
N ALA B 148 21.50 1.54 -105.70
CA ALA B 148 22.62 0.61 -105.69
C ALA B 148 23.89 1.22 -106.25
N ASN B 149 23.75 2.09 -107.26
CA ASN B 149 24.88 2.86 -107.76
C ASN B 149 24.55 4.35 -107.67
N GLY B 150 24.01 4.76 -106.53
CA GLY B 150 23.52 6.11 -106.37
C GLY B 150 24.63 7.14 -106.19
N SER B 151 24.19 8.39 -106.07
CA SER B 151 25.10 9.51 -105.96
C SER B 151 25.61 9.62 -104.52
N ILE B 152 26.29 10.73 -104.22
CA ILE B 152 26.87 10.96 -102.90
C ILE B 152 26.28 12.26 -102.34
N GLY B 153 25.72 12.18 -101.14
CA GLY B 153 25.26 13.37 -100.46
C GLY B 153 26.23 13.80 -99.38
N GLN B 154 27.01 14.85 -99.66
CA GLN B 154 28.08 15.26 -98.77
C GLN B 154 27.52 16.08 -97.62
N TYR B 155 27.56 15.53 -96.41
CA TYR B 155 27.15 16.24 -95.20
C TYR B 155 28.09 15.82 -94.08
N GLY B 156 27.77 16.24 -92.86
CA GLY B 156 28.56 15.86 -91.71
C GLY B 156 29.74 16.79 -91.48
N SER B 157 29.85 17.33 -90.27
CA SER B 157 30.93 18.25 -89.95
C SER B 157 31.13 18.25 -88.44
N LEU B 158 32.32 17.86 -87.98
CA LEU B 158 32.61 17.83 -86.56
C LEU B 158 34.12 17.76 -86.37
N LEU B 159 34.64 18.62 -85.51
CA LEU B 159 36.05 18.58 -85.15
C LEU B 159 36.23 17.67 -83.94
N SER B 160 37.02 16.61 -84.09
CA SER B 160 37.04 15.50 -83.14
C SER B 160 38.35 15.51 -82.34
N SER B 161 38.28 16.03 -81.11
CA SER B 161 39.37 15.89 -80.15
C SER B 161 39.36 14.52 -79.46
N PRO B 162 38.27 14.09 -78.81
CA PRO B 162 38.33 12.92 -77.93
C PRO B 162 37.98 11.58 -78.57
N LYS B 163 37.77 11.53 -79.89
CA LYS B 163 37.65 10.27 -80.63
C LYS B 163 36.47 9.42 -80.14
N LEU B 164 35.27 9.98 -80.28
CA LEU B 164 34.03 9.24 -80.02
C LEU B 164 32.88 9.97 -80.69
N TYR B 165 31.76 9.27 -80.83
CA TYR B 165 30.60 9.83 -81.52
C TYR B 165 29.33 9.18 -80.98
N ALA B 166 28.21 9.87 -81.21
CA ALA B 166 26.88 9.28 -81.04
C ALA B 166 25.87 10.19 -81.77
N VAL B 167 25.35 9.74 -82.90
CA VAL B 167 24.44 10.54 -83.73
C VAL B 167 23.21 9.71 -84.05
N MET B 168 22.07 10.07 -83.49
CA MET B 168 20.89 9.22 -83.50
C MET B 168 19.68 10.06 -83.89
N LYS B 169 18.49 9.49 -83.75
CA LYS B 169 17.24 10.11 -84.17
C LYS B 169 16.34 10.44 -82.97
N HIS B 170 15.27 11.17 -83.28
CA HIS B 170 14.19 11.43 -82.32
C HIS B 170 12.98 11.95 -83.08
N ASN B 171 11.80 11.42 -82.74
CA ASN B 171 10.53 11.87 -83.30
C ASN B 171 10.57 11.85 -84.84
N GLU B 172 10.71 10.63 -85.36
CA GLU B 172 10.86 10.34 -86.79
C GLU B 172 11.76 11.35 -87.49
N LYS B 173 12.86 11.71 -86.85
CA LYS B 173 13.79 12.69 -87.40
C LYS B 173 15.18 12.39 -86.87
N LEU B 174 16.13 12.18 -87.77
CA LEU B 174 17.52 11.91 -87.39
C LEU B 174 18.17 13.23 -86.96
N TYR B 175 18.63 13.29 -85.71
CA TYR B 175 19.26 14.49 -85.18
C TYR B 175 20.78 14.32 -85.25
N THR B 176 21.43 15.24 -85.95
CA THR B 176 22.87 15.18 -86.06
C THR B 176 23.54 16.04 -84.99
N TYR B 177 24.81 15.73 -84.74
CA TYR B 177 25.65 16.46 -83.80
C TYR B 177 26.88 16.97 -84.53
N GLU B 178 27.48 18.02 -83.97
CA GLU B 178 28.57 18.70 -84.65
C GLU B 178 29.41 19.45 -83.62
N GLY B 179 30.48 20.04 -84.10
CA GLY B 179 31.26 21.00 -83.33
C GLY B 179 32.56 20.44 -82.81
N GLN B 180 33.12 21.16 -81.84
CA GLN B 180 34.37 20.81 -81.19
C GLN B 180 34.15 21.00 -79.70
N THR B 181 34.94 20.26 -78.89
CA THR B 181 34.72 20.08 -77.45
C THR B 181 34.28 21.35 -76.71
N PRO B 182 34.83 22.54 -76.96
CA PRO B 182 34.23 23.71 -76.32
C PRO B 182 32.94 24.10 -77.02
N ASN B 183 31.81 23.81 -76.37
CA ASN B 183 30.48 24.26 -76.80
C ASN B 183 30.07 23.64 -78.14
N ALA B 184 30.30 22.34 -78.29
CA ALA B 184 29.75 21.62 -79.44
C ALA B 184 28.24 21.47 -79.27
N ARG B 185 27.53 21.48 -80.40
CA ARG B 185 26.08 21.51 -80.37
C ARG B 185 25.52 20.48 -81.34
N THR B 186 24.22 20.60 -81.63
CA THR B 186 23.45 19.59 -82.35
C THR B 186 22.93 20.16 -83.67
N GLY B 187 22.40 19.25 -84.48
CA GLY B 187 21.70 19.61 -85.71
C GLY B 187 20.74 18.50 -86.06
N HIS B 188 20.36 18.42 -87.33
CA HIS B 188 19.54 17.32 -87.82
C HIS B 188 19.52 17.32 -89.33
N TYR B 189 19.11 16.19 -89.91
CA TYR B 189 18.93 16.05 -91.35
C TYR B 189 17.46 15.88 -91.67
N SER B 190 17.09 16.19 -92.91
CA SER B 190 15.71 16.09 -93.37
C SER B 190 15.37 14.62 -93.60
N THR B 191 15.10 13.92 -92.50
CA THR B 191 14.74 12.51 -92.52
C THR B 191 13.27 12.40 -92.12
N THR B 192 12.39 12.46 -93.12
CA THR B 192 10.95 12.46 -92.90
C THR B 192 10.47 11.02 -92.69
N ASN B 193 10.65 10.55 -91.45
CA ASN B 193 10.21 9.22 -91.03
C ASN B 193 10.82 8.13 -91.89
N TYR B 194 12.15 8.04 -91.83
CA TYR B 194 12.91 6.96 -92.46
C TYR B 194 13.29 5.91 -91.43
N ASP B 195 12.39 5.65 -90.48
CA ASP B 195 12.69 4.93 -89.26
C ASP B 195 12.83 3.43 -89.46
N SER B 196 12.56 2.92 -90.66
CA SER B 196 12.78 1.52 -90.99
C SER B 196 14.24 1.24 -91.32
N VAL B 197 15.14 2.15 -90.96
CA VAL B 197 16.56 2.01 -91.27
C VAL B 197 17.16 0.94 -90.37
N ASN B 198 18.16 0.23 -90.89
CA ASN B 198 18.81 -0.85 -90.18
C ASN B 198 20.30 -0.57 -90.10
N MET B 199 20.84 -0.56 -88.88
CA MET B 199 22.25 -0.30 -88.68
C MET B 199 23.08 -1.54 -89.00
N THR B 200 24.39 -1.31 -89.20
CA THR B 200 25.37 -2.39 -89.36
C THR B 200 26.62 -1.95 -88.60
N ALA B 201 26.76 -2.41 -87.36
CA ALA B 201 27.88 -2.01 -86.53
C ALA B 201 29.18 -2.62 -87.04
N PHE B 202 30.25 -1.83 -87.02
CA PHE B 202 31.56 -2.29 -87.46
C PHE B 202 32.62 -2.19 -86.37
N CYS B 203 32.25 -1.83 -85.14
CA CYS B 203 33.19 -1.71 -84.04
C CYS B 203 32.50 -2.18 -82.77
N ASP B 204 33.13 -1.91 -81.63
CA ASP B 204 32.53 -2.14 -80.31
C ASP B 204 32.05 -0.80 -79.76
N PHE B 205 30.89 -0.82 -79.10
CA PHE B 205 30.13 0.40 -78.85
C PHE B 205 29.32 0.26 -77.57
N TYR B 206 28.69 1.37 -77.19
CA TYR B 206 27.85 1.44 -76.00
C TYR B 206 26.49 2.01 -76.39
N ILE B 207 25.50 1.79 -75.52
CA ILE B 207 24.10 2.11 -75.83
C ILE B 207 23.51 2.91 -74.67
N ILE B 208 22.63 3.85 -75.01
CA ILE B 208 22.06 4.79 -74.04
C ILE B 208 20.57 4.97 -74.28
N PRO B 209 19.72 5.01 -73.24
CA PRO B 209 18.31 5.37 -73.46
C PRO B 209 18.01 6.87 -73.44
N ARG B 210 16.73 7.20 -73.58
CA ARG B 210 16.30 8.53 -74.00
C ARG B 210 16.68 9.63 -73.01
N SER B 211 16.10 9.59 -71.82
CA SER B 211 15.86 10.78 -71.02
C SER B 211 17.10 11.36 -70.35
N GLU B 212 18.31 10.99 -70.79
CA GLU B 212 19.53 11.53 -70.18
C GLU B 212 20.48 12.09 -71.23
N GLU B 213 19.93 12.72 -72.27
CA GLU B 213 20.76 13.28 -73.33
C GLU B 213 21.75 14.33 -72.83
N SER B 214 21.47 14.95 -71.69
CA SER B 214 22.45 15.88 -71.11
C SER B 214 23.75 15.16 -70.79
N LYS B 215 23.67 13.97 -70.20
CA LYS B 215 24.87 13.23 -69.85
C LYS B 215 25.64 12.77 -71.09
N CYS B 216 24.93 12.35 -72.15
CA CYS B 216 25.65 11.94 -73.34
C CYS B 216 26.28 13.15 -74.04
N THR B 217 25.66 14.33 -73.96
CA THR B 217 26.32 15.53 -74.46
C THR B 217 27.56 15.85 -73.63
N GLU B 218 27.48 15.69 -72.31
CA GLU B 218 28.66 15.89 -71.48
C GLU B 218 29.76 14.92 -71.85
N TYR B 219 29.42 13.66 -72.11
CA TYR B 219 30.42 12.66 -72.46
C TYR B 219 31.02 12.90 -73.84
N ILE B 220 30.21 13.23 -74.84
CA ILE B 220 30.77 13.56 -76.15
C ILE B 220 31.64 14.81 -76.05
N ASN B 221 31.33 15.68 -75.08
CA ASN B 221 32.22 16.82 -74.82
C ASN B 221 33.55 16.34 -74.25
N ASN B 222 33.51 15.51 -73.21
CA ASN B 222 34.72 15.11 -72.49
C ASN B 222 35.16 13.68 -72.80
N GLY B 223 34.27 12.72 -72.63
CA GLY B 223 34.62 11.33 -72.79
C GLY B 223 34.76 10.63 -71.45
N LEU B 224 34.66 9.30 -71.51
CA LEU B 224 34.84 8.49 -70.31
C LEU B 224 36.28 8.59 -69.81
N PRO B 225 36.49 8.56 -68.51
CA PRO B 225 37.84 8.29 -68.00
C PRO B 225 38.20 6.84 -68.21
N PRO B 226 39.08 6.54 -69.18
CA PRO B 226 39.35 5.15 -69.57
C PRO B 226 40.58 4.52 -68.92
N ILE B 227 41.19 5.18 -67.94
CA ILE B 227 42.41 4.68 -67.33
C ILE B 227 42.12 3.33 -66.68
N GLN B 228 42.75 2.28 -67.20
CA GLN B 228 42.46 0.92 -66.78
C GLN B 228 43.38 0.46 -65.65
N ASN B 229 44.69 0.48 -65.91
CA ASN B 229 45.72 0.02 -64.98
C ASN B 229 46.44 1.19 -64.33
N THR B 230 45.67 2.22 -63.94
CA THR B 230 46.20 3.52 -63.54
C THR B 230 47.53 3.46 -62.81
N ARG B 231 47.63 2.60 -61.80
CA ARG B 231 48.85 2.49 -61.03
C ARG B 231 49.48 1.11 -61.18
N ALA B 248 42.58 -3.42 -17.26
CA ALA B 248 42.41 -1.98 -17.08
C ALA B 248 42.59 -1.61 -15.61
N GLN B 249 41.66 -2.06 -14.77
CA GLN B 249 41.72 -1.80 -13.34
C GLN B 249 41.06 -2.98 -12.63
N ALA B 250 40.68 -2.78 -11.37
CA ALA B 250 40.09 -3.84 -10.57
C ALA B 250 38.82 -4.37 -11.22
N ASN B 251 38.43 -5.58 -10.81
CA ASN B 251 37.27 -6.28 -11.33
C ASN B 251 36.35 -6.60 -10.14
N GLU B 252 35.27 -5.84 -10.01
CA GLU B 252 34.39 -5.92 -8.86
C GLU B 252 33.00 -6.37 -9.29
N ASP B 253 32.24 -6.84 -8.31
CA ASP B 253 30.85 -7.26 -8.52
C ASP B 253 30.02 -6.62 -7.41
N ILE B 254 29.18 -5.65 -7.79
CA ILE B 254 28.36 -4.93 -6.83
C ILE B 254 26.94 -5.47 -6.89
N VAL B 255 26.20 -5.27 -5.80
CA VAL B 255 24.86 -5.82 -5.65
C VAL B 255 23.83 -4.81 -6.12
N ILE B 256 22.78 -5.30 -6.76
CA ILE B 256 21.67 -4.46 -7.20
C ILE B 256 20.63 -4.31 -6.10
N SER B 257 20.10 -5.42 -5.61
CA SER B 257 19.11 -5.42 -4.54
C SER B 257 19.08 -6.80 -3.92
N LYS B 258 18.08 -7.04 -3.07
CA LYS B 258 17.97 -8.30 -2.35
C LYS B 258 17.42 -9.38 -3.27
N THR B 259 17.15 -10.56 -2.71
CA THR B 259 16.76 -11.71 -3.51
C THR B 259 15.29 -11.61 -3.91
N SER B 260 14.81 -12.64 -4.59
CA SER B 260 13.43 -12.71 -5.03
C SER B 260 13.00 -14.16 -5.10
N LEU B 261 11.69 -14.38 -5.09
CA LEU B 261 11.11 -15.71 -5.19
C LEU B 261 10.62 -15.94 -6.62
N TRP B 262 10.91 -17.13 -7.14
CA TRP B 262 10.56 -17.47 -8.51
C TRP B 262 10.09 -18.92 -8.59
N LYS B 263 9.06 -19.16 -9.39
CA LYS B 263 8.60 -20.48 -9.77
C LYS B 263 8.61 -20.61 -11.29
N GLU B 264 8.49 -21.84 -11.77
CA GLU B 264 8.55 -22.17 -13.20
C GLU B 264 7.29 -22.94 -13.58
N MET B 265 6.73 -22.59 -14.73
CA MET B 265 5.46 -23.12 -15.21
C MET B 265 5.62 -23.68 -16.61
N GLN B 266 4.93 -24.80 -16.84
CA GLN B 266 4.83 -25.44 -18.15
C GLN B 266 3.53 -24.99 -18.82
N TYR B 267 3.66 -24.34 -19.98
CA TYR B 267 2.52 -23.78 -20.67
C TYR B 267 2.34 -24.42 -22.03
N ASN B 268 1.13 -24.92 -22.27
CA ASN B 268 0.80 -25.53 -23.56
C ASN B 268 -0.42 -24.83 -24.12
N ARG B 269 -0.33 -24.42 -25.39
CA ARG B 269 -1.42 -23.72 -26.06
C ARG B 269 -1.65 -24.31 -27.43
N ASP B 270 -2.91 -24.35 -27.85
CA ASP B 270 -3.24 -24.72 -29.22
C ASP B 270 -2.81 -23.59 -30.14
N ILE B 271 -1.86 -23.88 -31.03
CA ILE B 271 -1.18 -22.84 -31.79
C ILE B 271 -1.61 -22.91 -33.25
N THR B 272 -2.11 -21.80 -33.76
CA THR B 272 -2.45 -21.64 -35.16
C THR B 272 -1.69 -20.44 -35.71
N ILE B 273 -1.11 -20.59 -36.90
CA ILE B 273 -0.35 -19.53 -37.54
C ILE B 273 -0.84 -19.36 -38.97
N ARG B 274 -1.02 -18.10 -39.37
CA ARG B 274 -1.44 -17.74 -40.71
C ARG B 274 -0.27 -17.11 -41.45
N PHE B 275 -0.06 -17.51 -42.70
CA PHE B 275 1.18 -17.17 -43.39
C PHE B 275 0.89 -16.78 -44.83
N LYS B 276 1.54 -15.70 -45.28
CA LYS B 276 1.62 -15.35 -46.69
C LYS B 276 2.95 -14.62 -46.93
N PHE B 277 3.43 -14.71 -48.16
CA PHE B 277 4.80 -14.34 -48.52
C PHE B 277 4.79 -13.06 -49.35
N ALA B 278 5.90 -12.32 -49.31
CA ALA B 278 6.00 -11.02 -49.96
C ALA B 278 7.11 -11.03 -51.00
N ASN B 279 6.77 -10.65 -52.22
CA ASN B 279 7.68 -10.74 -53.36
C ASN B 279 7.76 -9.39 -54.05
N THR B 280 8.89 -9.14 -54.71
CA THR B 280 9.09 -7.93 -55.50
C THR B 280 9.78 -8.25 -56.81
N ILE B 281 9.31 -7.61 -57.87
CA ILE B 281 9.94 -7.66 -59.19
C ILE B 281 10.30 -6.24 -59.60
N ILE B 282 11.53 -6.04 -60.05
CA ILE B 282 12.02 -4.73 -60.45
C ILE B 282 12.74 -4.85 -61.78
N LYS B 283 12.48 -3.89 -62.67
CA LYS B 283 13.11 -3.85 -63.99
C LYS B 283 14.54 -3.33 -63.87
N SER B 284 15.45 -3.96 -64.60
CA SER B 284 16.81 -3.46 -64.75
C SER B 284 16.95 -2.76 -66.10
N GLY B 285 17.80 -1.73 -66.12
CA GLY B 285 17.95 -0.93 -67.32
C GLY B 285 18.46 -1.76 -68.49
N GLY B 286 17.93 -1.44 -69.67
CA GLY B 286 18.31 -2.16 -70.88
C GLY B 286 17.34 -1.97 -72.03
N LEU B 287 17.00 -3.07 -72.72
CA LEU B 287 16.13 -3.02 -73.87
C LEU B 287 14.78 -3.71 -73.67
N GLY B 288 14.56 -4.33 -72.51
CA GLY B 288 13.29 -4.95 -72.24
C GLY B 288 13.37 -6.29 -71.55
N TYR B 289 14.55 -6.92 -71.58
CA TYR B 289 14.75 -8.22 -70.94
C TYR B 289 16.01 -8.30 -70.10
N LYS B 290 16.94 -7.36 -70.26
CA LYS B 290 18.23 -7.42 -69.58
C LYS B 290 18.00 -7.10 -68.11
N TRP B 291 17.61 -8.13 -67.36
CA TRP B 291 17.19 -7.97 -65.98
C TRP B 291 17.97 -8.91 -65.07
N SER B 292 18.24 -8.44 -63.86
CA SER B 292 18.88 -9.23 -62.82
C SER B 292 18.03 -9.34 -61.57
N GLU B 293 17.48 -8.23 -61.09
CA GLU B 293 16.93 -8.15 -59.75
C GLU B 293 15.56 -8.80 -59.62
N ILE B 294 15.52 -10.00 -59.06
CA ILE B 294 14.29 -10.62 -58.55
C ILE B 294 14.49 -10.75 -57.05
N SER B 295 13.90 -9.82 -56.29
CA SER B 295 14.21 -9.66 -54.88
C SER B 295 13.16 -10.36 -54.02
N PHE B 296 13.49 -10.47 -52.73
CA PHE B 296 12.62 -11.08 -51.73
C PHE B 296 12.38 -10.07 -50.62
N LYS B 297 11.18 -10.11 -50.05
CA LYS B 297 10.81 -9.16 -49.00
C LYS B 297 10.11 -9.89 -47.86
N PRO B 298 10.25 -9.39 -46.64
CA PRO B 298 9.45 -9.92 -45.53
C PRO B 298 8.02 -9.43 -45.61
N ALA B 299 7.13 -10.20 -44.99
CA ALA B 299 5.71 -9.90 -44.98
C ALA B 299 5.27 -9.46 -43.59
N ASN B 300 4.15 -8.73 -43.55
CA ASN B 300 3.60 -8.24 -42.30
C ASN B 300 2.08 -8.36 -42.36
N TYR B 301 1.48 -8.94 -41.32
CA TYR B 301 0.04 -9.13 -41.29
C TYR B 301 -0.49 -8.92 -39.88
N GLN B 302 -1.81 -8.84 -39.79
CA GLN B 302 -2.54 -8.85 -38.53
C GLN B 302 -3.62 -9.91 -38.62
N TYR B 303 -3.83 -10.65 -37.52
CA TYR B 303 -4.70 -11.80 -37.56
C TYR B 303 -5.65 -11.79 -36.37
N THR B 304 -6.71 -12.58 -36.50
CA THR B 304 -7.70 -12.80 -35.45
C THR B 304 -7.88 -14.28 -35.23
N TYR B 305 -8.02 -14.69 -33.97
CA TYR B 305 -8.19 -16.09 -33.62
C TYR B 305 -9.32 -16.24 -32.62
N THR B 306 -9.93 -17.41 -32.64
CA THR B 306 -10.97 -17.78 -31.68
C THR B 306 -10.43 -18.95 -30.86
N ARG B 307 -9.98 -18.66 -29.64
CA ARG B 307 -9.41 -19.69 -28.77
C ARG B 307 -9.94 -19.44 -27.36
N ASP B 308 -10.80 -20.36 -26.90
CA ASP B 308 -11.34 -20.33 -25.54
C ASP B 308 -12.06 -19.00 -25.25
N GLY B 309 -12.90 -18.59 -26.19
CA GLY B 309 -13.74 -17.43 -25.99
C GLY B 309 -13.07 -16.09 -26.22
N GLU B 310 -11.77 -16.01 -25.96
CA GLU B 310 -11.03 -14.77 -26.12
C GLU B 310 -10.44 -14.69 -27.52
N GLU B 311 -10.24 -13.45 -27.98
CA GLU B 311 -9.69 -13.21 -29.31
C GLU B 311 -8.19 -12.99 -29.22
N VAL B 312 -7.47 -13.47 -30.23
CA VAL B 312 -6.01 -13.39 -30.27
C VAL B 312 -5.59 -12.59 -31.49
N THR B 313 -4.69 -11.63 -31.28
CA THR B 313 -4.09 -10.85 -32.35
C THR B 313 -2.60 -11.13 -32.41
N ALA B 314 -2.06 -11.15 -33.62
CA ALA B 314 -0.66 -11.51 -33.81
C ALA B 314 -0.11 -10.87 -35.08
N HIS B 315 1.21 -10.84 -35.17
CA HIS B 315 1.91 -10.39 -36.35
C HIS B 315 2.99 -11.40 -36.70
N THR B 316 3.32 -11.49 -37.99
CA THR B 316 4.25 -12.51 -38.46
C THR B 316 5.05 -11.98 -39.64
N THR B 317 6.36 -12.20 -39.61
CA THR B 317 7.25 -11.86 -40.71
C THR B 317 7.95 -13.12 -41.20
N CYS B 318 8.39 -13.07 -42.45
CA CYS B 318 8.99 -14.24 -43.09
C CYS B 318 10.27 -13.84 -43.80
N SER B 319 11.23 -14.75 -43.81
CA SER B 319 12.50 -14.56 -44.50
C SER B 319 13.09 -15.93 -44.80
N VAL B 320 14.04 -15.95 -45.73
CA VAL B 320 14.62 -17.20 -46.21
C VAL B 320 16.13 -17.05 -46.30
N ASN B 321 16.85 -18.08 -45.91
CA ASN B 321 18.29 -18.17 -46.11
C ASN B 321 18.63 -19.45 -46.88
N GLY B 322 19.83 -19.48 -47.43
CA GLY B 322 20.19 -20.56 -48.32
C GLY B 322 19.80 -20.25 -49.75
N VAL B 323 20.27 -19.12 -50.25
CA VAL B 323 19.90 -18.66 -51.59
C VAL B 323 20.42 -19.66 -52.62
N ASN B 324 19.57 -19.98 -53.60
CA ASN B 324 19.88 -20.95 -54.65
C ASN B 324 19.60 -20.24 -55.97
N ASP B 325 20.59 -19.53 -56.49
CA ASP B 325 20.39 -18.62 -57.61
C ASP B 325 21.02 -19.17 -58.89
N PHE B 326 20.52 -18.68 -60.02
CA PHE B 326 21.01 -19.06 -61.33
C PHE B 326 20.94 -17.83 -62.23
N SER B 327 21.17 -18.04 -63.53
CA SER B 327 21.15 -16.96 -64.50
C SER B 327 20.94 -17.55 -65.89
N PHE B 328 20.15 -16.84 -66.70
CA PHE B 328 19.86 -17.26 -68.07
C PHE B 328 20.55 -16.27 -69.00
N ASN B 329 21.79 -16.56 -69.37
CA ASN B 329 22.57 -15.73 -70.28
C ASN B 329 22.36 -16.20 -71.72
N GLY B 330 21.11 -16.18 -72.14
CA GLY B 330 20.73 -16.70 -73.44
C GLY B 330 21.13 -15.83 -74.61
N GLY B 331 22.44 -15.69 -74.83
CA GLY B 331 22.95 -14.92 -75.95
C GLY B 331 23.67 -13.65 -75.54
N SER B 332 24.03 -12.82 -76.52
CA SER B 332 24.73 -11.57 -76.25
C SER B 332 24.23 -10.39 -77.06
N LEU B 333 23.27 -10.56 -77.96
CA LEU B 333 22.76 -9.47 -78.76
C LEU B 333 21.74 -8.67 -77.94
N PRO B 334 21.62 -7.35 -78.18
CA PRO B 334 20.82 -6.51 -77.28
C PRO B 334 19.34 -6.86 -77.17
N THR B 335 18.85 -7.86 -77.91
CA THR B 335 17.49 -8.34 -77.71
C THR B 335 17.45 -9.77 -77.18
N ASP B 336 18.60 -10.35 -76.86
CA ASP B 336 18.64 -11.73 -76.39
C ASP B 336 18.11 -11.82 -74.96
N PHE B 337 17.84 -13.05 -74.53
CA PHE B 337 17.31 -13.31 -73.19
C PHE B 337 18.47 -13.28 -72.21
N VAL B 338 18.59 -12.19 -71.45
CA VAL B 338 19.68 -11.99 -70.52
C VAL B 338 19.09 -11.85 -69.13
N VAL B 339 19.27 -12.87 -68.30
CA VAL B 339 18.90 -12.83 -66.89
C VAL B 339 20.16 -13.12 -66.08
N SER B 340 20.47 -12.23 -65.14
CA SER B 340 21.70 -12.34 -64.37
C SER B 340 21.51 -12.97 -63.00
N LYS B 341 20.34 -12.82 -62.39
CA LYS B 341 20.07 -13.37 -61.06
C LYS B 341 18.72 -14.08 -61.10
N PHE B 342 18.75 -15.40 -60.92
CA PHE B 342 17.54 -16.22 -61.03
C PHE B 342 17.52 -17.21 -59.87
N GLU B 343 16.71 -16.92 -58.86
CA GLU B 343 16.69 -17.67 -57.61
C GLU B 343 15.50 -18.62 -57.57
N VAL B 344 15.78 -19.91 -57.46
CA VAL B 344 14.79 -20.93 -57.18
C VAL B 344 15.29 -21.76 -56.01
N ILE B 345 14.48 -21.86 -54.97
CA ILE B 345 14.93 -22.49 -53.73
C ILE B 345 15.04 -23.99 -53.93
N LYS B 346 15.93 -24.63 -53.17
CA LYS B 346 15.99 -26.08 -53.15
C LYS B 346 16.01 -26.58 -51.72
N GLU B 347 16.20 -27.90 -51.57
CA GLU B 347 15.84 -28.61 -50.34
C GLU B 347 16.78 -28.35 -49.18
N ASN B 348 17.95 -27.74 -49.41
CA ASN B 348 18.94 -27.60 -48.34
C ASN B 348 19.01 -26.19 -47.78
N SER B 349 17.92 -25.42 -47.85
CA SER B 349 17.91 -24.04 -47.40
C SER B 349 16.97 -23.89 -46.19
N TYR B 350 16.94 -22.69 -45.63
CA TYR B 350 16.21 -22.44 -44.39
C TYR B 350 15.23 -21.30 -44.60
N VAL B 351 14.04 -21.45 -44.03
CA VAL B 351 13.03 -20.39 -44.00
C VAL B 351 12.77 -20.01 -42.55
N TYR B 352 12.32 -18.77 -42.34
CA TYR B 352 12.24 -18.22 -41.00
C TYR B 352 10.90 -17.50 -40.79
N ILE B 353 10.31 -17.70 -39.62
CA ILE B 353 9.02 -17.12 -39.24
C ILE B 353 9.13 -16.56 -37.83
N ASP B 354 8.48 -15.42 -37.59
CA ASP B 354 8.51 -14.75 -36.30
C ASP B 354 7.09 -14.45 -35.84
N TYR B 355 6.93 -14.29 -34.52
CA TYR B 355 5.64 -14.04 -33.89
C TYR B 355 5.67 -12.74 -33.09
N TRP B 356 4.59 -11.95 -33.20
CA TRP B 356 4.27 -10.90 -32.24
C TRP B 356 2.86 -11.19 -31.76
N ASP B 357 2.73 -12.07 -30.76
CA ASP B 357 1.43 -12.49 -30.28
C ASP B 357 0.99 -11.65 -29.10
N ASP B 358 -0.26 -11.85 -28.69
CA ASP B 358 -0.90 -11.03 -27.66
C ASP B 358 -1.36 -11.84 -26.46
N SER B 359 -1.25 -13.16 -26.51
CA SER B 359 -1.79 -14.01 -25.46
C SER B 359 -1.06 -13.80 -24.14
N GLN B 360 -1.77 -14.05 -23.04
CA GLN B 360 -1.17 -13.99 -21.71
C GLN B 360 -0.03 -14.97 -21.56
N ALA B 361 -0.19 -16.19 -22.08
CA ALA B 361 0.91 -17.16 -22.05
C ALA B 361 2.11 -16.66 -22.84
N PHE B 362 1.88 -16.11 -24.03
CA PHE B 362 2.95 -15.52 -24.81
C PHE B 362 3.47 -14.22 -24.20
N ARG B 363 2.68 -13.56 -23.37
CA ARG B 363 3.14 -12.35 -22.70
C ARG B 363 4.30 -12.65 -21.77
N ASN B 364 4.43 -13.90 -21.34
CA ASN B 364 5.37 -14.33 -20.32
C ASN B 364 6.51 -15.17 -20.90
N VAL B 365 6.85 -15.00 -22.17
CA VAL B 365 7.89 -15.81 -22.80
C VAL B 365 9.21 -15.06 -22.65
N VAL B 366 9.96 -15.44 -21.61
CA VAL B 366 11.30 -14.93 -21.37
C VAL B 366 11.93 -15.83 -20.32
N TYR B 367 13.25 -15.94 -20.36
CA TYR B 367 13.98 -16.85 -19.48
C TYR B 367 13.46 -18.28 -19.65
N VAL B 368 13.54 -18.76 -20.87
CA VAL B 368 13.01 -20.07 -21.23
C VAL B 368 14.05 -21.14 -20.95
N ARG B 369 13.62 -22.24 -20.33
CA ARG B 369 14.48 -23.40 -20.19
C ARG B 369 14.44 -24.28 -21.43
N SER B 370 13.25 -24.47 -21.99
CA SER B 370 13.08 -25.30 -23.18
C SER B 370 11.73 -24.96 -23.81
N LEU B 371 11.60 -25.18 -25.12
CA LEU B 371 10.33 -24.99 -25.81
C LEU B 371 10.30 -25.94 -27.01
N ALA B 372 9.50 -26.98 -26.89
CA ALA B 372 9.22 -27.88 -28.00
C ALA B 372 7.83 -27.59 -28.54
N ALA B 373 7.64 -27.85 -29.83
CA ALA B 373 6.36 -27.57 -30.47
C ALA B 373 6.16 -28.55 -31.62
N ASN B 374 5.15 -29.41 -31.49
CA ASN B 374 4.78 -30.32 -32.56
C ASN B 374 3.93 -29.58 -33.57
N LEU B 375 4.41 -29.54 -34.81
CA LEU B 375 3.75 -28.80 -35.88
C LEU B 375 3.28 -29.77 -36.96
N ASN B 376 2.46 -29.26 -37.87
CA ASN B 376 1.97 -30.02 -39.00
C ASN B 376 2.72 -29.61 -40.26
N SER B 377 2.98 -30.60 -41.11
CA SER B 377 3.64 -30.38 -42.39
C SER B 377 2.62 -29.86 -43.40
N VAL B 378 3.00 -28.83 -44.14
CA VAL B 378 2.08 -28.10 -45.00
C VAL B 378 2.64 -28.02 -46.41
N MET B 379 1.75 -27.72 -47.35
CA MET B 379 2.06 -27.64 -48.77
C MET B 379 2.21 -26.20 -49.20
N CYS B 380 3.23 -25.93 -50.02
CA CYS B 380 3.49 -24.60 -50.55
C CYS B 380 3.81 -24.73 -52.03
N THR B 381 3.07 -24.01 -52.86
CA THR B 381 3.21 -24.09 -54.31
C THR B 381 3.46 -22.70 -54.89
N GLY B 382 3.77 -22.67 -56.19
CA GLY B 382 4.05 -21.45 -56.91
C GLY B 382 3.06 -21.20 -58.03
N GLY B 383 3.37 -20.17 -58.83
CA GLY B 383 2.49 -19.76 -59.89
C GLY B 383 3.17 -19.49 -61.22
N SER B 384 2.72 -18.45 -61.92
CA SER B 384 3.19 -18.17 -63.27
C SER B 384 3.54 -16.69 -63.39
N TYR B 385 4.46 -16.41 -64.31
CA TYR B 385 4.85 -15.03 -64.59
C TYR B 385 5.30 -14.94 -66.05
N ASN B 386 5.24 -13.72 -66.59
CA ASN B 386 5.62 -13.46 -67.98
C ASN B 386 6.38 -12.13 -68.05
N PHE B 387 6.85 -11.83 -69.26
CA PHE B 387 7.53 -10.58 -69.54
C PHE B 387 6.98 -10.01 -70.85
N SER B 388 7.36 -8.77 -71.15
CA SER B 388 6.86 -8.08 -72.33
C SER B 388 7.98 -7.28 -72.99
N LEU B 389 8.67 -7.90 -73.95
CA LEU B 389 9.56 -7.14 -74.83
C LEU B 389 8.94 -7.06 -76.21
N PRO B 390 8.90 -5.89 -76.84
CA PRO B 390 8.14 -5.74 -78.08
C PRO B 390 8.76 -6.44 -79.29
N VAL B 391 8.99 -7.75 -79.18
CA VAL B 391 9.42 -8.56 -80.33
C VAL B 391 9.24 -10.02 -79.96
N GLY B 392 9.04 -10.86 -80.98
CA GLY B 392 8.96 -12.29 -80.78
C GLY B 392 7.74 -12.69 -79.95
N GLN B 393 7.86 -13.86 -79.33
CA GLN B 393 6.82 -14.41 -78.47
C GLN B 393 7.37 -14.56 -77.06
N TRP B 394 6.62 -14.05 -76.08
CA TRP B 394 7.13 -13.94 -74.72
C TRP B 394 7.28 -15.32 -74.07
N PRO B 395 8.30 -15.49 -73.23
CA PRO B 395 8.41 -16.71 -72.42
C PRO B 395 7.67 -16.57 -71.09
N VAL B 396 7.33 -17.72 -70.52
CA VAL B 396 6.53 -17.79 -69.32
C VAL B 396 7.32 -18.49 -68.23
N LEU B 397 7.27 -17.92 -67.02
CA LEU B 397 7.93 -18.49 -65.84
C LEU B 397 6.85 -19.11 -64.96
N THR B 398 6.71 -20.44 -65.04
CA THR B 398 5.69 -21.17 -64.31
C THR B 398 6.33 -22.30 -63.53
N GLY B 399 5.88 -22.49 -62.30
CA GLY B 399 6.40 -23.56 -61.47
C GLY B 399 6.33 -23.17 -60.00
N GLY B 400 6.95 -24.02 -59.18
CA GLY B 400 7.04 -23.74 -57.76
C GLY B 400 6.20 -24.64 -56.89
N ALA B 401 6.88 -25.50 -56.11
CA ALA B 401 6.19 -26.34 -55.13
C ALA B 401 7.24 -26.90 -54.17
N VAL B 402 7.03 -26.69 -52.88
CA VAL B 402 7.92 -27.22 -51.84
C VAL B 402 7.08 -27.57 -50.61
N SER B 403 7.16 -28.83 -50.19
CA SER B 403 6.54 -29.23 -48.93
C SER B 403 7.39 -28.76 -47.77
N LEU B 404 6.73 -28.33 -46.70
CA LEU B 404 7.40 -27.73 -45.56
C LEU B 404 7.18 -28.59 -44.33
N HIS B 405 8.26 -28.86 -43.61
CA HIS B 405 8.23 -29.61 -42.36
C HIS B 405 8.81 -28.76 -41.24
N SER B 406 8.40 -29.07 -40.02
CA SER B 406 8.90 -28.36 -38.86
C SER B 406 10.37 -28.69 -38.63
N ALA B 407 11.06 -27.78 -37.98
CA ALA B 407 12.49 -27.94 -37.70
C ALA B 407 12.78 -27.26 -36.36
N GLY B 408 14.06 -26.99 -36.10
CA GLY B 408 14.44 -26.38 -34.85
C GLY B 408 13.86 -24.99 -34.68
N VAL B 409 13.77 -24.58 -33.42
CA VAL B 409 13.24 -23.27 -33.05
C VAL B 409 14.23 -22.59 -32.14
N THR B 410 14.53 -21.32 -32.43
CA THR B 410 15.53 -20.57 -31.67
C THR B 410 14.94 -19.26 -31.15
N LEU B 411 15.60 -18.73 -30.12
CA LEU B 411 15.23 -17.47 -29.52
C LEU B 411 16.44 -16.54 -29.54
N SER B 412 16.19 -15.27 -29.85
CA SER B 412 17.23 -14.25 -29.88
C SER B 412 16.72 -13.01 -29.19
N THR B 413 17.63 -12.32 -28.51
CA THR B 413 17.29 -11.10 -27.78
C THR B 413 18.23 -9.98 -28.15
N GLN B 414 17.66 -8.81 -28.42
CA GLN B 414 18.41 -7.60 -28.71
C GLN B 414 18.60 -6.83 -27.40
N PHE B 415 19.48 -5.83 -27.41
CA PHE B 415 19.65 -4.99 -26.24
C PHE B 415 20.14 -3.62 -26.68
N THR B 416 19.65 -2.58 -26.00
CA THR B 416 20.06 -1.21 -26.27
C THR B 416 19.78 -0.37 -25.01
N ASP B 417 20.81 0.33 -24.55
CA ASP B 417 20.71 1.23 -23.40
C ASP B 417 20.26 0.46 -22.15
N PHE B 418 18.94 0.35 -21.96
CA PHE B 418 18.39 -0.38 -20.82
C PHE B 418 17.15 -1.18 -21.16
N VAL B 419 16.76 -1.24 -22.44
CA VAL B 419 15.56 -1.97 -22.85
C VAL B 419 15.99 -3.11 -23.76
N SER B 420 15.12 -4.12 -23.85
CA SER B 420 15.42 -5.33 -24.59
C SER B 420 14.39 -5.57 -25.68
N LEU B 421 14.85 -6.19 -26.77
CA LEU B 421 13.99 -6.56 -27.89
C LEU B 421 14.18 -8.05 -28.17
N ASN B 422 13.08 -8.77 -28.31
CA ASN B 422 13.11 -10.22 -28.46
C ASN B 422 12.40 -10.65 -29.74
N SER B 423 12.68 -11.88 -30.15
CA SER B 423 12.08 -12.44 -31.35
C SER B 423 12.11 -13.95 -31.28
N LEU B 424 10.94 -14.58 -31.45
CA LEU B 424 10.83 -16.02 -31.56
C LEU B 424 11.04 -16.39 -33.02
N ARG B 425 12.17 -17.05 -33.31
CA ARG B 425 12.51 -17.44 -34.67
C ARG B 425 12.20 -18.91 -34.88
N PHE B 426 11.39 -19.19 -35.90
CA PHE B 426 10.97 -20.56 -36.22
C PHE B 426 11.62 -20.98 -37.53
N ARG B 427 12.33 -22.11 -37.49
CA ARG B 427 12.98 -22.67 -38.67
C ARG B 427 12.19 -23.89 -39.14
N PHE B 428 12.06 -24.05 -40.45
CA PHE B 428 11.31 -25.14 -41.03
C PHE B 428 12.14 -25.81 -42.11
N ARG B 429 12.21 -27.14 -42.05
CA ARG B 429 12.87 -27.92 -43.09
C ARG B 429 11.90 -28.15 -44.25
N LEU B 430 12.44 -28.11 -45.47
CA LEU B 430 11.64 -28.15 -46.67
C LEU B 430 11.99 -29.36 -47.53
N ALA B 431 11.10 -29.69 -48.45
CA ALA B 431 11.31 -30.82 -49.35
C ALA B 431 10.60 -30.56 -50.68
N VAL B 432 11.21 -31.05 -51.76
CA VAL B 432 10.61 -30.91 -53.08
C VAL B 432 9.65 -32.06 -53.33
N GLU B 433 8.68 -31.82 -54.21
CA GLU B 433 7.65 -32.82 -54.51
C GLU B 433 7.93 -33.56 -55.81
N GLU B 434 7.11 -34.58 -56.06
CA GLU B 434 7.08 -35.35 -57.29
C GLU B 434 6.66 -34.52 -58.52
N PRO B 435 5.62 -33.69 -58.43
CA PRO B 435 5.20 -32.93 -59.62
C PRO B 435 6.35 -32.11 -60.20
N HIS B 436 6.42 -32.10 -61.53
CA HIS B 436 7.57 -31.58 -62.25
C HIS B 436 7.21 -30.29 -62.97
N PHE B 437 8.24 -29.48 -63.22
CA PHE B 437 8.06 -28.08 -63.57
C PHE B 437 8.95 -27.66 -64.74
N LYS B 438 8.91 -28.40 -65.85
CA LYS B 438 9.41 -27.87 -67.11
C LYS B 438 9.04 -26.41 -67.32
N LEU B 439 10.03 -25.56 -67.54
CA LEU B 439 9.78 -24.21 -68.04
C LEU B 439 9.61 -24.24 -69.55
N THR B 440 9.08 -23.14 -70.09
CA THR B 440 8.82 -23.04 -71.51
C THR B 440 9.68 -21.96 -72.14
N ARG B 441 10.11 -22.21 -73.38
CA ARG B 441 10.88 -21.26 -74.18
C ARG B 441 12.17 -20.86 -73.46
N THR B 442 12.77 -21.81 -72.75
CA THR B 442 14.02 -21.61 -72.03
C THR B 442 14.86 -22.88 -72.16
N ARG B 443 16.05 -22.84 -71.58
CA ARG B 443 16.91 -24.03 -71.55
C ARG B 443 16.87 -24.76 -70.22
N LEU B 444 16.51 -24.09 -69.14
CA LEU B 444 16.39 -24.75 -67.84
C LEU B 444 15.06 -25.50 -67.76
N ASP B 445 15.11 -26.71 -67.21
CA ASP B 445 13.95 -27.59 -67.19
C ASP B 445 13.84 -28.26 -65.83
N ARG B 446 12.62 -28.71 -65.52
CA ARG B 446 12.32 -29.48 -64.33
C ARG B 446 12.71 -28.73 -63.05
N LEU B 447 12.03 -27.61 -62.84
CA LEU B 447 12.26 -26.83 -61.62
C LEU B 447 11.94 -27.67 -60.40
N TYR B 448 12.84 -27.64 -59.42
CA TYR B 448 12.65 -28.31 -58.13
C TYR B 448 12.72 -27.24 -57.04
N GLY B 449 11.58 -26.61 -56.76
CA GLY B 449 11.54 -25.57 -55.74
C GLY B 449 10.70 -24.37 -56.15
N LEU B 450 10.68 -23.36 -55.30
CA LEU B 450 9.90 -22.15 -55.57
C LEU B 450 10.77 -21.11 -56.25
N PRO B 451 10.43 -20.68 -57.45
CA PRO B 451 11.01 -19.45 -58.01
C PRO B 451 10.47 -18.24 -57.26
N ALA B 452 10.87 -17.06 -57.73
CA ALA B 452 10.45 -15.81 -57.11
C ALA B 452 9.31 -15.13 -57.86
N ALA B 453 8.52 -15.87 -58.62
CA ALA B 453 7.48 -15.25 -59.44
C ALA B 453 6.22 -14.96 -58.62
N ASP B 454 5.51 -16.02 -58.20
CA ASP B 454 4.29 -15.81 -57.42
C ASP B 454 3.81 -17.09 -56.75
N PRO B 455 3.77 -17.10 -55.42
CA PRO B 455 3.05 -18.17 -54.72
C PRO B 455 1.65 -17.76 -54.30
N ASN B 456 1.28 -16.50 -54.56
CA ASN B 456 -0.05 -16.03 -54.21
C ASN B 456 -1.11 -16.88 -54.89
N ASN B 457 -0.94 -17.15 -56.18
CA ASN B 457 -1.71 -18.16 -56.90
C ASN B 457 -3.21 -17.90 -56.83
N GLY B 458 -3.60 -16.68 -56.45
CA GLY B 458 -5.00 -16.39 -56.26
C GLY B 458 -5.59 -16.94 -54.99
N LYS B 459 -4.76 -17.42 -54.06
CA LYS B 459 -5.24 -17.89 -52.77
C LYS B 459 -4.95 -16.84 -51.71
N GLU B 460 -5.30 -17.18 -50.47
CA GLU B 460 -5.39 -16.15 -49.43
C GLU B 460 -4.24 -16.22 -48.42
N TYR B 461 -3.91 -17.40 -47.91
CA TYR B 461 -2.90 -17.52 -46.87
C TYR B 461 -2.30 -18.92 -46.91
N TYR B 462 -1.41 -19.18 -45.94
CA TYR B 462 -0.90 -20.51 -45.64
C TYR B 462 -1.23 -20.83 -44.19
N GLU B 463 -1.68 -22.04 -43.92
CA GLU B 463 -2.13 -22.43 -42.59
C GLU B 463 -1.25 -23.56 -42.05
N ILE B 464 -0.75 -23.38 -40.83
CA ILE B 464 0.02 -24.41 -40.13
C ILE B 464 -0.54 -24.54 -38.72
N ALA B 465 -0.76 -25.77 -38.28
CA ALA B 465 -1.28 -26.04 -36.95
C ALA B 465 -0.21 -26.66 -36.07
N GLY B 466 -0.34 -26.44 -34.77
CA GLY B 466 0.62 -26.97 -33.83
C GLY B 466 0.22 -26.66 -32.39
N ARG B 467 1.07 -27.09 -31.47
CA ARG B 467 0.89 -26.86 -30.05
C ARG B 467 2.24 -26.62 -29.40
N PHE B 468 2.33 -25.56 -28.60
CA PHE B 468 3.57 -25.28 -27.88
C PHE B 468 3.70 -26.17 -26.65
N SER B 469 4.95 -26.36 -26.22
CA SER B 469 5.25 -26.96 -24.92
C SER B 469 6.36 -26.10 -24.31
N LEU B 470 5.94 -25.09 -23.56
CA LEU B 470 6.82 -24.04 -23.08
C LEU B 470 7.07 -24.18 -21.58
N ILE B 471 8.35 -24.19 -21.20
CA ILE B 471 8.76 -24.18 -19.81
C ILE B 471 9.64 -22.94 -19.62
N SER B 472 9.34 -22.16 -18.58
CA SER B 472 10.06 -20.92 -18.34
C SER B 472 9.92 -20.55 -16.87
N LEU B 473 10.52 -19.41 -16.51
CA LEU B 473 10.55 -18.99 -15.12
C LEU B 473 9.64 -17.78 -14.90
N VAL B 474 8.83 -17.82 -13.86
CA VAL B 474 7.83 -16.79 -13.61
C VAL B 474 7.86 -16.33 -12.16
N PRO B 475 7.77 -15.03 -11.90
CA PRO B 475 7.73 -14.54 -10.51
C PRO B 475 6.35 -14.22 -9.96
N SER B 476 5.28 -14.39 -10.74
CA SER B 476 3.98 -13.79 -10.45
C SER B 476 3.04 -14.75 -9.71
N ASN B 477 3.58 -15.62 -8.86
CA ASN B 477 2.74 -16.50 -8.05
C ASN B 477 3.27 -16.62 -6.62
N ASP B 478 3.76 -15.51 -6.06
CA ASP B 478 4.24 -15.46 -4.68
C ASP B 478 3.13 -14.86 -3.81
N ASP B 479 2.30 -15.73 -3.26
CA ASP B 479 1.05 -15.33 -2.62
C ASP B 479 1.16 -15.24 -1.10
N TYR B 480 2.32 -14.85 -0.57
CA TYR B 480 2.48 -14.68 0.87
C TYR B 480 2.71 -13.24 1.30
N GLN B 481 3.46 -12.45 0.53
CA GLN B 481 3.79 -11.08 0.95
C GLN B 481 2.59 -10.15 0.75
N THR B 482 1.61 -10.29 1.66
CA THR B 482 0.39 -9.51 1.73
C THR B 482 0.16 -9.01 3.16
N PRO B 483 -0.54 -7.88 3.32
CA PRO B 483 -0.78 -7.35 4.67
C PRO B 483 -1.71 -8.26 5.47
N ILE B 484 -1.70 -8.03 6.79
CA ILE B 484 -2.45 -8.88 7.70
C ILE B 484 -3.95 -8.64 7.50
N ALA B 485 -4.71 -9.73 7.37
CA ALA B 485 -6.16 -9.72 7.37
C ALA B 485 -6.72 -8.88 6.21
N ASN B 486 -6.27 -9.22 5.01
CA ASN B 486 -6.85 -8.64 3.79
C ASN B 486 -7.86 -9.63 3.21
N SER B 487 -8.92 -9.87 3.98
CA SER B 487 -10.00 -10.74 3.56
C SER B 487 -11.11 -9.89 2.95
N VAL B 488 -12.25 -10.50 2.62
CA VAL B 488 -13.38 -9.73 2.11
C VAL B 488 -13.88 -8.81 3.22
N THR B 489 -14.12 -9.36 4.41
CA THR B 489 -14.37 -8.60 5.63
C THR B 489 -14.59 -9.61 6.76
N VAL B 490 -14.44 -9.12 7.99
CA VAL B 490 -14.92 -9.88 9.14
C VAL B 490 -16.42 -9.67 9.27
N ARG B 491 -17.08 -10.58 9.98
CA ARG B 491 -18.53 -10.56 10.12
C ARG B 491 -18.87 -10.78 11.59
N GLN B 492 -19.39 -9.74 12.24
CA GLN B 492 -19.83 -9.87 13.62
C GLN B 492 -21.02 -10.83 13.70
N ASP B 493 -21.08 -11.58 14.79
CA ASP B 493 -22.15 -12.55 15.00
C ASP B 493 -23.30 -11.93 15.77
N LEU B 494 -24.47 -12.52 15.64
CA LEU B 494 -25.68 -12.02 16.30
C LEU B 494 -25.83 -12.69 17.67
N GLU B 495 -26.99 -12.50 18.29
CA GLU B 495 -27.30 -13.15 19.55
C GLU B 495 -28.81 -13.33 19.63
N ARG B 496 -29.24 -14.29 20.46
CA ARG B 496 -30.65 -14.58 20.60
C ARG B 496 -31.39 -13.39 21.22
N GLN B 497 -32.71 -13.39 21.06
CA GLN B 497 -33.52 -12.31 21.60
C GLN B 497 -33.48 -12.32 23.14
N LEU B 498 -33.75 -11.16 23.73
CA LEU B 498 -33.49 -10.97 25.15
C LEU B 498 -34.46 -11.74 26.04
N GLY B 499 -35.61 -12.17 25.51
CA GLY B 499 -36.58 -12.86 26.33
C GLY B 499 -36.07 -14.18 26.89
N GLU B 500 -35.46 -15.00 26.04
CA GLU B 500 -34.89 -16.26 26.52
C GLU B 500 -33.76 -15.99 27.50
N LEU B 501 -32.97 -14.95 27.25
CA LEU B 501 -31.91 -14.58 28.17
C LEU B 501 -32.47 -14.27 29.56
N ARG B 502 -33.50 -13.44 29.62
CA ARG B 502 -34.08 -13.08 30.92
C ARG B 502 -34.71 -14.28 31.61
N GLU B 503 -35.43 -15.12 30.87
CA GLU B 503 -36.08 -16.25 31.53
C GLU B 503 -35.06 -17.25 32.06
N GLU B 504 -33.99 -17.53 31.29
CA GLU B 504 -32.96 -18.42 31.81
C GLU B 504 -32.17 -17.75 32.93
N PHE B 505 -32.09 -16.42 32.90
CA PHE B 505 -31.44 -15.69 33.99
C PHE B 505 -32.20 -15.89 35.30
N ASN B 506 -33.53 -15.81 35.25
CA ASN B 506 -34.35 -16.12 36.42
C ASN B 506 -34.17 -17.58 36.84
N ALA B 507 -34.16 -18.48 35.86
CA ALA B 507 -34.00 -19.90 36.17
C ALA B 507 -32.65 -20.18 36.82
N LEU B 508 -31.63 -19.40 36.49
CA LEU B 508 -30.33 -19.51 37.16
C LEU B 508 -30.37 -18.89 38.54
N SER B 509 -31.14 -17.80 38.71
CA SER B 509 -31.29 -17.20 40.02
C SER B 509 -31.90 -18.17 41.02
N GLN B 510 -32.85 -18.99 40.58
CA GLN B 510 -33.61 -19.80 41.53
C GLN B 510 -32.79 -20.94 42.15
N GLU B 511 -31.46 -20.98 41.96
CA GLU B 511 -30.58 -21.91 42.66
C GLU B 511 -29.36 -21.19 43.21
N ILE B 512 -29.58 -20.08 43.91
CA ILE B 512 -28.51 -19.33 44.52
C ILE B 512 -28.40 -19.74 45.98
N ALA B 513 -27.20 -19.61 46.55
CA ALA B 513 -26.99 -19.92 47.95
C ALA B 513 -27.61 -18.81 48.81
N MET B 514 -27.62 -19.04 50.13
CA MET B 514 -28.32 -18.15 51.04
C MET B 514 -27.39 -17.39 51.97
N SER B 515 -26.57 -18.10 52.76
CA SER B 515 -25.77 -17.43 53.78
C SER B 515 -24.61 -16.66 53.17
N GLN B 516 -23.94 -17.25 52.19
CA GLN B 516 -22.86 -16.54 51.51
C GLN B 516 -23.38 -15.34 50.75
N LEU B 517 -24.66 -15.34 50.36
CA LEU B 517 -25.25 -14.18 49.71
C LEU B 517 -25.22 -12.98 50.63
N ILE B 518 -25.74 -13.12 51.85
CA ILE B 518 -25.71 -12.01 52.79
C ILE B 518 -24.29 -11.74 53.27
N ASP B 519 -23.43 -12.77 53.29
CA ASP B 519 -22.03 -12.56 53.60
C ASP B 519 -21.38 -11.60 52.61
N LEU B 520 -21.67 -11.78 51.33
CA LEU B 520 -21.20 -10.84 50.32
C LEU B 520 -21.91 -9.49 50.42
N ALA B 521 -23.19 -9.49 50.80
CA ALA B 521 -24.04 -8.30 50.78
C ALA B 521 -23.66 -7.25 51.83
N LEU B 522 -22.57 -7.44 52.55
CA LEU B 522 -22.09 -6.45 53.50
C LEU B 522 -20.89 -5.67 53.01
N LEU B 523 -20.07 -6.24 52.12
CA LEU B 523 -18.85 -5.59 51.67
C LEU B 523 -19.21 -4.61 50.56
N PRO B 524 -19.03 -3.30 50.77
CA PRO B 524 -19.28 -2.34 49.68
C PRO B 524 -18.07 -2.23 48.77
N LEU B 525 -18.16 -2.73 47.54
CA LEU B 525 -16.93 -3.02 46.83
C LEU B 525 -16.30 -1.78 46.21
N ASP B 526 -16.85 -1.34 45.08
CA ASP B 526 -16.33 -0.23 44.29
C ASP B 526 -17.14 -0.13 43.01
N MET B 527 -16.76 0.80 42.12
CA MET B 527 -17.15 0.62 40.73
C MET B 527 -16.13 -0.24 39.98
N PHE B 528 -14.97 -0.49 40.57
CA PHE B 528 -13.87 -1.14 39.85
C PHE B 528 -14.01 -2.66 39.86
N SER B 529 -14.00 -3.28 41.04
CA SER B 529 -14.12 -4.73 41.15
C SER B 529 -15.50 -5.22 40.73
N MET B 530 -16.47 -4.32 40.56
CA MET B 530 -17.75 -4.70 39.99
C MET B 530 -17.58 -5.33 38.61
N PHE B 531 -16.49 -5.01 37.91
CA PHE B 531 -16.24 -5.54 36.58
C PHE B 531 -14.79 -6.00 36.42
N SER B 532 -14.20 -6.49 37.51
CA SER B 532 -12.82 -6.98 37.44
C SER B 532 -12.77 -8.34 36.74
N GLY B 533 -13.62 -9.26 37.16
CA GLY B 533 -13.66 -10.58 36.55
C GLY B 533 -14.59 -10.66 35.36
N ILE B 534 -14.03 -10.55 34.16
CA ILE B 534 -14.80 -10.58 32.93
C ILE B 534 -14.22 -11.66 32.03
N LYS B 535 -15.06 -12.23 31.19
CA LYS B 535 -14.71 -13.38 30.38
C LYS B 535 -13.98 -12.96 29.11
N SER B 536 -12.72 -13.39 29.00
CA SER B 536 -11.90 -13.35 27.79
C SER B 536 -11.42 -11.95 27.43
N THR B 537 -11.98 -10.92 28.09
CA THR B 537 -11.45 -9.56 28.06
C THR B 537 -10.87 -9.13 26.72
N ILE B 538 -11.57 -9.44 25.61
CA ILE B 538 -10.98 -9.23 24.30
C ILE B 538 -11.17 -7.78 23.87
N ASP B 539 -10.24 -6.92 24.30
CA ASP B 539 -10.28 -5.50 24.01
C ASP B 539 -11.66 -4.92 24.31
N ALA B 540 -12.23 -5.39 25.43
CA ALA B 540 -13.62 -5.10 25.75
C ALA B 540 -13.81 -4.42 27.10
N ALA B 541 -12.92 -4.65 28.06
CA ALA B 541 -13.14 -4.17 29.42
C ALA B 541 -13.34 -2.66 29.46
N LYS B 542 -12.47 -1.92 28.79
CA LYS B 542 -12.60 -0.45 28.76
C LYS B 542 -13.86 -0.03 28.04
N SER B 543 -14.11 -0.60 26.86
CA SER B 543 -15.30 -0.27 26.09
C SER B 543 -16.57 -0.72 26.80
N MET B 544 -16.56 -1.88 27.45
CA MET B 544 -17.74 -2.34 28.18
C MET B 544 -18.03 -1.43 29.37
N ALA B 545 -16.98 -1.00 30.09
CA ALA B 545 -17.21 -0.06 31.20
C ALA B 545 -17.79 1.25 30.69
N THR B 546 -17.23 1.78 29.59
CA THR B 546 -17.76 3.01 29.02
C THR B 546 -19.21 2.83 28.58
N ASN B 547 -19.55 1.69 27.99
CA ASN B 547 -20.91 1.44 27.55
C ASN B 547 -21.88 1.31 28.71
N VAL B 548 -21.45 0.67 29.81
CA VAL B 548 -22.30 0.63 31.01
C VAL B 548 -22.59 2.04 31.49
N MET B 549 -21.55 2.88 31.56
CA MET B 549 -21.76 4.25 32.01
C MET B 549 -22.68 5.01 31.05
N LYS B 550 -22.52 4.78 29.75
CA LYS B 550 -23.37 5.45 28.77
C LYS B 550 -24.83 5.05 28.94
N LYS B 551 -25.10 3.75 29.04
CA LYS B 551 -26.49 3.29 29.09
C LYS B 551 -27.14 3.49 30.44
N PHE B 552 -26.36 3.72 31.50
CA PHE B 552 -26.97 3.77 32.82
C PHE B 552 -27.75 5.05 33.07
N LYS B 553 -27.39 6.16 32.41
CA LYS B 553 -28.02 7.44 32.73
C LYS B 553 -29.38 7.63 32.07
N LYS B 554 -29.76 6.77 31.12
CA LYS B 554 -31.05 6.88 30.46
C LYS B 554 -32.10 5.97 31.07
N SER B 555 -31.82 5.40 32.24
CA SER B 555 -32.73 4.48 32.89
C SER B 555 -33.86 5.26 33.57
N GLY B 556 -34.86 4.51 34.05
CA GLY B 556 -35.93 5.13 34.81
C GLY B 556 -35.47 5.74 36.12
N LEU B 557 -34.49 5.12 36.77
CA LEU B 557 -34.01 5.64 38.06
C LEU B 557 -33.37 7.01 37.89
N ALA B 558 -32.60 7.21 36.81
CA ALA B 558 -31.97 8.52 36.59
C ALA B 558 -33.02 9.60 36.35
N ASN B 559 -34.03 9.31 35.52
CA ASN B 559 -35.09 10.29 35.30
C ASN B 559 -35.84 10.57 36.59
N SER B 560 -36.08 9.54 37.39
CA SER B 560 -36.82 9.71 38.63
C SER B 560 -36.03 10.56 39.63
N VAL B 561 -34.73 10.33 39.75
CA VAL B 561 -33.95 11.14 40.68
C VAL B 561 -33.82 12.57 40.17
N SER B 562 -33.70 12.76 38.85
CA SER B 562 -33.63 14.11 38.31
C SER B 562 -34.93 14.88 38.56
N THR B 563 -36.08 14.23 38.34
CA THR B 563 -37.33 14.90 38.65
C THR B 563 -37.49 15.15 40.14
N LEU B 564 -37.00 14.23 40.98
CA LEU B 564 -36.99 14.48 42.42
C LEU B 564 -36.22 15.75 42.75
N THR B 565 -34.98 15.85 42.26
CA THR B 565 -34.14 16.97 42.68
C THR B 565 -34.63 18.29 42.11
N ASP B 566 -35.02 18.33 40.83
CA ASP B 566 -35.45 19.62 40.31
C ASP B 566 -36.81 20.02 40.85
N SER B 567 -37.68 19.05 41.14
CA SER B 567 -38.95 19.36 41.77
C SER B 567 -38.75 19.98 43.14
N LEU B 568 -37.86 19.39 43.96
CA LEU B 568 -37.64 19.98 45.28
C LEU B 568 -36.93 21.31 45.19
N SER B 569 -36.01 21.47 44.22
CA SER B 569 -35.33 22.74 44.04
C SER B 569 -36.32 23.84 43.67
N ASP B 570 -37.25 23.55 42.77
CA ASP B 570 -38.29 24.51 42.42
C ASP B 570 -39.26 24.77 43.56
N ALA B 571 -39.62 23.75 44.33
CA ALA B 571 -40.51 23.94 45.47
C ALA B 571 -39.89 24.86 46.51
N ALA B 572 -38.59 24.67 46.78
CA ALA B 572 -37.89 25.54 47.71
C ALA B 572 -37.46 26.86 47.07
N SER B 573 -37.55 26.98 45.75
CA SER B 573 -37.04 28.17 45.07
C SER B 573 -37.86 29.41 45.43
N SER B 574 -39.18 29.25 45.51
CA SER B 574 -40.10 30.36 45.79
C SER B 574 -41.47 29.75 46.07
N ILE B 575 -42.48 30.61 46.13
CA ILE B 575 -43.86 30.14 46.18
C ILE B 575 -44.34 29.94 44.75
N SER B 576 -44.02 28.78 44.18
CA SER B 576 -44.33 28.51 42.78
C SER B 576 -45.73 27.93 42.60
N ARG B 577 -46.10 26.97 43.44
CA ARG B 577 -47.42 26.37 43.41
C ARG B 577 -48.15 26.72 44.70
N GLY B 578 -49.08 27.65 44.62
CA GLY B 578 -49.82 28.06 45.80
C GLY B 578 -50.76 26.99 46.30
N SER B 579 -51.84 26.73 45.55
CA SER B 579 -52.77 25.66 45.91
C SER B 579 -53.55 25.29 44.64
N SER B 580 -53.16 24.17 44.02
CA SER B 580 -53.90 23.62 42.89
C SER B 580 -54.68 22.38 43.28
N ILE B 581 -53.97 21.38 43.84
CA ILE B 581 -54.60 20.17 44.38
C ILE B 581 -54.01 19.98 45.77
N ARG B 582 -54.51 19.00 46.51
CA ARG B 582 -54.15 18.82 47.92
C ARG B 582 -52.64 18.69 48.11
N SER B 583 -52.14 19.33 49.15
CA SER B 583 -50.71 19.34 49.48
C SER B 583 -50.52 19.12 50.96
N ILE B 584 -51.21 18.11 51.51
CA ILE B 584 -51.35 17.95 52.95
C ILE B 584 -50.27 17.02 53.47
N GLY B 585 -49.35 17.59 54.24
CA GLY B 585 -48.53 16.85 55.18
C GLY B 585 -48.81 17.42 56.55
N SER B 586 -47.83 18.12 57.12
CA SER B 586 -48.07 19.06 58.21
C SER B 586 -47.79 20.50 57.80
N SER B 587 -46.94 20.71 56.81
CA SER B 587 -46.67 22.02 56.24
C SER B 587 -46.16 21.80 54.83
N ALA B 588 -45.67 22.87 54.20
CA ALA B 588 -45.12 22.77 52.87
C ALA B 588 -43.86 21.90 52.90
N SER B 589 -43.76 20.99 51.94
CA SER B 589 -42.63 20.07 51.86
C SER B 589 -42.52 19.57 50.43
N ALA B 590 -41.44 18.84 50.16
CA ALA B 590 -41.21 18.31 48.82
C ALA B 590 -41.64 16.86 48.71
N TRP B 591 -41.39 16.07 49.75
CA TRP B 591 -41.68 14.64 49.68
C TRP B 591 -43.17 14.36 49.69
N THR B 592 -43.91 14.98 50.61
CA THR B 592 -45.28 14.54 50.85
C THR B 592 -46.28 15.31 49.99
N ASP B 593 -46.19 16.63 49.97
CA ASP B 593 -47.25 17.45 49.39
C ASP B 593 -47.43 17.22 47.89
N VAL B 594 -46.34 17.18 47.11
CA VAL B 594 -46.51 16.99 45.67
C VAL B 594 -46.81 15.55 45.31
N SER B 595 -46.73 14.63 46.27
CA SER B 595 -47.29 13.30 46.06
C SER B 595 -48.81 13.38 45.96
N THR B 596 -49.42 14.31 46.68
CA THR B 596 -50.85 14.55 46.61
C THR B 596 -51.22 15.63 45.60
N GLN B 597 -50.25 16.41 45.12
CA GLN B 597 -50.51 17.49 44.19
C GLN B 597 -51.00 16.99 42.84
N ILE B 598 -50.76 15.72 42.49
CA ILE B 598 -51.38 15.15 41.30
C ILE B 598 -52.90 15.17 41.47
N THR B 599 -53.59 15.22 40.33
CA THR B 599 -55.04 15.43 40.34
C THR B 599 -55.79 14.41 41.18
N ASP B 600 -55.26 13.18 41.30
CA ASP B 600 -55.91 12.15 42.11
C ASP B 600 -57.36 12.00 41.69
N ILE B 601 -57.58 11.50 40.47
CA ILE B 601 -58.87 11.60 39.78
C ILE B 601 -60.04 11.29 40.70
N SER B 602 -59.87 10.33 41.61
CA SER B 602 -60.84 10.08 42.67
C SER B 602 -60.37 10.82 43.93
N SER B 603 -60.67 12.10 44.01
CA SER B 603 -60.17 12.96 45.08
C SER B 603 -61.02 12.74 46.32
N SER B 604 -60.51 11.96 47.27
CA SER B 604 -61.19 11.71 48.53
C SER B 604 -60.14 11.43 49.60
N VAL B 605 -60.62 11.09 50.80
CA VAL B 605 -59.73 10.81 51.93
C VAL B 605 -60.02 9.47 52.59
N SER B 606 -61.04 8.73 52.13
CA SER B 606 -61.38 7.47 52.77
C SER B 606 -60.25 6.46 52.64
N SER B 607 -59.90 6.10 51.40
CA SER B 607 -58.82 5.15 51.17
C SER B 607 -57.50 5.91 51.19
N VAL B 608 -56.88 5.99 52.38
CA VAL B 608 -55.58 6.62 52.53
C VAL B 608 -54.46 5.72 51.99
N SER B 609 -54.79 4.48 51.61
CA SER B 609 -53.76 3.58 51.07
C SER B 609 -53.12 4.17 49.81
N THR B 610 -53.88 4.96 49.05
CA THR B 610 -53.29 5.62 47.89
C THR B 610 -52.20 6.59 48.29
N GLN B 611 -52.45 7.41 49.32
CA GLN B 611 -51.45 8.37 49.77
C GLN B 611 -50.21 7.66 50.29
N THR B 612 -50.41 6.62 51.10
CA THR B 612 -49.28 5.86 51.63
C THR B 612 -48.48 5.19 50.53
N SER B 613 -49.16 4.58 49.55
CA SER B 613 -48.46 3.94 48.46
C SER B 613 -47.68 4.96 47.64
N THR B 614 -48.26 6.13 47.36
CA THR B 614 -47.55 7.13 46.58
C THR B 614 -46.32 7.65 47.34
N ILE B 615 -46.47 7.96 48.62
CA ILE B 615 -45.32 8.46 49.36
C ILE B 615 -44.25 7.40 49.53
N SER B 616 -44.62 6.13 49.76
CA SER B 616 -43.62 5.07 49.80
C SER B 616 -42.93 4.92 48.46
N ARG B 617 -43.68 5.06 47.36
CA ARG B 617 -43.07 5.06 46.04
C ARG B 617 -42.06 6.20 45.91
N ARG B 618 -42.32 7.32 46.57
CA ARG B 618 -41.31 8.38 46.62
C ARG B 618 -40.14 7.98 47.53
N LEU B 619 -40.42 7.29 48.63
CA LEU B 619 -39.37 6.82 49.54
C LEU B 619 -38.60 5.62 48.99
N ARG B 620 -38.73 5.28 47.72
CA ARG B 620 -38.04 4.13 47.14
C ARG B 620 -36.56 4.44 46.91
N LEU B 621 -35.90 3.58 46.15
CA LEU B 621 -34.46 3.60 45.90
C LEU B 621 -33.90 5.01 45.74
N LYS B 622 -34.65 5.85 45.02
CA LYS B 622 -34.21 7.22 44.78
C LYS B 622 -34.05 8.01 46.08
N GLU B 623 -34.94 7.80 47.04
CA GLU B 623 -34.67 8.30 48.39
C GLU B 623 -33.52 7.53 49.04
N MET B 624 -33.51 6.21 48.88
CA MET B 624 -32.52 5.38 49.54
C MET B 624 -31.10 5.66 49.03
N ALA B 625 -30.98 6.19 47.82
CA ALA B 625 -29.67 6.41 47.20
C ALA B 625 -28.93 7.60 47.79
N THR B 626 -29.40 8.17 48.90
CA THR B 626 -28.73 9.31 49.51
C THR B 626 -28.15 8.98 50.89
N GLN B 627 -28.97 8.50 51.82
CA GLN B 627 -28.50 8.24 53.18
C GLN B 627 -29.53 7.40 53.92
N THR B 628 -29.06 6.37 54.62
CA THR B 628 -29.87 5.49 55.45
C THR B 628 -28.94 4.61 56.26
N GLU B 629 -29.50 3.66 57.00
CA GLU B 629 -28.71 2.72 57.79
C GLU B 629 -29.16 1.31 57.46
N GLY B 630 -28.23 0.36 57.57
CA GLY B 630 -28.52 -1.03 57.32
C GLY B 630 -28.60 -1.35 55.84
N MET B 631 -28.90 -2.61 55.56
CA MET B 631 -29.05 -3.05 54.18
C MET B 631 -30.30 -2.46 53.56
N ASN B 632 -30.32 -2.45 52.22
CA ASN B 632 -31.42 -1.85 51.48
C ASN B 632 -31.84 -2.75 50.33
N PHE B 633 -32.69 -2.23 49.44
CA PHE B 633 -33.03 -2.95 48.23
C PHE B 633 -31.78 -3.27 47.41
N ASP B 634 -30.92 -2.25 47.25
CA ASP B 634 -29.76 -2.39 46.39
C ASP B 634 -28.73 -3.35 46.98
N ASP B 635 -28.59 -3.38 48.30
CA ASP B 635 -27.54 -4.19 48.91
C ASP B 635 -27.75 -5.69 48.72
N ILE B 636 -28.95 -6.10 48.31
CA ILE B 636 -29.19 -7.50 47.95
C ILE B 636 -29.34 -7.60 46.44
N SER B 637 -29.90 -6.54 45.82
CA SER B 637 -30.09 -6.56 44.38
C SER B 637 -28.75 -6.69 43.65
N ALA B 638 -27.77 -5.85 44.02
CA ALA B 638 -26.46 -5.93 43.41
C ALA B 638 -25.74 -7.23 43.78
N ALA B 639 -25.94 -7.74 44.99
CA ALA B 639 -25.33 -9.01 45.36
C ALA B 639 -25.78 -10.12 44.43
N VAL B 640 -27.10 -10.28 44.26
CA VAL B 640 -27.60 -11.33 43.38
C VAL B 640 -27.23 -11.04 41.94
N LEU B 641 -27.20 -9.77 41.54
CA LEU B 641 -26.82 -9.43 40.18
C LEU B 641 -25.40 -9.89 39.87
N LYS B 642 -24.45 -9.55 40.75
CA LYS B 642 -23.07 -10.01 40.56
C LYS B 642 -22.98 -11.52 40.57
N THR B 643 -23.59 -12.17 41.58
CA THR B 643 -23.48 -13.62 41.69
C THR B 643 -24.08 -14.33 40.50
N LYS B 644 -25.05 -13.69 39.82
CA LYS B 644 -25.60 -14.29 38.61
C LYS B 644 -24.73 -14.01 37.40
N ILE B 645 -24.13 -12.82 37.33
CA ILE B 645 -23.41 -12.44 36.11
C ILE B 645 -21.99 -12.99 36.05
N ASP B 646 -21.37 -13.39 37.16
CA ASP B 646 -20.05 -14.01 37.01
C ASP B 646 -20.14 -15.44 36.50
N LYS B 647 -21.08 -16.23 37.02
CA LYS B 647 -21.24 -17.63 36.60
C LYS B 647 -22.34 -17.71 35.55
N SER B 648 -22.07 -17.08 34.42
CA SER B 648 -22.94 -17.16 33.25
C SER B 648 -22.06 -17.33 32.03
N THR B 649 -22.42 -18.29 31.18
CA THR B 649 -21.64 -18.61 29.98
C THR B 649 -22.24 -18.00 28.73
N GLN B 650 -23.55 -18.14 28.53
CA GLN B 650 -24.24 -17.59 27.38
C GLN B 650 -24.50 -16.10 27.60
N ILE B 651 -23.42 -15.39 27.88
CA ILE B 651 -23.44 -13.94 28.06
C ILE B 651 -22.29 -13.35 27.28
N SER B 652 -22.53 -12.20 26.67
CA SER B 652 -21.53 -11.51 25.89
C SER B 652 -21.04 -10.27 26.63
N PRO B 653 -19.77 -9.90 26.44
CA PRO B 653 -19.26 -8.71 27.16
C PRO B 653 -19.97 -7.43 26.81
N ASN B 654 -20.49 -7.31 25.59
CA ASN B 654 -21.08 -6.06 25.12
C ASN B 654 -22.56 -5.93 25.43
N THR B 655 -23.19 -6.96 26.00
CA THR B 655 -24.60 -6.90 26.36
C THR B 655 -24.81 -6.69 27.84
N ILE B 656 -23.71 -6.55 28.61
CA ILE B 656 -23.84 -6.20 30.06
C ILE B 656 -24.57 -4.86 30.22
N PRO B 657 -24.31 -3.81 29.39
CA PRO B 657 -25.14 -2.59 29.46
C PRO B 657 -26.57 -2.97 29.02
N ASP B 658 -27.60 -2.40 29.66
CA ASP B 658 -29.03 -2.68 29.35
C ASP B 658 -29.59 -3.79 30.24
N ILE B 659 -28.80 -4.82 30.57
CA ILE B 659 -29.24 -5.87 31.48
C ILE B 659 -29.03 -5.46 32.93
N VAL B 660 -27.95 -4.73 33.22
CA VAL B 660 -27.74 -4.22 34.56
C VAL B 660 -28.76 -3.12 34.89
N THR B 661 -29.08 -2.27 33.92
CA THR B 661 -30.01 -1.16 34.17
C THR B 661 -31.40 -1.69 34.49
N GLU B 662 -31.93 -2.58 33.65
CA GLU B 662 -33.27 -3.11 33.89
C GLU B 662 -33.34 -3.96 35.14
N ALA B 663 -32.25 -4.66 35.48
CA ALA B 663 -32.21 -5.39 36.75
C ALA B 663 -32.22 -4.44 37.94
N SER B 664 -31.51 -3.32 37.83
CA SER B 664 -31.55 -2.32 38.90
C SER B 664 -32.92 -1.70 39.05
N GLU B 665 -33.61 -1.46 37.93
CA GLU B 665 -34.93 -0.84 37.97
C GLU B 665 -36.00 -1.72 38.60
N LYS B 666 -35.96 -3.03 38.37
CA LYS B 666 -37.10 -3.88 38.67
C LYS B 666 -36.90 -4.86 39.83
N PHE B 667 -35.70 -4.95 40.40
CA PHE B 667 -35.51 -5.89 41.50
C PHE B 667 -36.20 -5.39 42.76
N ILE B 668 -36.96 -6.28 43.39
CA ILE B 668 -37.76 -6.00 44.59
C ILE B 668 -38.63 -4.79 44.31
N PRO B 669 -39.67 -4.92 43.47
CA PRO B 669 -40.56 -3.78 43.22
C PRO B 669 -41.31 -3.32 44.45
N ASN B 670 -41.66 -4.22 45.37
CA ASN B 670 -42.58 -3.88 46.47
C ASN B 670 -42.11 -4.43 47.82
N ARG B 671 -41.63 -3.53 48.67
CA ARG B 671 -41.44 -3.79 50.09
C ARG B 671 -41.72 -2.49 50.84
N ALA B 672 -41.37 -2.45 52.12
CA ALA B 672 -41.66 -1.31 52.97
C ALA B 672 -40.39 -0.70 53.52
N TYR B 673 -40.55 0.46 54.17
CA TYR B 673 -39.48 1.13 54.90
C TYR B 673 -39.93 1.39 56.33
N ARG B 674 -38.98 1.34 57.26
CA ARG B 674 -39.25 1.51 58.68
C ARG B 674 -38.62 2.80 59.18
N VAL B 675 -39.34 3.50 60.06
CA VAL B 675 -38.84 4.70 60.71
C VAL B 675 -39.17 4.60 62.20
N ILE B 676 -38.21 4.98 63.04
CA ILE B 676 -38.33 4.82 64.48
C ILE B 676 -38.32 6.20 65.14
N ASN B 677 -39.08 6.31 66.23
CA ASN B 677 -39.17 7.58 66.96
C ASN B 677 -39.73 7.29 68.35
N ASN B 678 -38.93 7.56 69.39
CA ASN B 678 -39.31 7.42 70.79
C ASN B 678 -40.17 6.18 71.05
N ASP B 679 -39.56 5.00 70.85
CA ASP B 679 -40.20 3.70 71.11
C ASP B 679 -41.51 3.53 70.34
N ASP B 680 -41.63 4.21 69.20
CA ASP B 680 -42.74 4.03 68.28
C ASP B 680 -42.19 3.87 66.87
N VAL B 681 -42.73 2.90 66.14
CA VAL B 681 -42.24 2.59 64.80
C VAL B 681 -43.36 2.78 63.81
N PHE B 682 -42.98 3.04 62.55
CA PHE B 682 -43.94 3.24 61.48
C PHE B 682 -43.38 2.63 60.20
N GLU B 683 -44.30 2.26 59.29
CA GLU B 683 -43.92 1.59 58.06
C GLU B 683 -44.80 2.09 56.92
N ALA B 684 -44.33 1.84 55.70
CA ALA B 684 -45.10 2.14 54.50
C ALA B 684 -44.52 1.38 53.31
N GLY B 685 -45.39 0.68 52.57
CA GLY B 685 -44.98 -0.10 51.42
C GLY B 685 -45.94 0.07 50.25
N ILE B 686 -45.55 -0.52 49.13
CA ILE B 686 -46.38 -0.46 47.94
C ILE B 686 -47.67 -1.22 48.17
N ASP B 687 -48.72 -0.80 47.47
CA ASP B 687 -50.08 -1.33 47.51
C ASP B 687 -50.84 -0.92 48.77
N GLY B 688 -50.20 -0.24 49.71
CA GLY B 688 -50.89 0.28 50.87
C GLY B 688 -50.81 -0.61 52.08
N LYS B 689 -50.00 -0.22 53.06
CA LYS B 689 -49.84 -0.98 54.29
C LYS B 689 -49.87 -0.03 55.47
N PHE B 690 -50.52 -0.47 56.55
CA PHE B 690 -50.69 0.33 57.76
C PHE B 690 -50.29 -0.50 58.97
N PHE B 691 -49.06 -0.34 59.43
CA PHE B 691 -48.62 -0.98 60.65
C PHE B 691 -47.84 0.02 61.49
N ALA B 692 -48.11 0.03 62.79
CA ALA B 692 -47.44 0.90 63.74
C ALA B 692 -47.34 0.15 65.06
N TYR B 693 -46.13 -0.20 65.46
CA TYR B 693 -45.89 -1.05 66.61
C TYR B 693 -45.13 -0.29 67.69
N LYS B 694 -45.08 -0.91 68.87
CA LYS B 694 -44.14 -0.51 69.91
C LYS B 694 -42.79 -1.16 69.63
N VAL B 695 -41.88 -1.08 70.60
CA VAL B 695 -40.56 -1.69 70.46
C VAL B 695 -40.35 -2.83 71.44
N ASP B 696 -41.37 -3.25 72.16
CA ASP B 696 -41.23 -4.35 73.10
C ASP B 696 -42.35 -5.37 72.98
N THR B 697 -43.53 -4.94 72.54
CA THR B 697 -44.70 -5.81 72.53
C THR B 697 -45.34 -6.00 71.16
N PHE B 698 -45.23 -5.05 70.24
CA PHE B 698 -45.66 -5.19 68.85
C PHE B 698 -47.15 -5.53 68.77
N GLU B 699 -47.97 -4.59 69.21
CA GLU B 699 -49.41 -4.69 69.10
C GLU B 699 -49.92 -3.60 68.16
N GLU B 700 -51.24 -3.54 68.01
CA GLU B 700 -51.84 -2.49 67.20
C GLU B 700 -51.93 -1.18 67.99
N ILE B 701 -51.36 -0.13 67.43
CA ILE B 701 -51.49 1.22 68.00
C ILE B 701 -52.20 2.08 66.97
N PRO B 702 -53.19 2.88 67.37
CA PRO B 702 -53.86 3.76 66.41
C PRO B 702 -52.89 4.77 65.83
N PHE B 703 -52.61 4.63 64.54
CA PHE B 703 -51.62 5.44 63.85
C PHE B 703 -52.27 6.68 63.24
N ASP B 704 -51.52 7.36 62.40
CA ASP B 704 -52.04 8.44 61.57
C ASP B 704 -51.12 8.61 60.38
N VAL B 705 -51.42 9.60 59.54
CA VAL B 705 -50.51 10.02 58.49
C VAL B 705 -49.84 11.35 58.78
N GLN B 706 -50.23 12.02 59.87
CA GLN B 706 -49.62 13.29 60.24
C GLN B 706 -48.19 13.09 60.72
N LYS B 707 -48.04 12.34 61.82
CA LYS B 707 -46.73 12.06 62.37
C LYS B 707 -45.83 11.31 61.41
N PHE B 708 -46.38 10.34 60.68
CA PHE B 708 -45.58 9.62 59.70
C PHE B 708 -45.01 10.56 58.65
N ALA B 709 -45.85 11.46 58.14
CA ALA B 709 -45.39 12.43 57.15
C ALA B 709 -44.30 13.32 57.74
N ASP B 710 -44.48 13.78 58.97
CA ASP B 710 -43.44 14.58 59.61
C ASP B 710 -42.17 13.79 59.89
N LEU B 711 -42.28 12.58 60.44
CA LEU B 711 -41.08 11.85 60.85
C LEU B 711 -40.28 11.34 59.66
N VAL B 712 -40.95 10.96 58.57
CA VAL B 712 -40.24 10.33 57.46
C VAL B 712 -39.30 11.29 56.75
N THR B 713 -39.66 12.58 56.68
CA THR B 713 -38.89 13.51 55.86
C THR B 713 -37.67 14.04 56.61
N ASP B 714 -37.55 13.73 57.88
CA ASP B 714 -36.58 14.37 58.76
C ASP B 714 -35.72 13.34 59.48
N SER B 715 -35.53 12.17 58.88
CA SER B 715 -34.76 11.10 59.49
C SER B 715 -34.46 10.06 58.44
N PRO B 716 -33.28 9.45 58.47
CA PRO B 716 -33.05 8.27 57.63
C PRO B 716 -34.00 7.15 58.02
N VAL B 717 -34.45 6.41 57.02
CA VAL B 717 -35.40 5.34 57.22
C VAL B 717 -34.68 4.00 57.12
N ILE B 718 -35.35 2.95 57.55
CA ILE B 718 -34.79 1.60 57.56
C ILE B 718 -35.57 0.75 56.57
N SER B 719 -34.87 0.14 55.63
CA SER B 719 -35.52 -0.77 54.69
C SER B 719 -36.03 -1.99 55.44
N ALA B 720 -37.29 -2.34 55.21
CA ALA B 720 -37.91 -3.46 55.92
C ALA B 720 -37.37 -4.75 55.33
N ILE B 721 -36.19 -5.15 55.80
CA ILE B 721 -35.62 -6.43 55.38
C ILE B 721 -36.53 -7.57 55.83
N ILE B 722 -37.05 -7.49 57.05
CA ILE B 722 -37.98 -8.48 57.57
C ILE B 722 -39.33 -7.79 57.72
N ASP B 723 -40.38 -8.42 57.20
CA ASP B 723 -41.73 -7.88 57.32
C ASP B 723 -42.35 -8.28 58.64
N PHE B 724 -43.63 -7.96 58.85
CA PHE B 724 -44.17 -7.97 60.20
C PHE B 724 -45.00 -9.20 60.51
N LYS B 725 -45.61 -9.82 59.49
CA LYS B 725 -46.26 -11.10 59.73
C LYS B 725 -45.24 -12.15 60.18
N THR B 726 -44.08 -12.19 59.52
CA THR B 726 -42.99 -13.03 59.99
C THR B 726 -42.53 -12.59 61.37
N LEU B 727 -42.49 -11.28 61.63
CA LEU B 727 -42.18 -10.80 62.97
C LEU B 727 -43.22 -11.27 63.99
N LYS B 728 -44.51 -11.19 63.63
CA LYS B 728 -45.55 -11.70 64.51
C LYS B 728 -45.32 -13.16 64.86
N ASN B 729 -45.14 -14.00 63.84
CA ASN B 729 -44.99 -15.43 64.09
C ASN B 729 -43.71 -15.73 64.85
N LEU B 730 -42.62 -15.02 64.54
CA LEU B 730 -41.34 -15.24 65.20
C LEU B 730 -41.42 -14.88 66.69
N ASN B 731 -41.94 -13.69 67.00
CA ASN B 731 -42.08 -13.31 68.39
C ASN B 731 -43.15 -14.10 69.12
N ASP B 732 -44.05 -14.76 68.38
CA ASP B 732 -45.03 -15.62 69.04
C ASP B 732 -44.42 -16.95 69.43
N ASN B 733 -43.91 -17.71 68.46
CA ASN B 733 -43.48 -19.07 68.76
C ASN B 733 -42.05 -19.13 69.28
N TYR B 734 -41.21 -18.15 68.95
CA TYR B 734 -39.80 -18.24 69.33
C TYR B 734 -39.42 -17.28 70.46
N GLY B 735 -39.98 -16.07 70.47
CA GLY B 735 -39.75 -15.15 71.57
C GLY B 735 -38.30 -14.73 71.75
N ILE B 736 -37.79 -13.94 70.82
CA ILE B 736 -36.42 -13.43 70.89
C ILE B 736 -36.28 -12.50 72.08
N THR B 737 -35.04 -12.23 72.49
CA THR B 737 -34.79 -11.40 73.65
C THR B 737 -34.78 -9.93 73.24
N LYS B 738 -34.36 -9.06 74.17
CA LYS B 738 -34.44 -7.63 73.94
C LYS B 738 -33.48 -7.17 72.84
N GLN B 739 -32.21 -7.61 72.93
CA GLN B 739 -31.22 -7.15 71.96
C GLN B 739 -31.52 -7.66 70.56
N GLN B 740 -32.06 -8.88 70.44
CA GLN B 740 -32.44 -9.37 69.12
C GLN B 740 -33.44 -8.44 68.45
N ALA B 741 -34.50 -8.05 69.14
CA ALA B 741 -35.46 -7.13 68.55
C ALA B 741 -34.82 -5.77 68.29
N PHE B 742 -34.04 -5.27 69.24
CA PHE B 742 -33.40 -3.97 69.09
C PHE B 742 -32.49 -3.92 67.88
N ASN B 743 -31.93 -5.06 67.48
CA ASN B 743 -31.06 -5.09 66.32
C ASN B 743 -31.82 -5.37 65.03
N LEU B 744 -32.74 -6.35 65.03
CA LEU B 744 -33.53 -6.61 63.84
C LEU B 744 -34.34 -5.40 63.39
N LEU B 745 -34.84 -4.57 64.31
CA LEU B 745 -35.64 -3.43 63.87
C LEU B 745 -34.79 -2.44 63.08
N ARG B 746 -33.51 -2.30 63.44
CA ARG B 746 -32.61 -1.45 62.68
C ARG B 746 -31.91 -2.18 61.54
N SER B 747 -32.09 -3.50 61.43
CA SER B 747 -31.60 -4.30 60.32
C SER B 747 -30.07 -4.23 60.19
N ASP B 748 -29.40 -4.69 61.23
CA ASP B 748 -27.96 -4.91 61.12
C ASP B 748 -27.68 -6.36 60.75
N PRO B 749 -26.62 -6.61 59.98
CA PRO B 749 -26.42 -7.96 59.42
C PRO B 749 -26.16 -9.05 60.44
N ARG B 750 -25.56 -8.73 61.59
CA ARG B 750 -25.07 -9.78 62.49
C ARG B 750 -26.19 -10.67 62.99
N VAL B 751 -27.26 -10.07 63.53
CA VAL B 751 -28.33 -10.86 64.12
C VAL B 751 -29.05 -11.69 63.07
N LEU B 752 -29.35 -11.11 61.91
CA LEU B 752 -30.02 -11.89 60.88
C LEU B 752 -29.12 -13.02 60.39
N ARG B 753 -27.82 -12.79 60.30
CA ARG B 753 -26.90 -13.85 59.92
C ARG B 753 -26.91 -14.99 60.93
N GLU B 754 -26.87 -14.65 62.23
CA GLU B 754 -26.84 -15.72 63.23
C GLU B 754 -28.18 -16.42 63.35
N PHE B 755 -29.26 -15.77 62.90
CA PHE B 755 -30.52 -16.49 62.78
C PHE B 755 -30.54 -17.42 61.59
N ILE B 756 -30.01 -16.98 60.44
CA ILE B 756 -30.19 -17.74 59.21
C ILE B 756 -29.17 -18.86 59.08
N ASN B 757 -28.00 -18.76 59.72
CA ASN B 757 -26.96 -19.75 59.49
C ASN B 757 -27.37 -21.13 60.01
N GLN B 758 -27.83 -21.22 61.26
CA GLN B 758 -28.22 -22.51 61.81
C GLN B 758 -29.69 -22.57 62.21
N ASP B 759 -30.18 -21.56 62.94
CA ASP B 759 -31.52 -21.64 63.50
C ASP B 759 -32.58 -21.74 62.42
N ASN B 760 -32.48 -20.92 61.37
CA ASN B 760 -33.27 -20.90 60.16
C ASN B 760 -34.76 -21.21 60.36
N PRO B 761 -35.42 -20.62 61.38
CA PRO B 761 -36.80 -21.04 61.66
C PRO B 761 -37.80 -20.66 60.59
N ILE B 762 -37.98 -19.35 60.37
CA ILE B 762 -38.94 -18.85 59.40
C ILE B 762 -38.33 -17.71 58.60
N ILE B 763 -37.21 -17.16 59.10
CA ILE B 763 -36.55 -16.08 58.39
C ILE B 763 -36.09 -16.54 57.03
N ARG B 764 -35.74 -17.82 56.89
CA ARG B 764 -35.54 -18.40 55.58
C ARG B 764 -36.68 -18.07 54.64
N ASN B 765 -37.90 -18.52 54.98
CA ASN B 765 -39.04 -18.33 54.08
C ASN B 765 -39.07 -16.91 53.54
N ARG B 766 -38.84 -15.92 54.41
CA ARG B 766 -38.76 -14.53 53.95
C ARG B 766 -37.60 -14.33 52.99
N ILE B 767 -36.43 -14.90 53.29
CA ILE B 767 -35.25 -14.63 52.46
C ILE B 767 -35.40 -15.24 51.07
N GLU B 768 -35.77 -16.52 50.98
CA GLU B 768 -36.02 -17.09 49.66
C GLU B 768 -37.23 -16.46 48.96
N GLN B 769 -38.24 -16.00 49.70
CA GLN B 769 -39.32 -15.27 49.02
C GLN B 769 -38.79 -13.99 48.39
N LEU B 770 -37.92 -13.27 49.10
CA LEU B 770 -37.32 -12.07 48.52
C LEU B 770 -36.44 -12.42 47.32
N ILE B 771 -35.64 -13.48 47.42
CA ILE B 771 -34.69 -13.81 46.36
C ILE B 771 -35.43 -14.27 45.11
N MET B 772 -36.38 -15.20 45.24
CA MET B 772 -37.19 -15.59 44.10
C MET B 772 -38.06 -14.43 43.62
N GLN B 773 -38.35 -13.49 44.51
CA GLN B 773 -39.25 -12.39 44.19
C GLN B 773 -38.60 -11.35 43.27
N CYS B 774 -37.27 -11.29 43.24
CA CYS B 774 -36.58 -10.33 42.38
C CYS B 774 -36.33 -10.94 41.00
N ARG B 775 -37.41 -11.45 40.40
CA ARG B 775 -37.35 -11.91 39.03
C ARG B 775 -37.36 -10.73 38.07
N LEU B 776 -37.03 -11.01 36.81
CA LEU B 776 -37.04 -9.98 35.79
C LEU B 776 -37.26 -10.58 34.40
N MET C 1 -23.92 17.92 53.81
CA MET C 1 -24.59 17.64 52.55
C MET C 1 -23.74 18.13 51.38
N ALA C 2 -23.80 19.44 51.11
CA ALA C 2 -23.05 20.01 50.00
C ALA C 2 -21.55 20.01 50.24
N SER C 3 -21.11 19.83 51.49
CA SER C 3 -19.70 19.67 51.74
C SER C 3 -19.13 18.58 50.86
N LEU C 4 -19.75 17.41 50.86
CA LEU C 4 -19.26 16.34 50.00
C LEU C 4 -19.38 16.70 48.53
N ILE C 5 -20.39 17.49 48.14
CA ILE C 5 -20.48 17.92 46.75
C ILE C 5 -19.22 18.65 46.33
N TYR C 6 -18.81 19.63 47.14
CA TYR C 6 -17.56 20.34 46.87
C TYR C 6 -16.37 19.39 46.91
N ARG C 7 -16.29 18.48 47.89
CA ARG C 7 -15.17 17.56 47.91
C ARG C 7 -15.08 16.77 46.61
N GLN C 8 -16.06 15.92 46.31
CA GLN C 8 -15.81 15.07 45.14
C GLN C 8 -15.85 15.83 43.82
N LEU C 9 -16.38 17.06 43.74
CA LEU C 9 -16.17 17.72 42.45
C LEU C 9 -14.77 18.32 42.39
N LEU C 10 -14.17 18.64 43.54
CA LEU C 10 -12.77 19.05 43.56
C LEU C 10 -11.83 17.89 43.28
N THR C 11 -12.09 16.72 43.86
CA THR C 11 -11.26 15.55 43.61
C THR C 11 -11.31 15.15 42.14
N ASN C 12 -12.49 15.22 41.54
CA ASN C 12 -12.61 14.96 40.10
C ASN C 12 -12.17 16.17 39.28
N SER C 13 -10.98 16.67 39.59
CA SER C 13 -10.33 17.70 38.79
C SER C 13 -9.10 17.16 38.08
N TYR C 14 -8.77 15.89 38.28
CA TYR C 14 -7.72 15.22 37.54
C TYR C 14 -8.14 14.89 36.12
N THR C 15 -9.44 15.01 35.81
CA THR C 15 -9.96 14.74 34.49
C THR C 15 -9.89 15.94 33.56
N VAL C 16 -9.55 17.12 34.06
CA VAL C 16 -9.41 18.28 33.19
C VAL C 16 -8.29 18.06 32.20
N ASP C 17 -7.30 17.25 32.55
CA ASP C 17 -6.12 17.10 31.72
C ASP C 17 -6.45 16.43 30.39
N LEU C 18 -7.23 15.35 30.44
CA LEU C 18 -7.58 14.66 29.21
C LEU C 18 -8.35 15.58 28.28
N SER C 19 -9.32 16.32 28.81
CA SER C 19 -10.08 17.27 28.00
C SER C 19 -9.17 18.34 27.42
N ASP C 20 -8.24 18.85 28.22
CA ASP C 20 -7.36 19.93 27.75
C ASP C 20 -6.47 19.43 26.61
N GLU C 21 -5.83 18.28 26.80
CA GLU C 21 -4.98 17.73 25.75
C GLU C 21 -5.75 17.39 24.49
N ILE C 22 -6.95 16.80 24.63
CA ILE C 22 -7.68 16.43 23.43
C ILE C 22 -8.18 17.67 22.70
N GLN C 23 -8.60 18.72 23.43
CA GLN C 23 -9.01 19.95 22.80
C GLN C 23 -7.85 20.63 22.09
N GLU C 24 -6.66 20.60 22.70
CA GLU C 24 -5.48 21.17 22.06
C GLU C 24 -5.13 20.40 20.80
N ILE C 25 -5.13 19.07 20.87
CA ILE C 25 -4.75 18.26 19.71
C ILE C 25 -5.80 18.27 18.62
N GLY C 26 -7.04 18.62 18.94
CA GLY C 26 -8.08 18.71 17.92
C GLY C 26 -8.13 20.02 17.17
N SER C 27 -7.29 20.99 17.52
CA SER C 27 -7.31 22.30 16.89
C SER C 27 -5.89 22.77 16.59
N THR C 28 -4.99 21.83 16.32
CA THR C 28 -3.60 22.16 16.00
C THR C 28 -3.51 22.99 14.73
N LYS C 29 -3.93 22.40 13.60
CA LYS C 29 -3.85 23.07 12.32
C LYS C 29 -4.71 22.34 11.27
N THR C 259 -40.91 31.86 31.26
CA THR C 259 -39.88 31.22 32.08
C THR C 259 -38.64 30.91 31.26
N SER C 260 -38.79 29.98 30.32
CA SER C 260 -37.69 29.52 29.49
C SER C 260 -37.14 30.66 28.60
N LEU C 261 -38.04 31.44 28.02
CA LEU C 261 -37.70 32.53 27.12
C LEU C 261 -37.00 32.02 25.87
N TRP C 262 -37.10 30.72 25.62
CA TRP C 262 -36.48 30.07 24.47
C TRP C 262 -37.38 28.93 24.04
N LYS C 263 -37.73 28.88 22.76
CA LYS C 263 -38.60 27.84 22.24
C LYS C 263 -37.95 27.12 21.07
N GLU C 264 -38.34 25.86 20.89
CA GLU C 264 -37.76 24.97 19.90
C GLU C 264 -38.73 24.75 18.75
N MET C 265 -38.18 24.41 17.59
CA MET C 265 -38.98 24.13 16.41
C MET C 265 -38.70 22.71 15.94
N GLN C 266 -39.75 21.97 15.63
CA GLN C 266 -39.59 20.69 14.95
C GLN C 266 -38.96 20.92 13.58
N TYR C 267 -38.12 19.98 13.16
CA TYR C 267 -37.50 20.09 11.84
C TYR C 267 -37.14 18.68 11.38
N ASN C 268 -37.99 18.10 10.54
CA ASN C 268 -37.79 16.76 10.00
C ASN C 268 -37.97 16.85 8.49
N ARG C 269 -36.89 17.17 7.79
CA ARG C 269 -36.88 17.30 6.34
C ARG C 269 -36.18 16.09 5.74
N ASP C 270 -36.89 15.37 4.87
CA ASP C 270 -36.27 14.24 4.19
C ASP C 270 -35.17 14.71 3.26
N ILE C 271 -34.09 13.94 3.19
CA ILE C 271 -32.89 14.35 2.50
C ILE C 271 -32.30 13.18 1.71
N THR C 272 -31.51 13.54 0.70
CA THR C 272 -30.64 12.61 -0.01
C THR C 272 -29.40 13.38 -0.42
N ILE C 273 -28.35 12.65 -0.82
CA ILE C 273 -27.04 13.26 -1.02
C ILE C 273 -26.33 12.64 -2.21
N ARG C 274 -25.56 13.46 -2.91
CA ARG C 274 -24.68 13.03 -4.00
C ARG C 274 -23.23 13.23 -3.59
N PHE C 275 -22.39 12.26 -3.95
CA PHE C 275 -20.97 12.28 -3.58
C PHE C 275 -20.10 12.48 -4.81
N LYS C 276 -18.80 12.62 -4.57
CA LYS C 276 -17.80 12.69 -5.63
C LYS C 276 -16.43 12.57 -4.99
N PHE C 277 -15.51 11.91 -5.68
CA PHE C 277 -14.16 11.71 -5.18
C PHE C 277 -13.15 12.32 -6.15
N ALA C 278 -12.02 12.75 -5.59
CA ALA C 278 -10.93 13.35 -6.36
C ALA C 278 -9.65 12.55 -6.16
N ASN C 279 -8.59 12.97 -6.85
CA ASN C 279 -7.32 12.27 -6.80
C ASN C 279 -6.20 13.22 -7.19
N THR C 280 -4.97 12.83 -6.86
CA THR C 280 -3.78 13.62 -7.17
C THR C 280 -2.65 12.67 -7.54
N ILE C 281 -2.08 12.86 -8.72
CA ILE C 281 -0.98 12.03 -9.20
C ILE C 281 0.19 12.93 -9.58
N ILE C 282 1.39 12.54 -9.15
CA ILE C 282 2.61 13.29 -9.42
C ILE C 282 3.69 12.31 -9.82
N LYS C 283 4.32 12.54 -10.97
CA LYS C 283 5.43 11.70 -11.41
C LYS C 283 6.77 12.36 -11.06
N SER C 284 7.84 11.64 -11.35
CA SER C 284 9.18 12.15 -11.15
C SER C 284 9.85 12.43 -12.49
N GLY C 285 10.62 13.51 -12.55
CA GLY C 285 11.29 13.87 -13.78
C GLY C 285 12.32 12.83 -14.19
N GLY C 286 12.51 12.72 -15.50
CA GLY C 286 13.48 11.78 -16.03
C GLY C 286 12.97 11.03 -17.25
N LEU C 287 13.02 9.70 -17.20
CA LEU C 287 12.61 8.86 -18.31
C LEU C 287 11.16 8.43 -18.23
N GLY C 288 10.40 8.96 -17.27
CA GLY C 288 9.02 8.57 -17.12
C GLY C 288 8.83 7.14 -16.66
N TYR C 289 9.65 6.68 -15.73
CA TYR C 289 9.52 5.33 -15.16
C TYR C 289 9.16 5.33 -13.70
N LYS C 290 9.55 6.36 -12.95
CA LYS C 290 9.28 6.44 -11.53
C LYS C 290 8.08 7.33 -11.26
N TRP C 291 7.19 6.87 -10.39
CA TRP C 291 6.00 7.62 -10.01
C TRP C 291 6.05 7.89 -8.51
N SER C 292 5.67 9.10 -8.12
CA SER C 292 5.92 9.56 -6.75
C SER C 292 4.76 9.29 -5.81
N GLU C 293 3.58 9.87 -6.09
CA GLU C 293 2.48 9.77 -5.14
C GLU C 293 1.14 9.66 -5.87
N ILE C 294 0.28 8.79 -5.34
CA ILE C 294 -1.13 8.72 -5.71
C ILE C 294 -1.92 8.99 -4.44
N SER C 295 -2.70 10.06 -4.44
CA SER C 295 -3.36 10.48 -3.22
C SER C 295 -4.76 10.97 -3.51
N PHE C 296 -5.62 10.89 -2.49
CA PHE C 296 -6.95 11.49 -2.55
C PHE C 296 -6.85 12.99 -2.31
N LYS C 297 -7.96 13.70 -2.52
CA LYS C 297 -7.99 15.13 -2.31
C LYS C 297 -9.44 15.55 -2.07
N PRO C 298 -9.69 16.44 -1.11
CA PRO C 298 -11.07 16.90 -0.88
C PRO C 298 -11.62 17.62 -2.09
N ALA C 299 -12.76 17.14 -2.59
CA ALA C 299 -13.43 17.73 -3.73
C ALA C 299 -14.80 18.24 -3.33
N ASN C 300 -15.41 19.02 -4.21
CA ASN C 300 -16.71 19.63 -3.94
C ASN C 300 -17.49 19.81 -5.23
N TYR C 301 -18.69 19.24 -5.29
CA TYR C 301 -19.59 19.33 -6.42
C TYR C 301 -20.94 19.89 -5.99
N GLN C 302 -21.87 19.90 -6.92
CA GLN C 302 -23.21 20.47 -6.71
C GLN C 302 -24.22 19.71 -7.54
N TYR C 303 -25.50 19.89 -7.22
CA TYR C 303 -26.59 19.29 -7.96
C TYR C 303 -27.88 19.99 -7.55
N THR C 304 -28.92 19.81 -8.35
CA THR C 304 -30.19 20.52 -8.17
C THR C 304 -31.23 19.51 -7.68
N TYR C 305 -31.85 19.81 -6.54
CA TYR C 305 -32.73 18.86 -5.88
C TYR C 305 -34.19 19.22 -6.07
N THR C 306 -35.02 18.19 -6.20
CA THR C 306 -36.47 18.34 -6.32
C THR C 306 -37.14 17.38 -5.34
N ARG C 307 -37.59 17.92 -4.20
CA ARG C 307 -38.32 17.16 -3.20
C ARG C 307 -39.53 17.95 -2.74
N ASP C 308 -40.57 17.22 -2.34
CA ASP C 308 -41.80 17.79 -1.79
C ASP C 308 -42.47 18.77 -2.74
N GLY C 309 -42.07 18.76 -4.02
CA GLY C 309 -42.59 19.71 -4.99
C GLY C 309 -41.87 21.03 -5.05
N GLU C 310 -40.64 21.10 -4.55
CA GLU C 310 -39.86 22.34 -4.54
C GLU C 310 -38.47 22.07 -5.10
N GLU C 311 -37.74 23.16 -5.33
CA GLU C 311 -36.40 23.11 -5.91
C GLU C 311 -35.41 23.70 -4.93
N VAL C 312 -34.25 23.03 -4.78
CA VAL C 312 -33.20 23.49 -3.89
C VAL C 312 -31.86 23.01 -4.43
N THR C 313 -30.84 23.85 -4.26
CA THR C 313 -29.49 23.58 -4.73
C THR C 313 -28.58 23.28 -3.56
N ALA C 314 -27.55 22.47 -3.80
CA ALA C 314 -26.72 21.96 -2.72
C ALA C 314 -25.24 22.05 -3.08
N HIS C 315 -24.41 22.36 -2.08
CA HIS C 315 -22.96 22.26 -2.18
C HIS C 315 -22.45 21.27 -1.15
N THR C 316 -21.66 20.30 -1.62
CA THR C 316 -21.17 19.22 -0.77
C THR C 316 -19.68 19.05 -0.99
N THR C 317 -18.97 18.63 0.06
CA THR C 317 -17.54 18.38 0.00
C THR C 317 -17.21 17.04 0.65
N CYS C 318 -16.13 16.43 0.19
CA CYS C 318 -15.68 15.14 0.68
C CYS C 318 -14.30 15.26 1.32
N SER C 319 -13.97 14.26 2.14
CA SER C 319 -12.65 14.18 2.76
C SER C 319 -12.45 12.75 3.26
N VAL C 320 -11.24 12.45 3.70
CA VAL C 320 -10.90 11.12 4.18
C VAL C 320 -9.75 11.24 5.17
N ASN C 321 -9.78 10.40 6.19
CA ASN C 321 -8.73 10.34 7.20
C ASN C 321 -8.41 8.89 7.52
N GLY C 322 -7.26 8.69 8.16
CA GLY C 322 -6.85 7.35 8.54
C GLY C 322 -6.64 6.41 7.38
N VAL C 323 -5.98 6.87 6.32
CA VAL C 323 -5.78 6.04 5.15
C VAL C 323 -4.54 5.17 5.31
N ASN C 324 -4.63 3.93 4.83
CA ASN C 324 -3.50 3.03 4.80
C ASN C 324 -2.60 3.35 3.62
N ASP C 325 -1.29 3.18 3.82
CA ASP C 325 -0.29 3.49 2.81
C ASP C 325 0.36 2.20 2.33
N PHE C 326 0.31 1.96 1.02
CA PHE C 326 0.96 0.84 0.37
C PHE C 326 2.01 1.35 -0.60
N SER C 327 2.97 0.49 -0.92
CA SER C 327 4.09 0.88 -1.75
C SER C 327 4.54 -0.30 -2.60
N PHE C 328 5.24 0.01 -3.68
CA PHE C 328 5.80 -1.02 -4.56
C PHE C 328 7.09 -0.51 -5.17
N ASN C 329 8.19 -1.19 -4.87
CA ASN C 329 9.48 -0.87 -5.45
C ASN C 329 9.83 -1.87 -6.54
N GLY C 330 10.29 -1.36 -7.67
CA GLY C 330 10.71 -2.21 -8.77
C GLY C 330 12.20 -2.47 -8.74
N GLY C 331 12.95 -1.58 -8.09
CA GLY C 331 14.39 -1.72 -7.99
C GLY C 331 15.06 -0.36 -7.91
N SER C 332 16.23 -0.27 -8.50
CA SER C 332 17.02 0.95 -8.45
C SER C 332 17.41 1.45 -9.83
N LEU C 333 17.69 0.56 -10.78
CA LEU C 333 18.09 0.98 -12.12
C LEU C 333 16.93 1.72 -12.79
N PRO C 334 17.24 2.71 -13.64
CA PRO C 334 16.22 3.67 -14.06
C PRO C 334 15.25 3.16 -15.12
N THR C 335 15.21 1.85 -15.36
CA THR C 335 14.32 1.30 -16.38
C THR C 335 13.27 0.37 -15.80
N ASP C 336 12.89 0.56 -14.54
CA ASP C 336 11.84 -0.25 -13.93
C ASP C 336 10.79 0.64 -13.26
N PHE C 337 9.58 0.10 -13.15
CA PHE C 337 8.45 0.84 -12.62
C PHE C 337 8.49 0.80 -11.10
N VAL C 338 8.27 1.96 -10.48
CA VAL C 338 8.22 2.07 -9.02
C VAL C 338 7.26 3.18 -8.64
N VAL C 339 6.41 2.91 -7.66
CA VAL C 339 5.51 3.90 -7.08
C VAL C 339 5.78 3.94 -5.58
N SER C 340 6.03 5.13 -5.05
CA SER C 340 6.42 5.26 -3.65
C SER C 340 5.20 5.28 -2.74
N LYS C 341 4.32 6.26 -2.91
CA LYS C 341 3.13 6.40 -2.08
C LYS C 341 1.90 5.97 -2.87
N PHE C 342 1.08 5.12 -2.26
CA PHE C 342 -0.10 4.55 -2.93
C PHE C 342 -1.13 4.26 -1.85
N GLU C 343 -2.07 5.18 -1.66
CA GLU C 343 -3.06 5.05 -0.61
C GLU C 343 -4.27 4.24 -1.06
N VAL C 344 -4.72 3.37 -0.17
CA VAL C 344 -5.90 2.52 -0.39
C VAL C 344 -6.70 2.49 0.90
N ILE C 345 -8.02 2.54 0.79
CA ILE C 345 -8.90 2.57 1.95
C ILE C 345 -9.21 1.15 2.40
N LYS C 346 -9.15 0.94 3.71
CA LYS C 346 -9.53 -0.34 4.31
C LYS C 346 -10.38 -0.04 5.54
N GLU C 347 -10.62 -1.06 6.37
CA GLU C 347 -11.56 -0.93 7.47
C GLU C 347 -10.97 -0.19 8.65
N ASN C 348 -10.35 0.96 8.40
CA ASN C 348 -9.86 1.81 9.47
C ASN C 348 -10.02 3.29 9.17
N SER C 349 -10.66 3.66 8.07
CA SER C 349 -10.72 5.05 7.62
C SER C 349 -12.14 5.58 7.78
N TYR C 350 -12.34 6.82 7.34
CA TYR C 350 -13.62 7.50 7.43
C TYR C 350 -13.79 8.41 6.22
N VAL C 351 -15.04 8.74 5.91
CA VAL C 351 -15.35 9.70 4.86
C VAL C 351 -16.33 10.73 5.42
N TYR C 352 -16.12 11.99 5.02
CA TYR C 352 -16.80 13.12 5.62
C TYR C 352 -17.59 13.88 4.56
N ILE C 353 -18.83 14.22 4.89
CA ILE C 353 -19.75 14.86 3.95
C ILE C 353 -20.44 16.03 4.65
N ASP C 354 -20.71 17.09 3.88
CA ASP C 354 -21.41 18.26 4.39
C ASP C 354 -22.47 18.69 3.38
N TYR C 355 -23.49 19.40 3.87
CA TYR C 355 -24.61 19.83 3.05
C TYR C 355 -24.59 21.34 2.87
N TRP C 356 -25.34 21.82 1.87
CA TRP C 356 -25.68 23.23 1.71
C TRP C 356 -27.10 23.31 1.16
N ASP C 357 -28.08 23.40 2.05
CA ASP C 357 -29.47 23.51 1.60
C ASP C 357 -29.83 24.99 1.48
N ASP C 358 -31.07 25.26 1.09
CA ASP C 358 -31.56 26.62 1.00
C ASP C 358 -32.85 26.86 1.79
N SER C 359 -33.50 25.81 2.27
CA SER C 359 -34.72 25.98 3.04
C SER C 359 -34.41 26.58 4.41
N GLN C 360 -35.46 27.07 5.07
CA GLN C 360 -35.30 27.71 6.36
C GLN C 360 -34.79 26.75 7.42
N ALA C 361 -34.98 25.45 7.25
CA ALA C 361 -34.38 24.49 8.16
C ALA C 361 -32.87 24.60 8.15
N PHE C 362 -32.29 24.86 6.98
CA PHE C 362 -30.85 25.01 6.86
C PHE C 362 -30.34 26.30 7.51
N ARG C 363 -31.22 27.26 7.74
CA ARG C 363 -30.83 28.54 8.33
C ARG C 363 -30.91 28.54 9.86
N ASN C 364 -31.50 27.51 10.46
CA ASN C 364 -31.71 27.45 11.90
C ASN C 364 -30.79 26.44 12.56
N VAL C 365 -29.53 26.38 12.12
CA VAL C 365 -28.62 25.33 12.56
C VAL C 365 -27.48 25.94 13.36
N VAL C 366 -27.75 27.02 14.09
CA VAL C 366 -26.73 27.66 14.90
C VAL C 366 -26.95 27.34 16.37
N TYR C 367 -28.18 26.96 16.73
CA TYR C 367 -28.54 26.60 18.10
C TYR C 367 -29.41 25.34 18.01
N VAL C 368 -28.81 24.18 18.23
CA VAL C 368 -29.49 22.90 18.09
C VAL C 368 -29.35 22.10 19.38
N ARG C 369 -30.43 21.43 19.77
CA ARG C 369 -30.42 20.57 20.95
C ARG C 369 -29.78 19.21 20.64
N SER C 370 -30.39 18.45 19.73
CA SER C 370 -29.90 17.13 19.37
C SER C 370 -30.00 16.97 17.87
N LEU C 371 -29.33 15.94 17.35
CA LEU C 371 -29.29 15.71 15.92
C LEU C 371 -29.22 14.22 15.66
N ALA C 372 -30.00 13.75 14.69
CA ALA C 372 -29.99 12.35 14.32
C ALA C 372 -30.36 12.24 12.85
N ALA C 373 -29.92 11.15 12.22
CA ALA C 373 -30.17 10.96 10.81
C ALA C 373 -30.09 9.48 10.47
N ASN C 374 -31.07 8.99 9.71
CA ASN C 374 -31.06 7.64 9.17
C ASN C 374 -30.70 7.71 7.69
N LEU C 375 -29.74 6.90 7.27
CA LEU C 375 -29.28 6.93 5.89
C LEU C 375 -29.18 5.51 5.35
N ASN C 376 -29.29 5.41 4.03
CA ASN C 376 -29.12 4.14 3.34
C ASN C 376 -27.65 3.94 2.98
N SER C 377 -27.22 2.68 3.01
CA SER C 377 -25.87 2.34 2.62
C SER C 377 -25.71 2.44 1.11
N VAL C 378 -24.48 2.62 0.67
CA VAL C 378 -24.15 2.66 -0.75
C VAL C 378 -23.11 1.59 -1.04
N MET C 379 -23.35 0.78 -2.07
CA MET C 379 -22.42 -0.25 -2.50
C MET C 379 -21.44 0.32 -3.53
N CYS C 380 -20.64 1.26 -3.07
CA CYS C 380 -19.71 1.95 -3.95
C CYS C 380 -18.63 0.99 -4.47
N THR C 381 -18.05 1.36 -5.61
CA THR C 381 -17.04 0.53 -6.25
C THR C 381 -15.91 1.44 -6.75
N GLY C 382 -14.96 0.82 -7.45
CA GLY C 382 -13.82 1.54 -7.99
C GLY C 382 -13.63 1.23 -9.48
N GLY C 383 -12.82 2.07 -10.13
CA GLY C 383 -12.62 1.96 -11.55
C GLY C 383 -11.28 1.38 -11.95
N SER C 384 -10.69 1.90 -13.01
CA SER C 384 -9.44 1.36 -13.53
C SER C 384 -8.59 2.50 -14.08
N TYR C 385 -7.29 2.44 -13.80
CA TYR C 385 -6.34 3.43 -14.29
C TYR C 385 -5.14 2.71 -14.90
N ASN C 386 -4.53 3.36 -15.89
CA ASN C 386 -3.37 2.81 -16.59
C ASN C 386 -2.29 3.88 -16.72
N PHE C 387 -1.04 3.45 -16.67
CA PHE C 387 0.09 4.36 -16.88
C PHE C 387 0.47 4.36 -18.36
N SER C 388 1.62 4.96 -18.67
CA SER C 388 2.15 4.95 -20.02
C SER C 388 3.66 4.98 -19.97
N LEU C 389 4.29 4.06 -20.68
CA LEU C 389 5.74 3.89 -20.67
C LEU C 389 6.28 3.96 -22.09
N PRO C 390 7.53 4.38 -22.26
CA PRO C 390 8.09 4.50 -23.61
C PRO C 390 8.11 3.18 -24.38
N VAL C 391 8.34 2.06 -23.71
CA VAL C 391 8.44 0.76 -24.38
C VAL C 391 7.53 -0.23 -23.67
N GLY C 392 7.04 -1.21 -24.42
CA GLY C 392 6.20 -2.24 -23.87
C GLY C 392 4.79 -1.77 -23.58
N GLN C 393 3.87 -2.72 -23.41
CA GLN C 393 2.49 -2.39 -23.09
C GLN C 393 2.39 -1.82 -21.67
N TRP C 394 1.42 -0.93 -21.50
CA TRP C 394 1.19 -0.08 -20.34
C TRP C 394 0.73 -0.91 -19.14
N PRO C 395 1.13 -0.53 -17.93
CA PRO C 395 0.60 -1.17 -16.73
C PRO C 395 -0.77 -0.62 -16.36
N VAL C 396 -1.67 -1.52 -15.99
CA VAL C 396 -3.03 -1.17 -15.65
C VAL C 396 -3.25 -1.43 -14.16
N LEU C 397 -4.23 -0.73 -13.60
CA LEU C 397 -4.61 -0.88 -12.20
C LEU C 397 -6.13 -0.78 -12.12
N THR C 398 -6.77 -1.90 -11.83
CA THR C 398 -8.22 -1.99 -11.88
C THR C 398 -8.78 -2.41 -10.53
N GLY C 399 -10.04 -2.02 -10.30
CA GLY C 399 -10.79 -2.52 -9.17
C GLY C 399 -10.75 -1.61 -7.96
N GLY C 400 -11.80 -1.70 -7.17
CA GLY C 400 -11.94 -1.00 -5.91
C GLY C 400 -13.37 -1.14 -5.42
N ALA C 401 -13.56 -1.37 -4.13
CA ALA C 401 -14.92 -1.61 -3.62
C ALA C 401 -14.93 -1.39 -2.11
N VAL C 402 -15.69 -0.39 -1.66
CA VAL C 402 -15.93 -0.15 -0.24
C VAL C 402 -17.40 0.15 -0.03
N SER C 403 -18.03 -0.59 0.89
CA SER C 403 -19.37 -0.27 1.32
C SER C 403 -19.34 0.84 2.37
N LEU C 404 -20.45 1.54 2.51
CA LEU C 404 -20.55 2.67 3.41
C LEU C 404 -21.64 2.42 4.45
N HIS C 405 -21.43 2.93 5.65
CA HIS C 405 -22.42 2.83 6.71
C HIS C 405 -22.31 4.06 7.58
N SER C 406 -23.37 4.88 7.59
CA SER C 406 -23.38 6.11 8.34
C SER C 406 -23.57 5.84 9.83
N ALA C 407 -22.72 6.46 10.65
CA ALA C 407 -22.86 6.36 12.10
C ALA C 407 -22.29 7.65 12.70
N GLY C 408 -23.17 8.61 12.98
CA GLY C 408 -22.75 9.85 13.58
C GLY C 408 -22.99 11.07 12.72
N VAL C 409 -23.57 12.11 13.31
CA VAL C 409 -23.85 13.37 12.63
C VAL C 409 -23.48 14.52 13.56
N THR C 410 -22.87 15.55 13.00
CA THR C 410 -22.45 16.70 13.79
C THR C 410 -22.45 17.95 12.91
N LEU C 411 -21.93 19.03 13.47
CA LEU C 411 -21.99 20.35 12.85
C LEU C 411 -20.60 20.85 12.51
N SER C 412 -20.52 21.69 11.47
CA SER C 412 -19.26 22.29 11.04
C SER C 412 -19.57 23.52 10.18
N THR C 413 -18.53 24.03 9.53
CA THR C 413 -18.62 25.16 8.63
C THR C 413 -18.00 24.79 7.28
N GLN C 414 -18.27 25.60 6.27
CA GLN C 414 -17.79 25.31 4.92
C GLN C 414 -17.79 26.60 4.11
N PHE C 415 -16.81 26.71 3.21
CA PHE C 415 -16.68 27.89 2.37
C PHE C 415 -15.96 27.51 1.08
N THR C 416 -16.37 28.15 -0.01
CA THR C 416 -15.69 27.96 -1.29
C THR C 416 -15.42 29.29 -1.99
N ASP C 417 -16.23 30.31 -1.70
CA ASP C 417 -16.14 31.60 -2.39
C ASP C 417 -16.32 32.74 -1.41
N PHE C 418 -15.62 32.67 -0.27
CA PHE C 418 -15.76 33.66 0.80
C PHE C 418 -17.21 33.77 1.26
N VAL C 419 -17.84 32.60 1.38
CA VAL C 419 -19.26 32.50 1.72
C VAL C 419 -19.40 31.70 3.01
N SER C 420 -18.42 31.85 3.90
CA SER C 420 -18.32 31.03 5.10
C SER C 420 -19.59 31.06 5.94
N LEU C 421 -20.27 29.92 6.01
CA LEU C 421 -21.40 29.74 6.92
C LEU C 421 -21.51 28.26 7.28
N ASN C 422 -22.17 27.94 8.39
CA ASN C 422 -22.10 26.62 8.97
C ASN C 422 -22.78 25.58 8.10
N SER C 423 -22.63 24.32 8.49
CA SER C 423 -23.25 23.18 7.82
C SER C 423 -23.21 22.00 8.80
N LEU C 424 -23.69 20.85 8.34
CA LEU C 424 -23.72 19.65 9.17
C LEU C 424 -22.88 18.56 8.54
N ARG C 425 -22.26 17.75 9.39
CA ARG C 425 -21.29 16.75 8.97
C ARG C 425 -21.86 15.35 9.08
N PHE C 426 -21.38 14.45 8.23
CA PHE C 426 -21.77 13.05 8.23
C PHE C 426 -20.53 12.18 8.20
N ARG C 427 -20.43 11.25 9.15
CA ARG C 427 -19.31 10.34 9.24
C ARG C 427 -19.79 8.91 8.97
N PHE C 428 -18.93 8.12 8.34
CA PHE C 428 -19.31 6.81 7.84
C PHE C 428 -18.29 5.76 8.25
N ARG C 429 -18.75 4.53 8.45
CA ARG C 429 -17.89 3.37 8.59
C ARG C 429 -17.87 2.57 7.29
N LEU C 430 -16.91 1.65 7.19
CA LEU C 430 -16.56 1.08 5.90
C LEU C 430 -16.64 -0.44 5.93
N ALA C 431 -16.69 -1.02 4.72
CA ALA C 431 -16.65 -2.46 4.51
C ALA C 431 -16.33 -2.69 3.03
N VAL C 432 -15.44 -3.65 2.75
CA VAL C 432 -15.01 -3.89 1.39
C VAL C 432 -15.60 -5.21 0.90
N GLU C 433 -15.63 -5.39 -0.42
CA GLU C 433 -16.28 -6.53 -1.03
C GLU C 433 -15.27 -7.45 -1.71
N GLU C 434 -15.81 -8.47 -2.39
CA GLU C 434 -15.07 -9.61 -2.94
C GLU C 434 -14.16 -9.33 -4.15
N PRO C 435 -14.45 -8.38 -5.05
CA PRO C 435 -13.64 -8.28 -6.27
C PRO C 435 -12.17 -8.05 -5.97
N HIS C 436 -11.32 -8.59 -6.84
CA HIS C 436 -9.87 -8.50 -6.69
C HIS C 436 -9.36 -7.26 -7.43
N PHE C 437 -8.48 -6.51 -6.77
CA PHE C 437 -7.97 -5.24 -7.30
C PHE C 437 -6.48 -5.40 -7.52
N LYS C 438 -6.09 -5.82 -8.72
CA LYS C 438 -4.74 -6.27 -9.01
C LYS C 438 -3.98 -5.27 -9.85
N LEU C 439 -2.68 -5.55 -10.00
CA LEU C 439 -1.78 -4.81 -10.88
C LEU C 439 -1.19 -5.78 -11.88
N THR C 440 -1.22 -5.41 -13.16
CA THR C 440 -0.79 -6.34 -14.20
C THR C 440 0.72 -6.52 -14.20
N ARG C 441 1.13 -7.73 -14.62
CA ARG C 441 2.54 -8.10 -14.81
C ARG C 441 3.42 -7.66 -13.63
N THR C 442 2.84 -7.64 -12.45
CA THR C 442 3.54 -7.24 -11.24
C THR C 442 3.33 -8.33 -10.20
N ARG C 443 4.35 -8.54 -9.36
CA ARG C 443 4.24 -9.52 -8.28
C ARG C 443 3.33 -8.92 -7.21
N LEU C 444 2.05 -8.83 -7.56
CA LEU C 444 1.04 -8.19 -6.73
C LEU C 444 -0.35 -8.61 -7.19
N ASP C 445 -1.15 -9.14 -6.28
CA ASP C 445 -2.48 -9.62 -6.62
C ASP C 445 -3.30 -9.74 -5.35
N ARG C 446 -4.63 -9.83 -5.53
CA ARG C 446 -5.56 -10.03 -4.43
C ARG C 446 -5.42 -8.91 -3.38
N LEU C 447 -5.35 -7.68 -3.88
CA LEU C 447 -5.45 -6.52 -3.00
C LEU C 447 -6.91 -6.26 -2.64
N TYR C 448 -7.16 -6.05 -1.36
CA TYR C 448 -8.49 -5.77 -0.85
C TYR C 448 -8.54 -4.34 -0.34
N GLY C 449 -9.43 -3.54 -0.92
CA GLY C 449 -9.57 -2.13 -0.56
C GLY C 449 -9.57 -1.25 -1.79
N LEU C 450 -10.33 -0.16 -1.73
CA LEU C 450 -10.47 0.72 -2.87
C LEU C 450 -9.27 1.66 -2.96
N PRO C 451 -8.54 1.66 -4.07
CA PRO C 451 -7.39 2.56 -4.20
C PRO C 451 -7.77 3.96 -4.65
N ALA C 452 -6.77 4.81 -4.88
CA ALA C 452 -7.00 6.20 -5.27
C ALA C 452 -6.85 6.42 -6.78
N ALA C 453 -6.87 5.35 -7.56
CA ALA C 453 -6.65 5.49 -9.00
C ALA C 453 -7.86 6.10 -9.70
N ASP C 454 -9.01 5.41 -9.64
CA ASP C 454 -10.22 5.90 -10.29
C ASP C 454 -11.40 5.51 -9.42
N PRO C 455 -11.77 6.35 -8.47
CA PRO C 455 -12.84 5.98 -7.52
C PRO C 455 -14.23 6.31 -8.03
N ASN C 456 -14.38 6.58 -9.32
CA ASN C 456 -15.67 7.02 -9.85
C ASN C 456 -16.18 6.22 -11.04
N ASN C 457 -15.36 5.36 -11.64
CA ASN C 457 -15.76 4.54 -12.79
C ASN C 457 -16.27 5.37 -13.95
N GLY C 458 -15.89 6.65 -14.01
CA GLY C 458 -16.42 7.51 -15.05
C GLY C 458 -17.84 7.96 -14.82
N LYS C 459 -18.38 7.75 -13.62
CA LYS C 459 -19.74 8.16 -13.32
C LYS C 459 -19.77 9.63 -12.89
N GLU C 460 -20.89 10.08 -12.37
CA GLU C 460 -21.08 11.49 -12.00
C GLU C 460 -21.18 11.70 -10.51
N TYR C 461 -22.00 10.90 -9.82
CA TYR C 461 -22.27 11.13 -8.40
C TYR C 461 -22.53 9.79 -7.73
N TYR C 462 -22.98 9.86 -6.47
CA TYR C 462 -23.35 8.69 -5.68
C TYR C 462 -24.64 8.99 -4.95
N GLU C 463 -25.72 8.30 -5.34
CA GLU C 463 -27.03 8.56 -4.76
C GLU C 463 -27.18 7.86 -3.41
N ILE C 464 -27.36 8.64 -2.36
CA ILE C 464 -27.66 8.12 -1.02
C ILE C 464 -28.81 8.93 -0.44
N ALA C 465 -29.89 8.25 -0.10
CA ALA C 465 -31.05 8.88 0.53
C ALA C 465 -31.16 8.44 1.98
N GLY C 466 -31.99 9.17 2.73
CA GLY C 466 -32.23 8.78 4.11
C GLY C 466 -33.03 9.82 4.86
N ARG C 467 -33.50 9.41 6.03
CA ARG C 467 -34.27 10.27 6.92
C ARG C 467 -33.34 11.28 7.60
N PHE C 468 -33.94 12.25 8.28
CA PHE C 468 -33.18 13.30 8.95
C PHE C 468 -34.06 13.99 9.97
N SER C 469 -33.48 14.34 11.12
CA SER C 469 -34.21 14.99 12.21
C SER C 469 -33.38 16.13 12.77
N LEU C 470 -34.07 17.12 13.35
CA LEU C 470 -33.43 18.30 13.89
C LEU C 470 -34.42 19.04 14.79
N ILE C 471 -33.95 19.44 15.97
CA ILE C 471 -34.84 19.92 17.03
C ILE C 471 -34.34 21.28 17.51
N SER C 472 -33.71 22.04 16.60
CA SER C 472 -33.09 23.31 16.97
C SER C 472 -34.10 24.28 17.57
N LEU C 473 -33.57 25.35 18.18
CA LEU C 473 -34.37 26.34 18.87
C LEU C 473 -34.05 27.73 18.36
N VAL C 474 -34.83 28.71 18.85
CA VAL C 474 -34.71 30.11 18.43
C VAL C 474 -34.77 30.99 19.67
N PRO C 475 -34.04 32.11 19.70
CA PRO C 475 -34.20 33.06 20.82
C PRO C 475 -35.50 33.85 20.69
N SER C 476 -36.61 33.23 21.04
CA SER C 476 -37.90 33.87 20.85
C SER C 476 -38.13 34.99 21.86
N ASN C 477 -39.06 35.87 21.52
CA ASN C 477 -39.36 37.04 22.34
C ASN C 477 -40.25 36.64 23.52
N ASP C 478 -40.68 37.64 24.28
CA ASP C 478 -41.56 37.39 25.42
C ASP C 478 -42.92 36.87 24.98
N ASP C 479 -43.45 37.40 23.87
CA ASP C 479 -44.80 37.07 23.45
C ASP C 479 -44.85 35.68 22.82
N TYR C 480 -46.06 35.25 22.49
CA TYR C 480 -46.29 33.95 21.88
C TYR C 480 -46.75 34.03 20.44
N GLN C 481 -47.34 35.16 20.02
CA GLN C 481 -47.86 35.25 18.66
C GLN C 481 -46.78 35.44 17.60
N THR C 482 -45.55 35.75 18.01
CA THR C 482 -44.49 36.10 17.06
C THR C 482 -43.33 35.12 17.16
N PRO C 483 -43.28 34.09 16.33
CA PRO C 483 -42.04 33.31 16.21
C PRO C 483 -41.05 34.03 15.32
N ILE C 484 -39.92 33.40 15.02
CA ILE C 484 -38.89 34.00 14.19
C ILE C 484 -38.56 33.03 13.06
N ALA C 485 -38.47 33.55 11.84
CA ALA C 485 -38.29 32.73 10.65
C ALA C 485 -36.86 32.25 10.46
N ASN C 486 -35.91 32.69 11.27
CA ASN C 486 -34.53 32.28 11.08
C ASN C 486 -33.76 32.48 12.38
N SER C 487 -32.44 32.32 12.31
CA SER C 487 -31.55 32.62 13.43
C SER C 487 -30.36 33.38 12.85
N VAL C 488 -29.94 34.45 13.54
CA VAL C 488 -29.04 35.42 12.92
C VAL C 488 -27.60 34.93 12.95
N THR C 489 -27.01 34.77 14.13
CA THR C 489 -25.58 34.48 14.22
C THR C 489 -25.22 34.10 15.65
N VAL C 490 -23.98 33.64 15.81
CA VAL C 490 -23.41 33.25 17.09
C VAL C 490 -22.16 34.10 17.27
N ARG C 491 -21.51 34.03 18.45
CA ARG C 491 -20.36 34.86 18.79
C ARG C 491 -20.81 36.33 18.90
N GLN C 492 -22.11 36.52 19.05
CA GLN C 492 -22.67 37.85 19.24
C GLN C 492 -22.11 38.46 20.52
N ASP C 493 -21.86 39.77 20.47
CA ASP C 493 -21.15 40.44 21.55
C ASP C 493 -22.07 40.76 22.72
N LEU C 494 -22.79 39.77 23.25
CA LEU C 494 -23.58 40.02 24.45
C LEU C 494 -22.66 40.11 25.67
N GLU C 495 -22.05 38.98 26.03
CA GLU C 495 -21.04 38.88 27.09
C GLU C 495 -21.32 39.86 28.22
N ARG C 496 -22.54 39.85 28.74
CA ARG C 496 -23.05 40.98 29.50
C ARG C 496 -22.19 41.23 30.72
N GLN C 497 -22.05 42.52 31.05
CA GLN C 497 -21.03 42.97 31.99
C GLN C 497 -21.23 42.31 33.36
N LEU C 498 -20.14 41.82 33.94
CA LEU C 498 -20.19 41.30 35.29
C LEU C 498 -20.45 42.43 36.28
N GLY C 499 -21.01 42.09 37.44
CA GLY C 499 -21.49 43.05 38.39
C GLY C 499 -22.94 43.45 38.18
N GLU C 500 -23.35 43.63 36.92
CA GLU C 500 -24.75 43.77 36.57
C GLU C 500 -25.46 42.42 36.50
N LEU C 501 -24.73 41.33 36.74
CA LEU C 501 -25.31 40.01 36.87
C LEU C 501 -25.20 39.51 38.30
N ARG C 502 -25.28 40.43 39.26
CA ARG C 502 -25.21 40.08 40.68
C ARG C 502 -26.37 40.61 41.50
N GLU C 503 -26.91 41.79 41.16
CA GLU C 503 -28.00 42.35 41.94
C GLU C 503 -29.27 41.51 41.82
N GLU C 504 -29.53 40.93 40.65
CA GLU C 504 -30.69 40.09 40.49
C GLU C 504 -30.60 38.84 41.36
N PHE C 505 -29.40 38.33 41.62
CA PHE C 505 -29.24 37.28 42.62
C PHE C 505 -29.60 37.79 44.01
N ASN C 506 -29.25 39.04 44.33
CA ASN C 506 -29.65 39.60 45.61
C ASN C 506 -31.16 39.65 45.73
N ALA C 507 -31.85 40.06 44.66
CA ALA C 507 -33.31 40.04 44.68
C ALA C 507 -33.85 38.63 44.86
N LEU C 508 -33.33 37.67 44.09
CA LEU C 508 -33.79 36.29 44.19
C LEU C 508 -33.63 35.76 45.61
N SER C 509 -32.51 36.09 46.26
CA SER C 509 -32.34 35.71 47.65
C SER C 509 -33.33 36.44 48.55
N GLN C 510 -33.70 37.67 48.18
CA GLN C 510 -34.68 38.41 48.97
C GLN C 510 -36.07 37.80 48.87
N GLU C 511 -36.35 37.05 47.80
CA GLU C 511 -37.61 36.31 47.72
C GLU C 511 -37.39 34.80 47.59
N ILE C 512 -36.56 34.22 48.45
CA ILE C 512 -36.16 32.82 48.25
C ILE C 512 -37.13 31.81 48.87
N ALA C 513 -37.26 31.78 50.19
CA ALA C 513 -37.98 30.68 50.82
C ALA C 513 -38.13 30.86 52.33
N MET C 514 -38.78 29.90 52.98
CA MET C 514 -38.91 29.90 54.44
C MET C 514 -38.18 28.74 55.08
N SER C 515 -38.51 27.49 54.73
CA SER C 515 -37.88 26.33 55.33
C SER C 515 -37.58 25.20 54.36
N GLN C 516 -38.14 25.22 53.15
CA GLN C 516 -37.93 24.13 52.22
C GLN C 516 -36.48 24.03 51.76
N LEU C 517 -35.74 25.14 51.83
CA LEU C 517 -34.31 25.07 51.54
C LEU C 517 -33.57 24.19 52.54
N ILE C 518 -34.05 24.14 53.79
CA ILE C 518 -33.47 23.23 54.76
C ILE C 518 -33.71 21.79 54.33
N ASP C 519 -34.93 21.48 53.87
CA ASP C 519 -35.19 20.16 53.31
C ASP C 519 -34.27 19.86 52.14
N LEU C 520 -33.98 20.87 51.31
CA LEU C 520 -33.03 20.71 50.22
C LEU C 520 -31.61 20.54 50.74
N ALA C 521 -31.31 21.03 51.93
CA ALA C 521 -29.95 21.05 52.44
C ALA C 521 -29.54 19.73 53.09
N LEU C 522 -30.23 18.65 52.76
CA LEU C 522 -29.91 17.33 53.31
C LEU C 522 -29.48 16.32 52.27
N LEU C 523 -30.14 16.28 51.11
CA LEU C 523 -29.76 15.25 50.15
C LEU C 523 -28.47 15.64 49.43
N PRO C 524 -27.47 14.77 49.43
CA PRO C 524 -26.22 15.07 48.71
C PRO C 524 -26.42 15.04 47.21
N LEU C 525 -26.41 16.20 46.57
CA LEU C 525 -26.70 16.29 45.14
C LEU C 525 -25.43 16.12 44.31
N ASP C 526 -25.24 14.91 43.80
CA ASP C 526 -24.00 14.53 43.12
C ASP C 526 -23.86 15.30 41.80
N MET C 527 -22.78 15.02 41.08
CA MET C 527 -22.46 15.76 39.87
C MET C 527 -23.56 15.62 38.82
N PHE C 528 -24.19 14.46 38.75
CA PHE C 528 -25.29 14.26 37.81
C PHE C 528 -26.49 15.12 38.16
N SER C 529 -26.84 15.18 39.45
CA SER C 529 -28.00 15.96 39.86
C SER C 529 -27.72 17.45 39.88
N MET C 530 -26.46 17.86 40.02
CA MET C 530 -26.14 19.28 39.98
C MET C 530 -26.47 19.89 38.62
N PHE C 531 -26.19 19.17 37.54
CA PHE C 531 -26.41 19.71 36.20
C PHE C 531 -27.37 18.83 35.42
N SER C 532 -28.42 18.35 36.07
CA SER C 532 -29.42 17.54 35.38
C SER C 532 -30.39 18.37 34.56
N GLY C 533 -30.79 19.54 35.06
CA GLY C 533 -31.76 20.35 34.35
C GLY C 533 -31.20 21.63 33.76
N ILE C 534 -29.97 21.56 33.24
CA ILE C 534 -29.33 22.71 32.64
C ILE C 534 -29.96 23.08 31.31
N LYS C 535 -30.27 22.08 30.48
CA LYS C 535 -30.91 22.29 29.18
C LYS C 535 -30.04 23.21 28.32
N SER C 536 -28.89 22.66 27.94
CA SER C 536 -27.92 23.36 27.12
C SER C 536 -27.78 22.68 25.75
N THR C 537 -26.81 23.14 24.96
CA THR C 537 -26.50 22.53 23.68
C THR C 537 -25.09 21.97 23.60
N ILE C 538 -24.23 22.25 24.58
CA ILE C 538 -22.85 21.76 24.61
C ILE C 538 -22.65 20.97 25.89
N ASP C 539 -22.05 19.80 25.77
CA ASP C 539 -21.88 18.87 26.89
C ASP C 539 -20.56 19.07 27.63
N ALA C 540 -19.77 20.09 27.25
CA ALA C 540 -18.50 20.36 27.91
C ALA C 540 -18.67 21.14 29.20
N ALA C 541 -19.89 21.21 29.74
CA ALA C 541 -20.12 21.94 30.98
C ALA C 541 -19.42 21.29 32.16
N LYS C 542 -19.34 19.96 32.18
CA LYS C 542 -18.68 19.27 33.28
C LYS C 542 -17.20 19.58 33.32
N SER C 543 -16.54 19.59 32.16
CA SER C 543 -15.10 19.84 32.12
C SER C 543 -14.77 21.23 32.65
N MET C 544 -15.55 22.24 32.26
CA MET C 544 -15.29 23.59 32.74
C MET C 544 -15.67 23.72 34.20
N ALA C 545 -16.78 23.09 34.61
CA ALA C 545 -17.27 23.14 35.97
C ALA C 545 -16.38 22.39 36.95
N THR C 546 -15.47 21.54 36.46
CA THR C 546 -14.40 21.03 37.30
C THR C 546 -13.08 21.77 37.11
N ASN C 547 -12.89 22.40 35.94
CA ASN C 547 -11.79 23.34 35.79
C ASN C 547 -11.90 24.49 36.76
N VAL C 548 -13.10 24.77 37.27
CA VAL C 548 -13.25 25.88 38.21
C VAL C 548 -12.60 25.55 39.56
N MET C 549 -12.79 24.34 40.09
CA MET C 549 -12.02 23.99 41.29
C MET C 549 -10.65 23.42 40.95
N LYS C 550 -10.30 23.30 39.69
CA LYS C 550 -8.88 23.31 39.35
C LYS C 550 -8.32 24.74 39.46
N LYS C 551 -9.13 25.74 39.13
CA LYS C 551 -8.68 27.12 38.91
C LYS C 551 -8.82 28.05 40.11
N PHE C 552 -9.44 27.62 41.20
CA PHE C 552 -9.31 28.41 42.42
C PHE C 552 -7.87 28.68 42.83
N LYS C 553 -6.89 28.09 42.13
CA LYS C 553 -5.53 28.60 42.21
C LYS C 553 -5.50 30.13 42.11
N LYS C 554 -6.42 30.72 41.35
CA LYS C 554 -6.54 32.16 41.27
C LYS C 554 -7.31 32.76 42.45
N SER C 555 -8.03 31.96 43.22
CA SER C 555 -8.74 32.42 44.40
C SER C 555 -8.00 31.99 45.66
N GLY C 556 -8.73 31.90 46.77
CA GLY C 556 -8.18 31.42 48.03
C GLY C 556 -8.79 30.14 48.58
N LEU C 557 -9.43 29.32 47.74
CA LEU C 557 -9.92 28.01 48.18
C LEU C 557 -8.91 26.90 47.92
N ALA C 558 -8.61 26.63 46.65
CA ALA C 558 -7.61 25.62 46.34
C ALA C 558 -6.24 26.02 46.86
N ASN C 559 -5.91 27.31 46.80
CA ASN C 559 -4.64 27.77 47.35
C ASN C 559 -4.57 27.51 48.85
N SER C 560 -5.67 27.76 49.58
CA SER C 560 -5.66 27.56 51.02
C SER C 560 -5.46 26.09 51.37
N VAL C 561 -6.19 25.18 50.71
CA VAL C 561 -6.06 23.77 51.02
C VAL C 561 -4.67 23.28 50.66
N SER C 562 -4.15 23.71 49.51
CA SER C 562 -2.80 23.29 49.14
C SER C 562 -1.77 23.78 50.15
N THR C 563 -1.84 25.05 50.53
CA THR C 563 -0.86 25.61 51.47
C THR C 563 -0.93 24.91 52.83
N LEU C 564 -2.14 24.66 53.32
CA LEU C 564 -2.24 24.11 54.67
C LEU C 564 -1.92 22.62 54.70
N THR C 565 -2.25 21.88 53.64
CA THR C 565 -1.76 20.52 53.54
C THR C 565 -0.24 20.49 53.48
N ASP C 566 0.37 21.43 52.75
CA ASP C 566 1.83 21.51 52.73
C ASP C 566 2.38 21.80 54.12
N SER C 567 1.75 22.71 54.86
CA SER C 567 2.23 23.06 56.19
C SER C 567 2.15 21.88 57.15
N LEU C 568 1.01 21.17 57.15
CA LEU C 568 0.90 19.98 57.98
C LEU C 568 1.90 18.90 57.56
N SER C 569 2.13 18.76 56.25
CA SER C 569 3.03 17.72 55.78
C SER C 569 4.46 17.99 56.20
N ASP C 570 4.96 19.20 55.93
CA ASP C 570 6.35 19.49 56.25
C ASP C 570 6.58 19.79 57.73
N ALA C 571 5.53 20.11 58.47
CA ALA C 571 5.66 20.20 59.93
C ALA C 571 5.71 18.84 60.58
N ALA C 572 5.44 17.77 59.82
CA ALA C 572 5.48 16.41 60.33
C ALA C 572 6.81 15.73 60.05
N SER C 573 7.79 16.46 59.54
CA SER C 573 9.12 15.89 59.26
C SER C 573 10.27 16.70 59.81
N SER C 574 10.07 17.98 60.15
CA SER C 574 11.17 18.84 60.59
C SER C 574 11.12 18.97 62.11
N ILE C 575 11.95 18.19 62.80
CA ILE C 575 12.16 18.38 64.24
C ILE C 575 13.32 19.32 64.51
N SER C 576 14.24 19.48 63.55
CA SER C 576 15.43 20.29 63.74
C SER C 576 15.09 21.78 63.85
N ARG C 577 14.45 22.33 62.81
CA ARG C 577 14.16 23.75 62.75
C ARG C 577 12.67 24.06 62.72
N GLY C 578 11.91 23.35 61.89
CA GLY C 578 10.50 23.68 61.71
C GLY C 578 9.66 23.49 62.95
N SER C 579 10.13 22.64 63.88
CA SER C 579 9.38 22.34 65.09
C SER C 579 9.51 23.41 66.16
N SER C 580 10.36 24.43 65.95
CA SER C 580 10.60 25.46 66.96
C SER C 580 10.40 26.87 66.47
N ILE C 581 10.08 27.08 65.19
CA ILE C 581 9.95 28.42 64.64
C ILE C 581 8.55 28.99 64.73
N ARG C 582 7.64 28.31 65.42
CA ARG C 582 6.25 28.73 65.47
C ARG C 582 5.97 29.51 66.75
N SER C 583 4.72 29.94 66.90
CA SER C 583 4.26 30.61 68.11
C SER C 583 3.85 29.55 69.13
N ILE C 584 3.18 29.95 70.20
CA ILE C 584 2.85 29.05 71.30
C ILE C 584 1.34 29.02 71.49
N GLY C 585 0.78 27.81 71.57
CA GLY C 585 -0.57 27.60 72.04
C GLY C 585 -0.53 26.86 73.35
N SER C 586 -0.76 25.56 73.30
CA SER C 586 -0.53 24.67 74.43
C SER C 586 0.57 23.66 74.16
N SER C 587 0.73 23.24 72.91
CA SER C 587 1.78 22.34 72.49
C SER C 587 2.12 22.63 71.03
N ALA C 588 3.08 21.88 70.50
CA ALA C 588 3.53 22.06 69.12
C ALA C 588 2.49 21.46 68.18
N SER C 589 1.54 22.31 67.76
CA SER C 589 0.49 21.90 66.83
C SER C 589 0.42 22.92 65.70
N ALA C 590 0.09 22.42 64.51
CA ALA C 590 0.05 23.28 63.33
C ALA C 590 -1.31 23.95 63.17
N TRP C 591 -2.37 23.30 63.67
CA TRP C 591 -3.70 23.87 63.52
C TRP C 591 -3.94 25.10 64.39
N THR C 592 -3.07 25.39 65.36
CA THR C 592 -3.28 26.51 66.27
C THR C 592 -2.22 27.59 66.10
N ASP C 593 -0.94 27.27 66.23
CA ASP C 593 0.09 28.30 66.22
C ASP C 593 0.45 28.77 64.81
N VAL C 594 0.41 27.89 63.82
CA VAL C 594 0.62 28.32 62.44
C VAL C 594 -0.46 29.30 62.01
N SER C 595 -1.63 29.26 62.65
CA SER C 595 -2.65 30.28 62.40
C SER C 595 -2.12 31.66 62.76
N THR C 596 -1.39 31.76 63.87
CA THR C 596 -0.80 33.02 64.31
C THR C 596 0.58 33.19 63.66
N GLN C 597 0.56 33.38 62.35
CA GLN C 597 1.81 33.49 61.61
C GLN C 597 2.25 34.94 61.46
N ILE C 598 1.45 35.77 60.79
CA ILE C 598 1.67 37.21 60.75
C ILE C 598 0.44 37.87 60.15
N THR C 599 0.06 39.03 60.68
CA THR C 599 -1.01 39.84 60.12
C THR C 599 -0.96 41.22 60.75
N ASP C 600 -0.90 42.26 59.92
CA ASP C 600 -0.92 43.61 60.43
C ASP C 600 -2.22 43.86 61.19
N ILE C 601 -2.10 44.47 62.36
CA ILE C 601 -3.20 44.59 63.30
C ILE C 601 -4.04 45.81 62.94
N SER C 602 -5.30 45.81 63.41
CA SER C 602 -6.23 46.90 63.13
C SER C 602 -6.02 48.06 64.10
N SER C 603 -6.95 49.02 64.08
CA SER C 603 -6.83 50.25 64.87
C SER C 603 -6.80 49.97 66.37
N SER C 604 -7.90 49.41 66.91
CA SER C 604 -7.99 49.22 68.36
C SER C 604 -8.75 47.92 68.62
N VAL C 605 -8.00 46.87 68.99
CA VAL C 605 -8.56 45.58 69.36
C VAL C 605 -7.78 45.04 70.55
N SER C 606 -8.27 43.96 71.13
CA SER C 606 -7.56 43.25 72.18
C SER C 606 -6.59 42.25 71.55
N SER C 607 -6.02 41.38 72.36
CA SER C 607 -5.09 40.37 71.86
C SER C 607 -5.78 39.06 71.51
N VAL C 608 -6.49 38.46 72.47
CA VAL C 608 -7.05 37.12 72.28
C VAL C 608 -8.00 37.08 71.08
N SER C 609 -8.63 38.21 70.77
CA SER C 609 -9.48 38.27 69.58
C SER C 609 -8.72 37.89 68.33
N THR C 610 -7.45 38.32 68.23
CA THR C 610 -6.67 38.04 67.04
C THR C 610 -6.38 36.55 66.88
N GLN C 611 -5.88 35.90 67.92
CA GLN C 611 -5.60 34.47 67.83
C GLN C 611 -6.86 33.68 67.59
N THR C 612 -7.94 34.03 68.29
CA THR C 612 -9.21 33.33 68.07
C THR C 612 -9.68 33.48 66.63
N SER C 613 -9.59 34.69 66.08
CA SER C 613 -10.00 34.91 64.70
C SER C 613 -9.16 34.08 63.74
N THR C 614 -7.84 34.07 63.93
CA THR C 614 -6.98 33.32 63.01
C THR C 614 -7.27 31.83 63.06
N ILE C 615 -7.34 31.27 64.28
CA ILE C 615 -7.56 29.83 64.39
C ILE C 615 -8.95 29.47 63.87
N SER C 616 -9.96 30.28 64.16
CA SER C 616 -11.30 30.02 63.65
C SER C 616 -11.34 30.09 62.13
N ARG C 617 -10.65 31.06 61.53
CA ARG C 617 -10.62 31.14 60.07
C ARG C 617 -9.98 29.90 59.47
N ARG C 618 -8.86 29.44 60.03
CA ARG C 618 -8.19 28.29 59.45
C ARG C 618 -9.03 27.02 59.59
N LEU C 619 -9.52 26.75 60.80
CA LEU C 619 -10.32 25.54 60.99
C LEU C 619 -11.67 25.64 60.29
N ARG C 620 -12.12 26.86 60.01
CA ARG C 620 -13.25 27.07 59.12
C ARG C 620 -12.93 26.60 57.71
N LEU C 621 -11.90 27.19 57.11
CA LEU C 621 -11.52 26.80 55.75
C LEU C 621 -11.22 25.31 55.63
N LYS C 622 -10.78 24.65 56.69
CA LYS C 622 -10.39 23.25 56.57
C LYS C 622 -11.48 22.28 57.03
N GLU C 623 -11.84 22.32 58.32
CA GLU C 623 -12.65 21.27 58.91
C GLU C 623 -13.99 21.11 58.20
N MET C 624 -14.44 22.15 57.52
CA MET C 624 -15.60 22.07 56.63
C MET C 624 -15.41 21.10 55.48
N ALA C 625 -14.20 21.05 54.90
CA ALA C 625 -13.96 20.28 53.70
C ALA C 625 -13.40 18.89 53.99
N THR C 626 -13.34 18.48 55.24
CA THR C 626 -12.84 17.15 55.58
C THR C 626 -13.91 16.26 56.20
N GLN C 627 -14.52 16.68 57.31
CA GLN C 627 -15.63 15.97 57.93
C GLN C 627 -16.11 16.79 59.13
N THR C 628 -17.33 16.52 59.58
CA THR C 628 -17.85 17.14 60.79
C THR C 628 -19.15 16.42 61.18
N GLU C 629 -19.73 16.85 62.30
CA GLU C 629 -21.06 16.40 62.72
C GLU C 629 -21.96 17.62 62.83
N GLY C 630 -23.24 17.42 62.54
CA GLY C 630 -24.20 18.50 62.50
C GLY C 630 -24.24 19.14 61.13
N MET C 631 -25.37 19.78 60.83
CA MET C 631 -25.57 20.37 59.52
C MET C 631 -24.63 21.54 59.33
N ASN C 632 -24.02 21.63 58.15
CA ASN C 632 -22.91 22.54 57.92
C ASN C 632 -23.34 23.65 56.97
N PHE C 633 -22.54 24.72 56.94
CA PHE C 633 -22.88 25.93 56.20
C PHE C 633 -22.77 25.79 54.69
N ASP C 634 -21.86 24.96 54.18
CA ASP C 634 -21.83 24.79 52.73
C ASP C 634 -23.07 24.07 52.22
N ASP C 635 -23.78 23.33 53.07
CA ASP C 635 -25.05 22.75 52.64
C ASP C 635 -26.03 23.84 52.23
N ILE C 636 -26.26 24.82 53.11
CA ILE C 636 -27.15 25.93 52.78
C ILE C 636 -26.54 26.80 51.68
N SER C 637 -25.22 26.86 51.59
CA SER C 637 -24.58 27.60 50.51
C SER C 637 -24.97 27.02 49.15
N ALA C 638 -24.78 25.72 48.96
CA ALA C 638 -25.19 25.13 47.69
C ALA C 638 -26.71 25.10 47.56
N ALA C 639 -27.44 25.14 48.67
CA ALA C 639 -28.89 25.27 48.59
C ALA C 639 -29.27 26.57 47.89
N VAL C 640 -28.70 27.68 48.34
CA VAL C 640 -29.00 28.95 47.67
C VAL C 640 -28.43 28.95 46.26
N LEU C 641 -27.29 28.27 46.04
CA LEU C 641 -26.78 28.12 44.68
C LEU C 641 -27.83 27.50 43.75
N LYS C 642 -28.39 26.37 44.16
CA LYS C 642 -29.39 25.71 43.32
C LYS C 642 -30.65 26.54 43.17
N THR C 643 -31.11 27.19 44.24
CA THR C 643 -32.30 28.03 44.13
C THR C 643 -32.07 29.18 43.15
N LYS C 644 -30.84 29.68 43.06
CA LYS C 644 -30.55 30.71 42.07
C LYS C 644 -30.46 30.12 40.67
N ILE C 645 -29.81 28.97 40.52
CA ILE C 645 -29.57 28.41 39.20
C ILE C 645 -30.88 27.99 38.54
N ASP C 646 -31.72 27.26 39.27
CA ASP C 646 -32.98 26.82 38.67
C ASP C 646 -33.97 27.96 38.48
N LYS C 647 -33.82 29.04 39.24
CA LYS C 647 -34.69 30.21 39.15
C LYS C 647 -33.87 31.43 38.70
N SER C 648 -33.04 31.24 37.68
CA SER C 648 -32.16 32.30 37.21
C SER C 648 -32.83 33.13 36.13
N THR C 649 -33.29 32.47 35.06
CA THR C 649 -34.04 33.03 33.93
C THR C 649 -33.18 33.85 32.98
N GLN C 650 -31.92 34.13 33.34
CA GLN C 650 -30.95 34.60 32.35
C GLN C 650 -29.55 34.19 32.81
N ILE C 651 -29.11 33.02 32.34
CA ILE C 651 -27.76 32.50 32.55
C ILE C 651 -27.39 31.65 31.35
N SER C 652 -26.24 31.95 30.76
CA SER C 652 -25.66 31.17 29.69
C SER C 652 -24.87 30.00 30.26
N PRO C 653 -24.62 28.97 29.46
CA PRO C 653 -23.79 27.86 29.97
C PRO C 653 -22.36 28.26 30.27
N ASN C 654 -21.91 29.43 29.80
CA ASN C 654 -20.54 29.88 30.00
C ASN C 654 -20.43 31.06 30.96
N THR C 655 -21.35 31.18 31.92
CA THR C 655 -21.22 32.18 32.97
C THR C 655 -21.33 31.52 34.34
N ILE C 656 -21.81 30.29 34.39
CA ILE C 656 -21.79 29.50 35.62
C ILE C 656 -20.36 29.21 36.09
N PRO C 657 -19.33 29.02 35.19
CA PRO C 657 -18.00 28.69 35.71
C PRO C 657 -17.30 29.85 36.39
N ASP C 658 -18.01 30.94 36.61
CA ASP C 658 -17.51 32.00 37.46
C ASP C 658 -18.43 32.26 38.64
N ILE C 659 -19.75 32.12 38.44
CA ILE C 659 -20.69 32.22 39.54
C ILE C 659 -20.45 31.14 40.57
N VAL C 660 -20.16 29.90 40.15
CA VAL C 660 -19.90 28.86 41.13
C VAL C 660 -18.68 29.21 41.97
N THR C 661 -17.61 29.71 41.34
CA THR C 661 -16.41 30.08 42.08
C THR C 661 -16.68 31.19 43.07
N GLU C 662 -17.31 32.27 42.60
CA GLU C 662 -17.57 33.40 43.49
C GLU C 662 -18.47 32.97 44.65
N ALA C 663 -19.54 32.25 44.36
CA ALA C 663 -20.46 31.83 45.41
C ALA C 663 -19.77 30.90 46.41
N SER C 664 -18.88 30.02 45.93
CA SER C 664 -18.12 29.19 46.85
C SER C 664 -17.20 30.05 47.72
N GLU C 665 -16.74 31.18 47.19
CA GLU C 665 -15.81 31.98 48.00
C GLU C 665 -16.54 33.16 48.66
N LYS C 666 -17.26 33.96 47.88
CA LYS C 666 -17.82 35.22 48.37
C LYS C 666 -18.95 35.03 49.38
N PHE C 667 -19.61 33.88 49.40
CA PHE C 667 -20.66 33.64 50.37
C PHE C 667 -20.01 33.43 51.74
N ILE C 668 -20.81 33.05 52.73
CA ILE C 668 -20.32 32.69 54.07
C ILE C 668 -19.21 33.61 54.55
N PRO C 669 -19.52 34.86 54.87
CA PRO C 669 -18.46 35.83 55.23
C PRO C 669 -17.87 35.60 56.62
N ASN C 670 -18.70 35.34 57.62
CA ASN C 670 -18.21 35.21 58.99
C ASN C 670 -19.20 34.34 59.78
N ARG C 671 -18.74 33.17 60.21
CA ARG C 671 -19.56 32.26 61.00
C ARG C 671 -18.75 31.75 62.19
N ALA C 672 -19.44 31.53 63.30
CA ALA C 672 -18.85 31.06 64.53
C ALA C 672 -18.93 29.55 64.63
N TYR C 673 -18.13 28.98 65.53
CA TYR C 673 -17.98 27.54 65.67
C TYR C 673 -18.01 27.15 67.13
N ARG C 674 -18.46 25.92 67.39
CA ARG C 674 -18.67 25.42 68.74
C ARG C 674 -18.13 24.00 68.86
N VAL C 675 -17.70 23.64 70.07
CA VAL C 675 -17.35 22.26 70.41
C VAL C 675 -17.81 21.97 71.83
N ILE C 676 -18.24 20.74 72.08
CA ILE C 676 -18.69 20.29 73.38
C ILE C 676 -17.51 19.64 74.11
N ASN C 677 -17.47 19.79 75.44
CA ASN C 677 -16.46 19.12 76.25
C ASN C 677 -17.04 18.91 77.66
N ASN C 678 -17.53 17.70 77.92
CA ASN C 678 -17.98 17.22 79.23
C ASN C 678 -18.68 18.30 80.07
N ASP C 679 -19.76 18.86 79.54
CA ASP C 679 -20.64 19.86 80.13
C ASP C 679 -19.99 21.26 80.03
N ASP C 680 -18.83 21.38 79.40
CA ASP C 680 -18.20 22.67 79.20
C ASP C 680 -18.11 22.97 77.71
N VAL C 681 -18.67 24.10 77.30
CA VAL C 681 -18.82 24.44 75.89
C VAL C 681 -18.52 25.92 75.69
N PHE C 682 -17.89 26.24 74.57
CA PHE C 682 -17.48 27.60 74.26
C PHE C 682 -17.66 27.81 72.76
N GLU C 683 -17.44 29.03 72.30
CA GLU C 683 -17.54 29.29 70.87
C GLU C 683 -16.73 30.52 70.49
N ALA C 684 -16.41 30.60 69.21
CA ALA C 684 -15.71 31.74 68.63
C ALA C 684 -15.94 31.73 67.13
N GLY C 685 -15.72 32.89 66.50
CA GLY C 685 -15.88 33.01 65.07
C GLY C 685 -14.94 34.06 64.51
N ILE C 686 -14.97 34.20 63.18
CA ILE C 686 -14.12 35.18 62.51
C ILE C 686 -14.88 36.50 62.49
N ASP C 687 -14.94 37.12 63.67
CA ASP C 687 -15.34 38.51 63.80
C ASP C 687 -14.55 39.17 64.94
N GLY C 688 -13.73 38.37 65.61
CA GLY C 688 -13.09 38.81 66.83
C GLY C 688 -13.93 38.65 68.09
N LYS C 689 -15.01 37.88 68.02
CA LYS C 689 -15.89 37.65 69.15
C LYS C 689 -15.80 36.20 69.61
N PHE C 690 -16.09 35.98 70.88
CA PHE C 690 -15.90 34.68 71.52
C PHE C 690 -16.54 34.71 72.90
N PHE C 691 -17.13 33.59 73.30
CA PHE C 691 -17.70 33.44 74.63
C PHE C 691 -17.55 31.99 75.08
N ALA C 692 -17.97 31.75 76.32
CA ALA C 692 -17.92 30.42 76.92
C ALA C 692 -19.06 30.32 77.92
N TYR C 693 -19.67 29.14 78.02
CA TYR C 693 -20.89 28.99 78.79
C TYR C 693 -21.10 27.52 79.13
N LYS C 694 -22.04 27.27 80.05
CA LYS C 694 -22.31 25.93 80.51
C LYS C 694 -23.38 25.27 79.65
N VAL C 695 -23.50 23.95 79.78
CA VAL C 695 -24.50 23.23 78.99
C VAL C 695 -25.87 23.33 79.64
N ASP C 696 -26.01 22.80 80.85
CA ASP C 696 -27.32 22.75 81.49
C ASP C 696 -27.62 24.01 82.30
N THR C 697 -27.32 25.17 81.70
CA THR C 697 -27.65 26.50 82.16
C THR C 697 -26.96 27.41 81.15
N PHE C 698 -27.17 28.73 81.26
CA PHE C 698 -26.55 29.65 80.31
C PHE C 698 -26.06 30.90 81.04
N GLU C 699 -24.78 30.92 81.39
CA GLU C 699 -24.08 32.13 81.81
C GLU C 699 -22.66 32.09 81.27
N GLU C 700 -22.06 33.27 81.12
CA GLU C 700 -20.71 33.38 80.62
C GLU C 700 -19.70 33.02 81.71
N ILE C 701 -18.62 32.36 81.32
CA ILE C 701 -17.49 32.09 82.21
C ILE C 701 -16.27 32.73 81.56
N PRO C 702 -15.28 33.20 82.32
CA PRO C 702 -14.10 33.82 81.69
C PRO C 702 -13.38 32.87 80.74
N PHE C 703 -12.82 33.46 79.69
CA PHE C 703 -12.25 32.73 78.57
C PHE C 703 -10.77 32.43 78.79
N ASP C 704 -10.34 31.28 78.26
CA ASP C 704 -8.94 30.87 78.23
C ASP C 704 -8.62 30.41 76.82
N VAL C 705 -7.35 30.25 76.51
CA VAL C 705 -6.97 30.01 75.11
C VAL C 705 -6.39 28.62 74.88
N GLN C 706 -5.30 28.26 75.57
CA GLN C 706 -4.47 27.14 75.12
C GLN C 706 -5.18 25.79 75.22
N LYS C 707 -5.84 25.51 76.36
CA LYS C 707 -6.56 24.25 76.46
C LYS C 707 -7.71 24.19 75.46
N PHE C 708 -8.35 25.32 75.22
CA PHE C 708 -9.44 25.34 74.26
C PHE C 708 -8.91 25.12 72.84
N ALA C 709 -7.76 25.71 72.52
CA ALA C 709 -7.15 25.50 71.22
C ALA C 709 -6.77 24.04 71.01
N ASP C 710 -6.10 23.43 71.98
CA ASP C 710 -5.64 22.07 71.75
C ASP C 710 -6.75 21.04 71.94
N LEU C 711 -7.90 21.46 72.48
CA LEU C 711 -9.04 20.57 72.43
C LEU C 711 -9.85 20.71 71.14
N VAL C 712 -9.83 21.88 70.49
CA VAL C 712 -10.43 21.97 69.17
C VAL C 712 -9.50 21.45 68.08
N THR C 713 -8.22 21.24 68.39
CA THR C 713 -7.31 20.67 67.41
C THR C 713 -7.72 19.25 67.01
N ASP C 714 -8.07 18.42 68.00
CA ASP C 714 -8.29 17.00 67.74
C ASP C 714 -9.71 16.60 68.12
N SER C 715 -10.69 17.39 67.70
CA SER C 715 -12.09 17.07 67.93
C SER C 715 -12.92 17.49 66.73
N PRO C 716 -13.97 16.76 66.39
CA PRO C 716 -14.95 17.28 65.44
C PRO C 716 -15.61 18.53 65.99
N VAL C 717 -15.83 19.51 65.14
CA VAL C 717 -16.37 20.78 65.58
C VAL C 717 -17.82 20.89 65.14
N ILE C 718 -18.58 21.70 65.87
CA ILE C 718 -19.98 21.97 65.55
C ILE C 718 -20.04 23.34 64.91
N SER C 719 -20.45 23.39 63.65
CA SER C 719 -20.64 24.65 62.95
C SER C 719 -21.81 25.39 63.59
N ALA C 720 -21.51 26.51 64.25
CA ALA C 720 -22.55 27.19 65.02
C ALA C 720 -23.53 27.89 64.10
N ILE C 721 -24.56 27.15 63.66
CA ILE C 721 -25.63 27.74 62.88
C ILE C 721 -26.36 28.80 63.70
N ILE C 722 -26.65 28.48 64.95
CA ILE C 722 -27.28 29.40 65.88
C ILE C 722 -26.22 29.90 66.85
N ASP C 723 -26.04 31.22 66.88
CA ASP C 723 -24.99 31.82 67.71
C ASP C 723 -25.48 31.91 69.15
N PHE C 724 -24.61 32.43 70.03
CA PHE C 724 -24.89 32.44 71.47
C PHE C 724 -25.98 33.42 71.86
N LYS C 725 -26.00 34.61 71.29
CA LYS C 725 -26.99 35.61 71.70
C LYS C 725 -28.41 35.14 71.37
N THR C 726 -28.60 34.52 70.19
CA THR C 726 -29.91 34.01 69.84
C THR C 726 -30.33 32.88 70.78
N LEU C 727 -29.40 32.00 71.15
CA LEU C 727 -29.72 30.96 72.12
C LEU C 727 -30.16 31.56 73.45
N LYS C 728 -29.42 32.57 73.94
CA LYS C 728 -29.78 33.20 75.20
C LYS C 728 -31.16 33.84 75.11
N ASN C 729 -31.43 34.58 74.04
CA ASN C 729 -32.71 35.25 73.90
C ASN C 729 -33.85 34.24 73.81
N LEU C 730 -33.67 33.18 73.01
CA LEU C 730 -34.71 32.17 72.87
C LEU C 730 -34.99 31.45 74.18
N ASN C 731 -33.94 31.12 74.95
CA ASN C 731 -34.17 30.52 76.24
C ASN C 731 -34.90 31.49 77.17
N ASP C 732 -34.52 32.76 77.16
CA ASP C 732 -35.14 33.73 78.06
C ASP C 732 -36.61 33.93 77.75
N ASN C 733 -36.97 34.01 76.47
CA ASN C 733 -38.34 34.39 76.12
C ASN C 733 -39.29 33.21 76.07
N TYR C 734 -39.01 32.23 75.21
CA TYR C 734 -39.97 31.15 74.96
C TYR C 734 -39.66 29.87 75.72
N GLY C 735 -38.57 29.83 76.49
CA GLY C 735 -38.20 28.64 77.20
C GLY C 735 -37.76 27.51 76.28
N ILE C 736 -37.22 26.46 76.89
CA ILE C 736 -36.72 25.32 76.13
C ILE C 736 -36.62 24.13 77.07
N THR C 737 -36.86 22.94 76.55
CA THR C 737 -36.68 21.71 77.30
C THR C 737 -35.24 21.24 77.16
N LYS C 738 -34.91 20.14 77.85
CA LYS C 738 -33.55 19.62 77.80
C LYS C 738 -33.22 18.98 76.46
N GLN C 739 -34.11 18.11 75.96
CA GLN C 739 -33.83 17.41 74.71
C GLN C 739 -33.66 18.39 73.56
N GLN C 740 -34.48 19.44 73.54
CA GLN C 740 -34.32 20.50 72.55
C GLN C 740 -32.96 21.17 72.69
N ALA C 741 -32.51 21.43 73.92
CA ALA C 741 -31.20 22.04 74.11
C ALA C 741 -30.09 21.14 73.55
N PHE C 742 -30.12 19.85 73.88
CA PHE C 742 -29.09 18.94 73.39
C PHE C 742 -29.09 18.88 71.87
N ASN C 743 -30.24 18.64 71.25
CA ASN C 743 -30.23 18.45 69.80
C ASN C 743 -30.16 19.78 69.04
N LEU C 744 -30.25 20.91 69.75
CA LEU C 744 -30.05 22.20 69.08
C LEU C 744 -28.60 22.63 69.15
N LEU C 745 -27.95 22.41 70.30
CA LEU C 745 -26.55 22.80 70.44
C LEU C 745 -25.63 21.99 69.52
N ARG C 746 -26.08 20.84 69.03
CA ARG C 746 -25.26 19.99 68.19
C ARG C 746 -25.65 20.06 66.71
N SER C 747 -26.34 21.13 66.31
CA SER C 747 -26.63 21.39 64.90
C SER C 747 -27.42 20.27 64.24
N ASP C 748 -28.43 19.77 64.94
CA ASP C 748 -29.31 18.79 64.31
C ASP C 748 -30.40 19.52 63.52
N PRO C 749 -30.47 19.34 62.20
CA PRO C 749 -31.52 20.02 61.43
C PRO C 749 -32.93 19.59 61.80
N ARG C 750 -33.09 18.43 62.45
CA ARG C 750 -34.41 17.96 62.83
C ARG C 750 -35.14 19.00 63.69
N VAL C 751 -34.58 19.30 64.86
CA VAL C 751 -35.20 20.26 65.75
C VAL C 751 -35.25 21.64 65.12
N LEU C 752 -34.26 22.01 64.31
CA LEU C 752 -34.27 23.32 63.66
C LEU C 752 -35.50 23.49 62.78
N ARG C 753 -35.74 22.54 61.87
CA ARG C 753 -36.92 22.65 61.02
C ARG C 753 -38.20 22.49 61.81
N GLU C 754 -38.26 21.54 62.76
CA GLU C 754 -39.48 21.37 63.54
C GLU C 754 -39.80 22.62 64.34
N PHE C 755 -38.79 23.42 64.67
CA PHE C 755 -39.02 24.59 65.50
C PHE C 755 -39.39 25.80 64.65
N ILE C 756 -38.69 25.99 63.52
CA ILE C 756 -39.00 27.11 62.64
C ILE C 756 -40.28 26.90 61.85
N ASN C 757 -40.77 25.67 61.74
CA ASN C 757 -41.97 25.42 60.94
C ASN C 757 -43.23 25.89 61.65
N GLN C 758 -43.33 25.65 62.96
CA GLN C 758 -44.61 25.79 63.65
C GLN C 758 -45.05 27.25 63.76
N ASP C 759 -44.19 28.13 64.26
CA ASP C 759 -44.59 29.49 64.57
C ASP C 759 -43.55 30.57 64.28
N ASN C 760 -42.40 30.23 63.74
CA ASN C 760 -41.39 31.19 63.29
C ASN C 760 -40.99 32.21 64.36
N PRO C 761 -40.29 31.80 65.41
CA PRO C 761 -39.78 32.76 66.40
C PRO C 761 -38.52 33.47 65.93
N ILE C 762 -37.87 34.21 66.84
CA ILE C 762 -36.77 35.09 66.51
C ILE C 762 -35.66 34.41 65.71
N ILE C 763 -35.42 33.12 65.94
CA ILE C 763 -34.36 32.49 65.17
C ILE C 763 -34.79 32.26 63.72
N ARG C 764 -36.09 32.35 63.43
CA ARG C 764 -36.49 32.47 62.03
C ARG C 764 -35.94 33.77 61.43
N ASN C 765 -35.98 34.85 62.19
CA ASN C 765 -35.33 36.09 61.76
C ASN C 765 -33.82 35.88 61.62
N ARG C 766 -33.21 35.15 62.56
CA ARG C 766 -31.77 34.92 62.48
C ARG C 766 -31.40 34.16 61.21
N ILE C 767 -32.13 33.09 60.91
CA ILE C 767 -31.83 32.31 59.71
C ILE C 767 -32.18 33.07 58.44
N GLU C 768 -33.21 33.93 58.48
CA GLU C 768 -33.53 34.73 57.30
C GLU C 768 -32.45 35.77 57.05
N GLN C 769 -31.89 36.35 58.11
CA GLN C 769 -30.71 37.19 58.00
C GLN C 769 -29.52 36.43 57.46
N LEU C 770 -29.30 35.22 57.95
CA LEU C 770 -28.16 34.42 57.53
C LEU C 770 -28.24 34.05 56.05
N ILE C 771 -29.44 33.69 55.58
CA ILE C 771 -29.60 33.44 54.15
C ILE C 771 -29.62 34.74 53.36
N MET C 772 -30.00 35.86 53.99
CA MET C 772 -29.81 37.17 53.39
C MET C 772 -28.32 37.50 53.31
N GLN C 773 -27.54 37.08 54.31
CA GLN C 773 -26.12 37.39 54.37
C GLN C 773 -25.34 36.89 53.16
N CYS C 774 -25.73 35.77 52.57
CA CYS C 774 -24.97 35.26 51.44
C CYS C 774 -25.25 36.13 50.21
N ARG C 775 -24.44 37.17 50.04
CA ARG C 775 -24.66 38.23 49.05
C ARG C 775 -24.23 37.82 47.65
N LEU C 776 -22.98 37.40 47.49
CA LEU C 776 -22.47 37.02 46.19
C LEU C 776 -21.56 35.80 46.27
#